data_1RBF
# 
_entry.id   1RBF 
# 
_audit_conform.dict_name       mmcif_pdbx.dic 
_audit_conform.dict_version    5.397 
_audit_conform.dict_location   http://mmcif.pdb.org/dictionaries/ascii/mmcif_pdbx.dic 
# 
loop_
_database_2.database_id 
_database_2.database_code 
_database_2.pdbx_database_accession 
_database_2.pdbx_DOI 
PDB   1RBF         pdb_00001rbf 10.2210/pdb1rbf/pdb 
WWPDB D_1000175992 ?            ?                   
# 
loop_
_pdbx_audit_revision_history.ordinal 
_pdbx_audit_revision_history.data_content_type 
_pdbx_audit_revision_history.major_revision 
_pdbx_audit_revision_history.minor_revision 
_pdbx_audit_revision_history.revision_date 
1 'Structure model' 1 0 1993-10-31 
2 'Structure model' 1 1 2008-03-03 
3 'Structure model' 1 2 2011-07-13 
4 'Structure model' 1 3 2017-11-29 
5 'Structure model' 1 4 2024-10-09 
# 
_pdbx_audit_revision_details.ordinal             1 
_pdbx_audit_revision_details.revision_ordinal    1 
_pdbx_audit_revision_details.data_content_type   'Structure model' 
_pdbx_audit_revision_details.provider            repository 
_pdbx_audit_revision_details.type                'Initial release' 
_pdbx_audit_revision_details.description         ? 
_pdbx_audit_revision_details.details             ? 
# 
loop_
_pdbx_audit_revision_group.ordinal 
_pdbx_audit_revision_group.revision_ordinal 
_pdbx_audit_revision_group.data_content_type 
_pdbx_audit_revision_group.group 
1 2 'Structure model' 'Version format compliance' 
2 3 'Structure model' 'Version format compliance' 
3 4 'Structure model' 'Derived calculations'      
4 4 'Structure model' Other                       
5 5 'Structure model' 'Data collection'           
6 5 'Structure model' 'Database references'       
7 5 'Structure model' 'Derived calculations'      
8 5 'Structure model' 'Structure summary'         
# 
loop_
_pdbx_audit_revision_category.ordinal 
_pdbx_audit_revision_category.revision_ordinal 
_pdbx_audit_revision_category.data_content_type 
_pdbx_audit_revision_category.category 
1  4 'Structure model' pdbx_database_status      
2  4 'Structure model' struct_conf               
3  4 'Structure model' struct_conf_type          
4  5 'Structure model' chem_comp_atom            
5  5 'Structure model' chem_comp_bond            
6  5 'Structure model' database_2                
7  5 'Structure model' pdbx_entry_details        
8  5 'Structure model' pdbx_modification_feature 
9  5 'Structure model' struct_conn               
10 5 'Structure model' struct_site               
# 
loop_
_pdbx_audit_revision_item.ordinal 
_pdbx_audit_revision_item.revision_ordinal 
_pdbx_audit_revision_item.data_content_type 
_pdbx_audit_revision_item.item 
1 4 'Structure model' '_pdbx_database_status.process_site'  
2 5 'Structure model' '_database_2.pdbx_DOI'                
3 5 'Structure model' '_database_2.pdbx_database_accession' 
4 5 'Structure model' '_struct_conn.pdbx_leaving_atom_flag' 
5 5 'Structure model' '_struct_site.pdbx_auth_asym_id'      
6 5 'Structure model' '_struct_site.pdbx_auth_comp_id'      
7 5 'Structure model' '_struct_site.pdbx_auth_seq_id'       
# 
_pdbx_database_status.status_code                     REL 
_pdbx_database_status.entry_id                        1RBF 
_pdbx_database_status.recvd_initial_deposition_date   1992-06-12 
_pdbx_database_status.deposit_site                    ? 
_pdbx_database_status.process_site                    BNL 
_pdbx_database_status.status_code_sf                  REL 
_pdbx_database_status.status_code_mr                  ? 
_pdbx_database_status.SG_entry                        ? 
_pdbx_database_status.pdb_format_compatible           Y 
_pdbx_database_status.status_code_cs                  ? 
_pdbx_database_status.methods_development_category    ? 
_pdbx_database_status.status_code_nmr_data            ? 
# 
_pdbx_database_related.db_name        PDB 
_pdbx_database_related.db_id          1RNS 
_pdbx_database_related.content_type   unspecified 
_pdbx_database_related.details        'WILD TYPE COMPLEX (S15_475, WITH A METHIONINE RESIDUE IN POSITION 13)' 
# 
loop_
_audit_author.name 
_audit_author.pdbx_ordinal 
'Varadarajan, R.' 1 
'Richards, F.M.'  2 
# 
loop_
_citation.id 
_citation.title 
_citation.journal_abbrev 
_citation.journal_volume 
_citation.page_first 
_citation.page_last 
_citation.year 
_citation.journal_id_ASTM 
_citation.country 
_citation.journal_id_ISSN 
_citation.journal_id_CSD 
_citation.book_publisher 
_citation.pdbx_database_id_PubMed 
_citation.pdbx_database_id_DOI 
primary 'Crystallographic structures of ribonuclease S variants with nonpolar substitution at position 13: packing and cavities.'  
Biochemistry 31 12315 12327 1992 BICHAW US 0006-2960 0033 ? 1463720 10.1021/bi00164a005 
1       'Refinement of the Crystal Structure of Ribonuclease S. Comparison with and between the Various Ribonuclease A Structures' 
Biochemistry 31 12304 ?     1992 BICHAW US 0006-2960 0033 ? ?       ?                   
# 
loop_
_citation_author.citation_id 
_citation_author.name 
_citation_author.ordinal 
_citation_author.identifier_ORCID 
primary 'Varadarajan, R.' 1 ? 
primary 'Richards, F.M.'  2 ? 
1       'Kim, E.E.'       3 ? 
1       'Varadarajan, R.' 4 ? 
1       'Wyckoff, H.W.'   5 ? 
1       'Richards, F.M.'  6 ? 
# 
loop_
_entity.id 
_entity.type 
_entity.src_method 
_entity.pdbx_description 
_entity.formula_weight 
_entity.pdbx_number_of_molecules 
_entity.pdbx_ec 
_entity.pdbx_mutation 
_entity.pdbx_fragment 
_entity.details 
1 polymer     man 'RIBONUCLEASE S (S-PEPTIDE)' 1676.808  1  ?        ? ? ? 
2 polymer     man 'RIBONUCLEASE S (S-PROTEIN)' 11555.981 1  3.1.27.5 ? ? ? 
3 non-polymer syn 'SULFATE ION'                96.063    1  ?        ? ? ? 
4 water       nat water                        18.015    62 ?        ? ? ? 
# 
loop_
_entity_poly.entity_id 
_entity_poly.type 
_entity_poly.nstd_linkage 
_entity_poly.nstd_monomer 
_entity_poly.pdbx_seq_one_letter_code 
_entity_poly.pdbx_seq_one_letter_code_can 
_entity_poly.pdbx_strand_id 
_entity_poly.pdbx_target_identifier 
1 'polypeptide(L)' no yes 'KETAAAKFERQHGDS(NH2)' KETAAAKFERQHGDSX S ? 
2 'polypeptide(L)' no no  
;SSSNYCNQMMKSRNLTKDRCKPVNTFVHESLADVQAVCSQKNVACKNGQTNCYQSYSTMSITDCRETGSSKYPNCAYKTT
QANKHIIVACEGNPYVPVHFDASV
;
;SSSNYCNQMMKSRNLTKDRCKPVNTFVHESLADVQAVCSQKNVACKNGQTNCYQSYSTMSITDCRETGSSKYPNCAYKTT
QANKHIIVACEGNPYVPVHFDASV
;
A ? 
# 
loop_
_pdbx_entity_nonpoly.entity_id 
_pdbx_entity_nonpoly.name 
_pdbx_entity_nonpoly.comp_id 
3 'SULFATE ION' SO4 
4 water         HOH 
# 
loop_
_entity_poly_seq.entity_id 
_entity_poly_seq.num 
_entity_poly_seq.mon_id 
_entity_poly_seq.hetero 
1 1   LYS n 
1 2   GLU n 
1 3   THR n 
1 4   ALA n 
1 5   ALA n 
1 6   ALA n 
1 7   LYS n 
1 8   PHE n 
1 9   GLU n 
1 10  ARG n 
1 11  GLN n 
1 12  HIS n 
1 13  GLY n 
1 14  ASP n 
1 15  SER n 
1 16  NH2 n 
2 1   SER n 
2 2   SER n 
2 3   SER n 
2 4   ASN n 
2 5   TYR n 
2 6   CYS n 
2 7   ASN n 
2 8   GLN n 
2 9   MET n 
2 10  MET n 
2 11  LYS n 
2 12  SER n 
2 13  ARG n 
2 14  ASN n 
2 15  LEU n 
2 16  THR n 
2 17  LYS n 
2 18  ASP n 
2 19  ARG n 
2 20  CYS n 
2 21  LYS n 
2 22  PRO n 
2 23  VAL n 
2 24  ASN n 
2 25  THR n 
2 26  PHE n 
2 27  VAL n 
2 28  HIS n 
2 29  GLU n 
2 30  SER n 
2 31  LEU n 
2 32  ALA n 
2 33  ASP n 
2 34  VAL n 
2 35  GLN n 
2 36  ALA n 
2 37  VAL n 
2 38  CYS n 
2 39  SER n 
2 40  GLN n 
2 41  LYS n 
2 42  ASN n 
2 43  VAL n 
2 44  ALA n 
2 45  CYS n 
2 46  LYS n 
2 47  ASN n 
2 48  GLY n 
2 49  GLN n 
2 50  THR n 
2 51  ASN n 
2 52  CYS n 
2 53  TYR n 
2 54  GLN n 
2 55  SER n 
2 56  TYR n 
2 57  SER n 
2 58  THR n 
2 59  MET n 
2 60  SER n 
2 61  ILE n 
2 62  THR n 
2 63  ASP n 
2 64  CYS n 
2 65  ARG n 
2 66  GLU n 
2 67  THR n 
2 68  GLY n 
2 69  SER n 
2 70  SER n 
2 71  LYS n 
2 72  TYR n 
2 73  PRO n 
2 74  ASN n 
2 75  CYS n 
2 76  ALA n 
2 77  TYR n 
2 78  LYS n 
2 79  THR n 
2 80  THR n 
2 81  GLN n 
2 82  ALA n 
2 83  ASN n 
2 84  LYS n 
2 85  HIS n 
2 86  ILE n 
2 87  ILE n 
2 88  VAL n 
2 89  ALA n 
2 90  CYS n 
2 91  GLU n 
2 92  GLY n 
2 93  ASN n 
2 94  PRO n 
2 95  TYR n 
2 96  VAL n 
2 97  PRO n 
2 98  VAL n 
2 99  HIS n 
2 100 PHE n 
2 101 ASP n 
2 102 ALA n 
2 103 SER n 
2 104 VAL n 
# 
loop_
_entity_src_gen.entity_id 
_entity_src_gen.pdbx_src_id 
_entity_src_gen.pdbx_alt_source_flag 
_entity_src_gen.pdbx_seq_type 
_entity_src_gen.pdbx_beg_seq_num 
_entity_src_gen.pdbx_end_seq_num 
_entity_src_gen.gene_src_common_name 
_entity_src_gen.gene_src_genus 
_entity_src_gen.pdbx_gene_src_gene 
_entity_src_gen.gene_src_species 
_entity_src_gen.gene_src_strain 
_entity_src_gen.gene_src_tissue 
_entity_src_gen.gene_src_tissue_fraction 
_entity_src_gen.gene_src_details 
_entity_src_gen.pdbx_gene_src_fragment 
_entity_src_gen.pdbx_gene_src_scientific_name 
_entity_src_gen.pdbx_gene_src_ncbi_taxonomy_id 
_entity_src_gen.pdbx_gene_src_variant 
_entity_src_gen.pdbx_gene_src_cell_line 
_entity_src_gen.pdbx_gene_src_atcc 
_entity_src_gen.pdbx_gene_src_organ 
_entity_src_gen.pdbx_gene_src_organelle 
_entity_src_gen.pdbx_gene_src_cell 
_entity_src_gen.pdbx_gene_src_cellular_location 
_entity_src_gen.host_org_common_name 
_entity_src_gen.pdbx_host_org_scientific_name 
_entity_src_gen.pdbx_host_org_ncbi_taxonomy_id 
_entity_src_gen.host_org_genus 
_entity_src_gen.pdbx_host_org_gene 
_entity_src_gen.pdbx_host_org_organ 
_entity_src_gen.host_org_species 
_entity_src_gen.pdbx_host_org_tissue 
_entity_src_gen.pdbx_host_org_tissue_fraction 
_entity_src_gen.pdbx_host_org_strain 
_entity_src_gen.pdbx_host_org_variant 
_entity_src_gen.pdbx_host_org_cell_line 
_entity_src_gen.pdbx_host_org_atcc 
_entity_src_gen.pdbx_host_org_culture_collection 
_entity_src_gen.pdbx_host_org_cell 
_entity_src_gen.pdbx_host_org_organelle 
_entity_src_gen.pdbx_host_org_cellular_location 
_entity_src_gen.pdbx_host_org_vector_type 
_entity_src_gen.pdbx_host_org_vector 
_entity_src_gen.host_org_details 
_entity_src_gen.expression_system_id 
_entity_src_gen.plasmid_name 
_entity_src_gen.plasmid_details 
_entity_src_gen.pdbx_description 
1 1 sample ? ? ? cattle Bos ? ? ? ? ? ? ? 'Bos taurus' 9913 ? ? ? ?        ? ? ? ? ? ? ? ? ? ? ? ? ? ? ? ? ? ? ? ? ? ? ? ? ? ? ? 
2 1 sample ? ? ? cattle Bos ? ? ? ? ? ? ? 'Bos taurus' 9913 ? ? ? PANCREAS ? ? ? ? ? ? ? ? ? ? ? ? ? ? ? ? ? ? ? ? ? ? ? ? ? ? ? 
# 
loop_
_chem_comp.id 
_chem_comp.type 
_chem_comp.mon_nstd_flag 
_chem_comp.name 
_chem_comp.pdbx_synonyms 
_chem_comp.formula 
_chem_comp.formula_weight 
ALA 'L-peptide linking' y ALANINE         ? 'C3 H7 N O2'     89.093  
ARG 'L-peptide linking' y ARGININE        ? 'C6 H15 N4 O2 1' 175.209 
ASN 'L-peptide linking' y ASPARAGINE      ? 'C4 H8 N2 O3'    132.118 
ASP 'L-peptide linking' y 'ASPARTIC ACID' ? 'C4 H7 N O4'     133.103 
CYS 'L-peptide linking' y CYSTEINE        ? 'C3 H7 N O2 S'   121.158 
GLN 'L-peptide linking' y GLUTAMINE       ? 'C5 H10 N2 O3'   146.144 
GLU 'L-peptide linking' y 'GLUTAMIC ACID' ? 'C5 H9 N O4'     147.129 
GLY 'peptide linking'   y GLYCINE         ? 'C2 H5 N O2'     75.067  
HIS 'L-peptide linking' y HISTIDINE       ? 'C6 H10 N3 O2 1' 156.162 
HOH non-polymer         . WATER           ? 'H2 O'           18.015  
ILE 'L-peptide linking' y ISOLEUCINE      ? 'C6 H13 N O2'    131.173 
LEU 'L-peptide linking' y LEUCINE         ? 'C6 H13 N O2'    131.173 
LYS 'L-peptide linking' y LYSINE          ? 'C6 H15 N2 O2 1' 147.195 
MET 'L-peptide linking' y METHIONINE      ? 'C5 H11 N O2 S'  149.211 
NH2 non-polymer         . 'AMINO GROUP'   ? 'H2 N'           16.023  
PHE 'L-peptide linking' y PHENYLALANINE   ? 'C9 H11 N O2'    165.189 
PRO 'L-peptide linking' y PROLINE         ? 'C5 H9 N O2'     115.130 
SER 'L-peptide linking' y SERINE          ? 'C3 H7 N O3'     105.093 
SO4 non-polymer         . 'SULFATE ION'   ? 'O4 S -2'        96.063  
THR 'L-peptide linking' y THREONINE       ? 'C4 H9 N O3'     119.119 
TYR 'L-peptide linking' y TYROSINE        ? 'C9 H11 N O3'    181.189 
VAL 'L-peptide linking' y VALINE          ? 'C5 H11 N O2'    117.146 
# 
loop_
_pdbx_poly_seq_scheme.asym_id 
_pdbx_poly_seq_scheme.entity_id 
_pdbx_poly_seq_scheme.seq_id 
_pdbx_poly_seq_scheme.mon_id 
_pdbx_poly_seq_scheme.ndb_seq_num 
_pdbx_poly_seq_scheme.pdb_seq_num 
_pdbx_poly_seq_scheme.auth_seq_num 
_pdbx_poly_seq_scheme.pdb_mon_id 
_pdbx_poly_seq_scheme.auth_mon_id 
_pdbx_poly_seq_scheme.pdb_strand_id 
_pdbx_poly_seq_scheme.pdb_ins_code 
_pdbx_poly_seq_scheme.hetero 
A 1 1   LYS 1   1   1   LYS LYS S . n 
A 1 2   GLU 2   2   2   GLU GLU S . n 
A 1 3   THR 3   3   3   THR THR S . n 
A 1 4   ALA 4   4   4   ALA ALA S . n 
A 1 5   ALA 5   5   5   ALA ALA S . n 
A 1 6   ALA 6   6   6   ALA ALA S . n 
A 1 7   LYS 7   7   7   LYS LYS S . n 
A 1 8   PHE 8   8   8   PHE PHE S . n 
A 1 9   GLU 9   9   9   GLU GLU S . n 
A 1 10  ARG 10  10  10  ARG ARG S . n 
A 1 11  GLN 11  11  11  GLN GLN S . n 
A 1 12  HIS 12  12  12  HIS HIS S . n 
A 1 13  GLY 13  13  13  GLY GLY S . n 
A 1 14  ASP 14  14  14  ASP ASP S . n 
A 1 15  SER 15  15  15  SER SER S . n 
A 1 16  NH2 16  16  16  NH2 NH2 S . n 
B 2 1   SER 1   21  21  SER SER A . n 
B 2 2   SER 2   22  22  SER SER A . n 
B 2 3   SER 3   23  23  SER SER A . n 
B 2 4   ASN 4   24  24  ASN ASN A . n 
B 2 5   TYR 5   25  25  TYR TYR A . n 
B 2 6   CYS 6   26  26  CYS CYS A . n 
B 2 7   ASN 7   27  27  ASN ASN A . n 
B 2 8   GLN 8   28  28  GLN GLN A . n 
B 2 9   MET 9   29  29  MET MET A . n 
B 2 10  MET 10  30  30  MET MET A . n 
B 2 11  LYS 11  31  31  LYS LYS A . n 
B 2 12  SER 12  32  32  SER SER A . n 
B 2 13  ARG 13  33  33  ARG ARG A . n 
B 2 14  ASN 14  34  34  ASN ASN A . n 
B 2 15  LEU 15  35  35  LEU LEU A . n 
B 2 16  THR 16  36  36  THR THR A . n 
B 2 17  LYS 17  37  37  LYS LYS A . n 
B 2 18  ASP 18  38  38  ASP ASP A . n 
B 2 19  ARG 19  39  39  ARG ARG A . n 
B 2 20  CYS 20  40  40  CYS CYS A . n 
B 2 21  LYS 21  41  41  LYS LYS A . n 
B 2 22  PRO 22  42  42  PRO PRO A . n 
B 2 23  VAL 23  43  43  VAL VAL A . n 
B 2 24  ASN 24  44  44  ASN ASN A . n 
B 2 25  THR 25  45  45  THR THR A . n 
B 2 26  PHE 26  46  46  PHE PHE A . n 
B 2 27  VAL 27  47  47  VAL VAL A . n 
B 2 28  HIS 28  48  48  HIS HIS A . n 
B 2 29  GLU 29  49  49  GLU GLU A . n 
B 2 30  SER 30  50  50  SER SER A . n 
B 2 31  LEU 31  51  51  LEU LEU A . n 
B 2 32  ALA 32  52  52  ALA ALA A . n 
B 2 33  ASP 33  53  53  ASP ASP A . n 
B 2 34  VAL 34  54  54  VAL VAL A . n 
B 2 35  GLN 35  55  55  GLN GLN A . n 
B 2 36  ALA 36  56  56  ALA ALA A . n 
B 2 37  VAL 37  57  57  VAL VAL A . n 
B 2 38  CYS 38  58  58  CYS CYS A . n 
B 2 39  SER 39  59  59  SER SER A . n 
B 2 40  GLN 40  60  60  GLN GLN A . n 
B 2 41  LYS 41  61  61  LYS LYS A . n 
B 2 42  ASN 42  62  62  ASN ASN A . n 
B 2 43  VAL 43  63  63  VAL VAL A . n 
B 2 44  ALA 44  64  64  ALA ALA A . n 
B 2 45  CYS 45  65  65  CYS CYS A . n 
B 2 46  LYS 46  66  66  LYS LYS A . n 
B 2 47  ASN 47  67  67  ASN ASN A . n 
B 2 48  GLY 48  68  68  GLY GLY A . n 
B 2 49  GLN 49  69  69  GLN GLN A . n 
B 2 50  THR 50  70  70  THR THR A . n 
B 2 51  ASN 51  71  71  ASN ASN A . n 
B 2 52  CYS 52  72  72  CYS CYS A . n 
B 2 53  TYR 53  73  73  TYR TYR A . n 
B 2 54  GLN 54  74  74  GLN GLN A . n 
B 2 55  SER 55  75  75  SER SER A . n 
B 2 56  TYR 56  76  76  TYR TYR A . n 
B 2 57  SER 57  77  77  SER SER A . n 
B 2 58  THR 58  78  78  THR THR A . n 
B 2 59  MET 59  79  79  MET MET A . n 
B 2 60  SER 60  80  80  SER SER A . n 
B 2 61  ILE 61  81  81  ILE ILE A . n 
B 2 62  THR 62  82  82  THR THR A . n 
B 2 63  ASP 63  83  83  ASP ASP A . n 
B 2 64  CYS 64  84  84  CYS CYS A . n 
B 2 65  ARG 65  85  85  ARG ARG A . n 
B 2 66  GLU 66  86  86  GLU GLU A . n 
B 2 67  THR 67  87  87  THR THR A . n 
B 2 68  GLY 68  88  88  GLY GLY A . n 
B 2 69  SER 69  89  89  SER SER A . n 
B 2 70  SER 70  90  90  SER SER A . n 
B 2 71  LYS 71  91  91  LYS LYS A . n 
B 2 72  TYR 72  92  92  TYR TYR A . n 
B 2 73  PRO 73  93  93  PRO PRO A . n 
B 2 74  ASN 74  94  94  ASN ASN A . n 
B 2 75  CYS 75  95  95  CYS CYS A . n 
B 2 76  ALA 76  96  96  ALA ALA A . n 
B 2 77  TYR 77  97  97  TYR TYR A . n 
B 2 78  LYS 78  98  98  LYS LYS A . n 
B 2 79  THR 79  99  99  THR THR A . n 
B 2 80  THR 80  100 100 THR THR A . n 
B 2 81  GLN 81  101 101 GLN GLN A . n 
B 2 82  ALA 82  102 102 ALA ALA A . n 
B 2 83  ASN 83  103 103 ASN ASN A . n 
B 2 84  LYS 84  104 104 LYS LYS A . n 
B 2 85  HIS 85  105 105 HIS HIS A . n 
B 2 86  ILE 86  106 106 ILE ILE A . n 
B 2 87  ILE 87  107 107 ILE ILE A . n 
B 2 88  VAL 88  108 108 VAL VAL A . n 
B 2 89  ALA 89  109 109 ALA ALA A . n 
B 2 90  CYS 90  110 110 CYS CYS A . n 
B 2 91  GLU 91  111 111 GLU GLU A . n 
B 2 92  GLY 92  112 112 GLY GLY A . n 
B 2 93  ASN 93  113 113 ASN ASN A . n 
B 2 94  PRO 94  114 114 PRO PRO A . n 
B 2 95  TYR 95  115 115 TYR TYR A . n 
B 2 96  VAL 96  116 116 VAL VAL A . n 
B 2 97  PRO 97  117 117 PRO PRO A . n 
B 2 98  VAL 98  118 118 VAL VAL A . n 
B 2 99  HIS 99  119 119 HIS HIS A . n 
B 2 100 PHE 100 120 120 PHE PHE A . n 
B 2 101 ASP 101 121 121 ASP ASP A . n 
B 2 102 ALA 102 122 122 ALA ALA A . n 
B 2 103 SER 103 123 123 SER SER A . n 
B 2 104 VAL 104 124 124 VAL VAL A . n 
# 
loop_
_pdbx_nonpoly_scheme.asym_id 
_pdbx_nonpoly_scheme.entity_id 
_pdbx_nonpoly_scheme.mon_id 
_pdbx_nonpoly_scheme.ndb_seq_num 
_pdbx_nonpoly_scheme.pdb_seq_num 
_pdbx_nonpoly_scheme.auth_seq_num 
_pdbx_nonpoly_scheme.pdb_mon_id 
_pdbx_nonpoly_scheme.auth_mon_id 
_pdbx_nonpoly_scheme.pdb_strand_id 
_pdbx_nonpoly_scheme.pdb_ins_code 
C 3 SO4 1  125 125 SO4 SO4 A . 
D 4 HOH 1  202 202 HOH HOH S . 
D 4 HOH 2  216 216 HOH HOH S . 
D 4 HOH 3  219 219 HOH HOH S . 
D 4 HOH 4  224 224 HOH HOH S . 
D 4 HOH 5  225 225 HOH HOH S . 
D 4 HOH 6  230 230 HOH HOH S . 
D 4 HOH 7  233 233 HOH HOH S . 
D 4 HOH 8  237 237 HOH HOH S . 
D 4 HOH 9  265 265 HOH HOH S . 
D 4 HOH 10 275 275 HOH HOH S . 
D 4 HOH 11 302 302 HOH HOH S . 
D 4 HOH 12 316 316 HOH HOH S . 
D 4 HOH 13 605 605 HOH HOH S . 
E 4 HOH 1  201 201 HOH HOH A . 
E 4 HOH 2  203 203 HOH HOH A . 
E 4 HOH 3  204 204 HOH HOH A . 
E 4 HOH 4  205 205 HOH HOH A . 
E 4 HOH 5  207 207 HOH HOH A . 
E 4 HOH 6  208 208 HOH HOH A . 
E 4 HOH 7  209 209 HOH HOH A . 
E 4 HOH 8  210 210 HOH HOH A . 
E 4 HOH 9  211 211 HOH HOH A . 
E 4 HOH 10 212 212 HOH HOH A . 
E 4 HOH 11 213 213 HOH HOH A . 
E 4 HOH 12 214 214 HOH HOH A . 
E 4 HOH 13 215 215 HOH HOH A . 
E 4 HOH 14 217 217 HOH HOH A . 
E 4 HOH 15 218 218 HOH HOH A . 
E 4 HOH 16 221 221 HOH HOH A . 
E 4 HOH 17 222 222 HOH HOH A . 
E 4 HOH 18 223 223 HOH HOH A . 
E 4 HOH 19 226 226 HOH HOH A . 
E 4 HOH 20 227 227 HOH HOH A . 
E 4 HOH 21 228 228 HOH HOH A . 
E 4 HOH 22 231 231 HOH HOH A . 
E 4 HOH 23 235 235 HOH HOH A . 
E 4 HOH 24 236 236 HOH HOH A . 
E 4 HOH 25 249 249 HOH HOH A . 
E 4 HOH 26 250 250 HOH HOH A . 
E 4 HOH 27 251 251 HOH HOH A . 
E 4 HOH 28 255 255 HOH HOH A . 
E 4 HOH 29 256 256 HOH HOH A . 
E 4 HOH 30 257 257 HOH HOH A . 
E 4 HOH 31 259 259 HOH HOH A . 
E 4 HOH 32 263 263 HOH HOH A . 
E 4 HOH 33 264 264 HOH HOH A . 
E 4 HOH 34 266 266 HOH HOH A . 
E 4 HOH 35 267 267 HOH HOH A . 
E 4 HOH 36 269 269 HOH HOH A . 
E 4 HOH 37 270 270 HOH HOH A . 
E 4 HOH 38 272 272 HOH HOH A . 
E 4 HOH 39 276 276 HOH HOH A . 
E 4 HOH 40 301 301 HOH HOH A . 
E 4 HOH 41 308 308 HOH HOH A . 
E 4 HOH 42 334 334 HOH HOH A . 
E 4 HOH 43 337 337 HOH HOH A . 
E 4 HOH 44 340 340 HOH HOH A . 
E 4 HOH 45 404 404 HOH HOH A . 
E 4 HOH 46 504 504 HOH HOH A . 
E 4 HOH 47 506 506 HOH HOH A . 
E 4 HOH 48 512 512 HOH HOH A . 
E 4 HOH 49 603 603 HOH HOH A . 
# 
loop_
_software.name 
_software.classification 
_software.version 
_software.citation_id 
_software.pdbx_ordinal 
X-PLOR 'model building' . ? 1 
X-PLOR refinement       . ? 2 
X-PLOR phasing          . ? 3 
# 
_cell.entry_id           1RBF 
_cell.length_a           44.450 
_cell.length_b           44.450 
_cell.length_c           97.280 
_cell.angle_alpha        90.00 
_cell.angle_beta         90.00 
_cell.angle_gamma        120.00 
_cell.Z_PDB              6 
_cell.pdbx_unique_axis   ? 
# 
_symmetry.entry_id                         1RBF 
_symmetry.space_group_name_H-M             'P 31 2 1' 
_symmetry.pdbx_full_space_group_name_H-M   ? 
_symmetry.cell_setting                     ? 
_symmetry.Int_Tables_number                152 
# 
_exptl.entry_id          1RBF 
_exptl.method            'X-RAY DIFFRACTION' 
_exptl.crystals_number   ? 
# 
_exptl_crystal.id                    1 
_exptl_crystal.density_meas          ? 
_exptl_crystal.density_Matthews      2.10 
_exptl_crystal.density_percent_sol   41.31 
_exptl_crystal.description           ? 
# 
_refine.entry_id                                 1RBF 
_refine.ls_number_reflns_obs                     ? 
_refine.ls_number_reflns_all                     ? 
_refine.pdbx_ls_sigma_I                          ? 
_refine.pdbx_ls_sigma_F                          ? 
_refine.pdbx_data_cutoff_high_absF               ? 
_refine.pdbx_data_cutoff_low_absF                ? 
_refine.pdbx_data_cutoff_high_rms_absF           ? 
_refine.ls_d_res_low                             ? 
_refine.ls_d_res_high                            1.8 
_refine.ls_percent_reflns_obs                    ? 
_refine.ls_R_factor_obs                          0.194 
_refine.ls_R_factor_all                          ? 
_refine.ls_R_factor_R_work                       0.194 
_refine.ls_R_factor_R_free                       ? 
_refine.ls_R_factor_R_free_error                 ? 
_refine.ls_R_factor_R_free_error_details         ? 
_refine.ls_percent_reflns_R_free                 ? 
_refine.ls_number_reflns_R_free                  ? 
_refine.ls_number_parameters                     ? 
_refine.ls_number_restraints                     ? 
_refine.occupancy_min                            ? 
_refine.occupancy_max                            ? 
_refine.B_iso_mean                               ? 
_refine.aniso_B[1][1]                            ? 
_refine.aniso_B[2][2]                            ? 
_refine.aniso_B[3][3]                            ? 
_refine.aniso_B[1][2]                            ? 
_refine.aniso_B[1][3]                            ? 
_refine.aniso_B[2][3]                            ? 
_refine.solvent_model_details                    ? 
_refine.solvent_model_param_ksol                 ? 
_refine.solvent_model_param_bsol                 ? 
_refine.pdbx_ls_cross_valid_method               ? 
_refine.details                                  ? 
_refine.pdbx_starting_model                      ? 
_refine.pdbx_method_to_determine_struct          ? 
_refine.pdbx_isotropic_thermal_model             ? 
_refine.pdbx_stereochemistry_target_values       ? 
_refine.pdbx_stereochem_target_val_spec_case     ? 
_refine.pdbx_R_Free_selection_details            ? 
_refine.pdbx_overall_ESU_R                       ? 
_refine.pdbx_overall_ESU_R_Free                  ? 
_refine.overall_SU_ML                            ? 
_refine.overall_SU_B                             ? 
_refine.pdbx_refine_id                           'X-RAY DIFFRACTION' 
_refine.pdbx_diffrn_id                           1 
_refine.pdbx_TLS_residual_ADP_flag               ? 
_refine.correlation_coeff_Fo_to_Fc               ? 
_refine.correlation_coeff_Fo_to_Fc_free          ? 
_refine.pdbx_solvent_vdw_probe_radii             ? 
_refine.pdbx_solvent_ion_probe_radii             ? 
_refine.pdbx_solvent_shrinkage_radii             ? 
_refine.pdbx_overall_phase_error                 ? 
_refine.overall_SU_R_Cruickshank_DPI             ? 
_refine.pdbx_overall_SU_R_free_Cruickshank_DPI   ? 
_refine.pdbx_overall_SU_R_Blow_DPI               ? 
_refine.pdbx_overall_SU_R_free_Blow_DPI          ? 
# 
_refine_hist.pdbx_refine_id                   'X-RAY DIFFRACTION' 
_refine_hist.cycle_id                         LAST 
_refine_hist.pdbx_number_atoms_protein        959 
_refine_hist.pdbx_number_atoms_nucleic_acid   0 
_refine_hist.pdbx_number_atoms_ligand         5 
_refine_hist.number_atoms_solvent             62 
_refine_hist.number_atoms_total               1026 
_refine_hist.d_res_high                       1.8 
_refine_hist.d_res_low                        . 
# 
loop_
_refine_ls_restr.type 
_refine_ls_restr.dev_ideal 
_refine_ls_restr.dev_ideal_target 
_refine_ls_restr.weight 
_refine_ls_restr.number 
_refine_ls_restr.pdbx_refine_id 
_refine_ls_restr.pdbx_restraint_function 
x_bond_d                0.013 ? ? ? 'X-RAY DIFFRACTION' ? 
x_bond_d_na             ?     ? ? ? 'X-RAY DIFFRACTION' ? 
x_bond_d_prot           ?     ? ? ? 'X-RAY DIFFRACTION' ? 
x_angle_d               ?     ? ? ? 'X-RAY DIFFRACTION' ? 
x_angle_d_na            ?     ? ? ? 'X-RAY DIFFRACTION' ? 
x_angle_d_prot          ?     ? ? ? 'X-RAY DIFFRACTION' ? 
x_angle_deg             2.86  ? ? ? 'X-RAY DIFFRACTION' ? 
x_angle_deg_na          ?     ? ? ? 'X-RAY DIFFRACTION' ? 
x_angle_deg_prot        ?     ? ? ? 'X-RAY DIFFRACTION' ? 
x_dihedral_angle_d      ?     ? ? ? 'X-RAY DIFFRACTION' ? 
x_dihedral_angle_d_na   ?     ? ? ? 'X-RAY DIFFRACTION' ? 
x_dihedral_angle_d_prot ?     ? ? ? 'X-RAY DIFFRACTION' ? 
x_improper_angle_d      ?     ? ? ? 'X-RAY DIFFRACTION' ? 
x_improper_angle_d_na   ?     ? ? ? 'X-RAY DIFFRACTION' ? 
x_improper_angle_d_prot ?     ? ? ? 'X-RAY DIFFRACTION' ? 
x_mcbond_it             ?     ? ? ? 'X-RAY DIFFRACTION' ? 
x_mcangle_it            ?     ? ? ? 'X-RAY DIFFRACTION' ? 
x_scbond_it             ?     ? ? ? 'X-RAY DIFFRACTION' ? 
x_scangle_it            ?     ? ? ? 'X-RAY DIFFRACTION' ? 
# 
_struct.entry_id                  1RBF 
_struct.title                     
'CRYSTALLOGRAPHIC STRUCTURES OF RIBONUCLEASE S VARIANTS WITH NONPOLAR SUBSTITUTION AT POSITION 13: PACKING AND CAVITIES' 
_struct.pdbx_model_details        ? 
_struct.pdbx_CASP_flag            ? 
_struct.pdbx_model_type_details   ? 
# 
_struct_keywords.entry_id        1RBF 
_struct_keywords.pdbx_keywords   'HYDROLASE(PHOSPHORIC DIESTER,RNA)' 
_struct_keywords.text            'HYDROLASE(PHOSPHORIC DIESTER, RNA)' 
# 
loop_
_struct_asym.id 
_struct_asym.pdbx_blank_PDB_chainid_flag 
_struct_asym.pdbx_modified 
_struct_asym.entity_id 
_struct_asym.details 
A N N 1 ? 
B N N 2 ? 
C N N 3 ? 
D N N 4 ? 
E N N 4 ? 
# 
loop_
_struct_ref.id 
_struct_ref.db_name 
_struct_ref.db_code 
_struct_ref.pdbx_db_accession 
_struct_ref.entity_id 
_struct_ref.pdbx_align_begin 
_struct_ref.pdbx_db_isoform 
_struct_ref.pdbx_seq_one_letter_code 
1 UNP RNAS1_BOVIN P61823 1 27 ? ? 
2 UNP RNAS1_BOVIN P61823 2 47 ? ? 
# 
loop_
_struct_ref_seq.align_id 
_struct_ref_seq.ref_id 
_struct_ref_seq.pdbx_PDB_id_code 
_struct_ref_seq.pdbx_strand_id 
_struct_ref_seq.seq_align_beg 
_struct_ref_seq.pdbx_seq_align_beg_ins_code 
_struct_ref_seq.seq_align_end 
_struct_ref_seq.pdbx_seq_align_end_ins_code 
_struct_ref_seq.pdbx_db_accession 
_struct_ref_seq.db_align_beg 
_struct_ref_seq.pdbx_db_align_beg_ins_code 
_struct_ref_seq.db_align_end 
_struct_ref_seq.pdbx_db_align_end_ins_code 
_struct_ref_seq.pdbx_auth_seq_align_beg 
_struct_ref_seq.pdbx_auth_seq_align_end 
1 1 1RBF S 1 ? 15  ? P61823 27 ? 41  ? 1  15  
2 2 1RBF A 1 ? 104 ? P61823 47 ? 150 ? 21 124 
# 
_pdbx_struct_assembly.id                   1 
_pdbx_struct_assembly.details              author_and_software_defined_assembly 
_pdbx_struct_assembly.method_details       PISA 
_pdbx_struct_assembly.oligomeric_details   dimeric 
_pdbx_struct_assembly.oligomeric_count     2 
# 
loop_
_pdbx_struct_assembly_prop.biol_id 
_pdbx_struct_assembly_prop.type 
_pdbx_struct_assembly_prop.value 
_pdbx_struct_assembly_prop.details 
1 'ABSA (A^2)' 1690 ? 
1 MORE         -21  ? 
1 'SSA (A^2)'  6490 ? 
# 
_pdbx_struct_assembly_gen.assembly_id       1 
_pdbx_struct_assembly_gen.oper_expression   1 
_pdbx_struct_assembly_gen.asym_id_list      A,B,C,D,E 
# 
_pdbx_struct_oper_list.id                   1 
_pdbx_struct_oper_list.type                 'identity operation' 
_pdbx_struct_oper_list.name                 1_555 
_pdbx_struct_oper_list.symmetry_operation   x,y,z 
_pdbx_struct_oper_list.matrix[1][1]         1.0000000000 
_pdbx_struct_oper_list.matrix[1][2]         0.0000000000 
_pdbx_struct_oper_list.matrix[1][3]         0.0000000000 
_pdbx_struct_oper_list.vector[1]            0.0000000000 
_pdbx_struct_oper_list.matrix[2][1]         0.0000000000 
_pdbx_struct_oper_list.matrix[2][2]         1.0000000000 
_pdbx_struct_oper_list.matrix[2][3]         0.0000000000 
_pdbx_struct_oper_list.vector[2]            0.0000000000 
_pdbx_struct_oper_list.matrix[3][1]         0.0000000000 
_pdbx_struct_oper_list.matrix[3][2]         0.0000000000 
_pdbx_struct_oper_list.matrix[3][3]         1.0000000000 
_pdbx_struct_oper_list.vector[3]            0.0000000000 
# 
_struct_biol.id   1 
# 
loop_
_struct_conf.conf_type_id 
_struct_conf.id 
_struct_conf.pdbx_PDB_helix_id 
_struct_conf.beg_label_comp_id 
_struct_conf.beg_label_asym_id 
_struct_conf.beg_label_seq_id 
_struct_conf.pdbx_beg_PDB_ins_code 
_struct_conf.end_label_comp_id 
_struct_conf.end_label_asym_id 
_struct_conf.end_label_seq_id 
_struct_conf.pdbx_end_PDB_ins_code 
_struct_conf.beg_auth_comp_id 
_struct_conf.beg_auth_asym_id 
_struct_conf.beg_auth_seq_id 
_struct_conf.end_auth_comp_id 
_struct_conf.end_auth_asym_id 
_struct_conf.end_auth_seq_id 
_struct_conf.pdbx_PDB_helix_class 
_struct_conf.details 
_struct_conf.pdbx_PDB_helix_length 
HELX_P HELX_P1 H1 THR A 3  ? GLY A 13 ? THR S 3  GLY S 13 1 ?                            11 
HELX_P HELX_P2 H2 ASN B 4  ? ASN B 14 ? ASN A 24 ASN A 34 1 '34 IN 3/10 CONFORMATION'    11 
HELX_P HELX_P3 H3 SER B 30 ? GLN B 40 ? SER A 50 GLN A 60 1 '56-60 IN 3/10 CONFORMATION' 11 
# 
_struct_conf_type.id          HELX_P 
_struct_conf_type.criteria    ? 
_struct_conf_type.reference   ? 
# 
loop_
_struct_conn.id 
_struct_conn.conn_type_id 
_struct_conn.pdbx_leaving_atom_flag 
_struct_conn.pdbx_PDB_id 
_struct_conn.ptnr1_label_asym_id 
_struct_conn.ptnr1_label_comp_id 
_struct_conn.ptnr1_label_seq_id 
_struct_conn.ptnr1_label_atom_id 
_struct_conn.pdbx_ptnr1_label_alt_id 
_struct_conn.pdbx_ptnr1_PDB_ins_code 
_struct_conn.pdbx_ptnr1_standard_comp_id 
_struct_conn.ptnr1_symmetry 
_struct_conn.ptnr2_label_asym_id 
_struct_conn.ptnr2_label_comp_id 
_struct_conn.ptnr2_label_seq_id 
_struct_conn.ptnr2_label_atom_id 
_struct_conn.pdbx_ptnr2_label_alt_id 
_struct_conn.pdbx_ptnr2_PDB_ins_code 
_struct_conn.ptnr1_auth_asym_id 
_struct_conn.ptnr1_auth_comp_id 
_struct_conn.ptnr1_auth_seq_id 
_struct_conn.ptnr2_auth_asym_id 
_struct_conn.ptnr2_auth_comp_id 
_struct_conn.ptnr2_auth_seq_id 
_struct_conn.ptnr2_symmetry 
_struct_conn.pdbx_ptnr3_label_atom_id 
_struct_conn.pdbx_ptnr3_label_seq_id 
_struct_conn.pdbx_ptnr3_label_comp_id 
_struct_conn.pdbx_ptnr3_label_asym_id 
_struct_conn.pdbx_ptnr3_label_alt_id 
_struct_conn.pdbx_ptnr3_PDB_ins_code 
_struct_conn.details 
_struct_conn.pdbx_dist_value 
_struct_conn.pdbx_value_order 
_struct_conn.pdbx_role 
disulf1 disulf ?    ? B CYS 6  SG ? ? ? 1_555 B CYS 64 SG ? ? A CYS 26 A CYS 84  1_555 ? ? ? ? ? ? ? 2.020 ? ? 
disulf2 disulf ?    ? B CYS 20 SG ? ? ? 1_555 B CYS 75 SG ? ? A CYS 40 A CYS 95  1_555 ? ? ? ? ? ? ? 1.964 ? ? 
disulf3 disulf ?    ? B CYS 38 SG ? ? ? 1_555 B CYS 90 SG ? ? A CYS 58 A CYS 110 1_555 ? ? ? ? ? ? ? 2.021 ? ? 
disulf4 disulf ?    ? B CYS 45 SG ? ? ? 1_555 B CYS 52 SG ? ? A CYS 65 A CYS 72  1_555 ? ? ? ? ? ? ? 2.013 ? ? 
covale1 covale both ? A SER 15 C  ? ? ? 1_555 A NH2 16 N  ? ? S SER 15 S NH2 16  1_555 ? ? ? ? ? ? ? 1.330 ? ? 
# 
loop_
_struct_conn_type.id 
_struct_conn_type.criteria 
_struct_conn_type.reference 
disulf ? ? 
covale ? ? 
# 
loop_
_pdbx_modification_feature.ordinal 
_pdbx_modification_feature.label_comp_id 
_pdbx_modification_feature.label_asym_id 
_pdbx_modification_feature.label_seq_id 
_pdbx_modification_feature.label_alt_id 
_pdbx_modification_feature.modified_residue_label_comp_id 
_pdbx_modification_feature.modified_residue_label_asym_id 
_pdbx_modification_feature.modified_residue_label_seq_id 
_pdbx_modification_feature.modified_residue_label_alt_id 
_pdbx_modification_feature.auth_comp_id 
_pdbx_modification_feature.auth_asym_id 
_pdbx_modification_feature.auth_seq_id 
_pdbx_modification_feature.PDB_ins_code 
_pdbx_modification_feature.symmetry 
_pdbx_modification_feature.modified_residue_auth_comp_id 
_pdbx_modification_feature.modified_residue_auth_asym_id 
_pdbx_modification_feature.modified_residue_auth_seq_id 
_pdbx_modification_feature.modified_residue_PDB_ins_code 
_pdbx_modification_feature.modified_residue_symmetry 
_pdbx_modification_feature.comp_id_linking_atom 
_pdbx_modification_feature.modified_residue_id_linking_atom 
_pdbx_modification_feature.modified_residue_id 
_pdbx_modification_feature.ref_pcm_id 
_pdbx_modification_feature.ref_comp_id 
_pdbx_modification_feature.type 
_pdbx_modification_feature.category 
1 NH2 A 16 ? SER A 15 ? NH2 S 16 ? 1_555 SER S 15  ? 1_555 .  .  SER 6 NH2 None 'Terminal amidation' 
2 CYS B 6  ? CYS B 64 ? CYS A 26 ? 1_555 CYS A 84  ? 1_555 SG SG .   . .   None 'Disulfide bridge'   
3 CYS B 20 ? CYS B 75 ? CYS A 40 ? 1_555 CYS A 95  ? 1_555 SG SG .   . .   None 'Disulfide bridge'   
4 CYS B 38 ? CYS B 90 ? CYS A 58 ? 1_555 CYS A 110 ? 1_555 SG SG .   . .   None 'Disulfide bridge'   
5 CYS B 45 ? CYS B 52 ? CYS A 65 ? 1_555 CYS A 72  ? 1_555 SG SG .   . .   None 'Disulfide bridge'   
# 
loop_
_struct_mon_prot_cis.pdbx_id 
_struct_mon_prot_cis.label_comp_id 
_struct_mon_prot_cis.label_seq_id 
_struct_mon_prot_cis.label_asym_id 
_struct_mon_prot_cis.label_alt_id 
_struct_mon_prot_cis.pdbx_PDB_ins_code 
_struct_mon_prot_cis.auth_comp_id 
_struct_mon_prot_cis.auth_seq_id 
_struct_mon_prot_cis.auth_asym_id 
_struct_mon_prot_cis.pdbx_label_comp_id_2 
_struct_mon_prot_cis.pdbx_label_seq_id_2 
_struct_mon_prot_cis.pdbx_label_asym_id_2 
_struct_mon_prot_cis.pdbx_PDB_ins_code_2 
_struct_mon_prot_cis.pdbx_auth_comp_id_2 
_struct_mon_prot_cis.pdbx_auth_seq_id_2 
_struct_mon_prot_cis.pdbx_auth_asym_id_2 
_struct_mon_prot_cis.pdbx_PDB_model_num 
_struct_mon_prot_cis.pdbx_omega_angle 
1 TYR 72 B . ? TYR 92  A PRO 73 B ? PRO 93  A 1 7.33  
2 ASN 93 B . ? ASN 113 A PRO 94 B ? PRO 114 A 1 -2.70 
# 
loop_
_struct_sheet.id 
_struct_sheet.type 
_struct_sheet.number_strands 
_struct_sheet.details 
S1 ? 3 ? 
S2 ? 4 ? 
# 
loop_
_struct_sheet_order.sheet_id 
_struct_sheet_order.range_id_1 
_struct_sheet_order.range_id_2 
_struct_sheet_order.offset 
_struct_sheet_order.sense 
S1 1 2 ? anti-parallel 
S1 2 3 ? anti-parallel 
S2 1 2 ? anti-parallel 
S2 2 3 ? anti-parallel 
S2 3 4 ? anti-parallel 
# 
loop_
_struct_sheet_range.sheet_id 
_struct_sheet_range.id 
_struct_sheet_range.beg_label_comp_id 
_struct_sheet_range.beg_label_asym_id 
_struct_sheet_range.beg_label_seq_id 
_struct_sheet_range.pdbx_beg_PDB_ins_code 
_struct_sheet_range.end_label_comp_id 
_struct_sheet_range.end_label_asym_id 
_struct_sheet_range.end_label_seq_id 
_struct_sheet_range.pdbx_end_PDB_ins_code 
_struct_sheet_range.beg_auth_comp_id 
_struct_sheet_range.beg_auth_asym_id 
_struct_sheet_range.beg_auth_seq_id 
_struct_sheet_range.end_auth_comp_id 
_struct_sheet_range.end_auth_asym_id 
_struct_sheet_range.end_auth_seq_id 
S1 1 LYS B 21 ? HIS B 28  ? LYS A 41  HIS A 48  
S1 2 MET B 59 ? THR B 67  ? MET A 79  THR A 87  
S1 3 ALA B 76 ? LYS B 84  ? ALA A 96  LYS A 104 
S2 1 LYS B 41 ? ALA B 44  ? LYS A 61  ALA A 64  
S2 2 ASN B 51 ? SER B 55  ? ASN A 71  SER A 75  
S2 3 HIS B 85 ? GLU B 91  ? HIS A 105 GLU A 111 
S2 4 VAL B 96 ? VAL B 104 ? VAL A 116 VAL A 124 
# 
loop_
_struct_site.id 
_struct_site.pdbx_evidence_code 
_struct_site.pdbx_auth_asym_id 
_struct_site.pdbx_auth_comp_id 
_struct_site.pdbx_auth_seq_id 
_struct_site.pdbx_auth_ins_code 
_struct_site.pdbx_num_residues 
_struct_site.details 
ACT Unknown  ? ?   ?   ? 9 ?                                    
AC1 Software A SO4 125 ? 5 'BINDING SITE FOR RESIDUE SO4 A 125' 
# 
loop_
_struct_site_gen.id 
_struct_site_gen.site_id 
_struct_site_gen.pdbx_num_res 
_struct_site_gen.label_comp_id 
_struct_site_gen.label_asym_id 
_struct_site_gen.label_seq_id 
_struct_site_gen.pdbx_auth_ins_code 
_struct_site_gen.auth_comp_id 
_struct_site_gen.auth_asym_id 
_struct_site_gen.auth_seq_id 
_struct_site_gen.label_atom_id 
_struct_site_gen.label_alt_id 
_struct_site_gen.symmetry 
_struct_site_gen.details 
1  ACT 9 HIS A 12  ? HIS S 12  . ? 1_555 ? 
2  ACT 9 LYS B 21  ? LYS A 41  . ? 1_555 ? 
3  ACT 9 VAL B 23  ? VAL A 43  . ? 1_555 ? 
4  ACT 9 ASN B 24  ? ASN A 44  . ? 1_555 ? 
5  ACT 9 THR B 25  ? THR A 45  . ? 1_555 ? 
6  ACT 9 HIS B 99  ? HIS A 119 . ? 1_555 ? 
7  ACT 9 PHE B 100 ? PHE A 120 . ? 1_555 ? 
8  ACT 9 ASP B 101 ? ASP A 121 . ? 1_555 ? 
9  ACT 9 SER B 103 ? SER A 123 . ? 1_555 ? 
10 AC1 5 HIS B 99  ? HIS A 119 . ? 1_555 ? 
11 AC1 5 PHE B 100 ? PHE A 120 . ? 1_555 ? 
12 AC1 5 GLN A 11  ? GLN S 11  . ? 1_555 ? 
13 AC1 5 HIS A 12  ? HIS S 12  . ? 1_555 ? 
14 AC1 5 HOH D .   ? HOH S 216 . ? 1_555 ? 
# 
_pdbx_entry_details.entry_id                   1RBF 
_pdbx_entry_details.compound_details           ? 
_pdbx_entry_details.source_details             ? 
_pdbx_entry_details.nonpolymer_details         ? 
_pdbx_entry_details.sequence_details           ? 
_pdbx_entry_details.has_ligand_of_interest     ? 
_pdbx_entry_details.has_protein_modification   Y 
# 
loop_
_pdbx_validate_rmsd_bond.id 
_pdbx_validate_rmsd_bond.PDB_model_num 
_pdbx_validate_rmsd_bond.auth_atom_id_1 
_pdbx_validate_rmsd_bond.auth_asym_id_1 
_pdbx_validate_rmsd_bond.auth_comp_id_1 
_pdbx_validate_rmsd_bond.auth_seq_id_1 
_pdbx_validate_rmsd_bond.PDB_ins_code_1 
_pdbx_validate_rmsd_bond.label_alt_id_1 
_pdbx_validate_rmsd_bond.auth_atom_id_2 
_pdbx_validate_rmsd_bond.auth_asym_id_2 
_pdbx_validate_rmsd_bond.auth_comp_id_2 
_pdbx_validate_rmsd_bond.auth_seq_id_2 
_pdbx_validate_rmsd_bond.PDB_ins_code_2 
_pdbx_validate_rmsd_bond.label_alt_id_2 
_pdbx_validate_rmsd_bond.bond_value 
_pdbx_validate_rmsd_bond.bond_target_value 
_pdbx_validate_rmsd_bond.bond_deviation 
_pdbx_validate_rmsd_bond.bond_standard_deviation 
_pdbx_validate_rmsd_bond.linker_flag 
1 1 NE2 S HIS 12  ? ? CD2 S HIS 12  ? ? 1.304 1.373 -0.069 0.011 N 
2 1 NE2 A HIS 48  ? ? CD2 A HIS 48  ? ? 1.306 1.373 -0.067 0.011 N 
3 1 NE2 A HIS 105 ? ? CD2 A HIS 105 ? ? 1.302 1.373 -0.071 0.011 N 
# 
loop_
_pdbx_validate_rmsd_angle.id 
_pdbx_validate_rmsd_angle.PDB_model_num 
_pdbx_validate_rmsd_angle.auth_atom_id_1 
_pdbx_validate_rmsd_angle.auth_asym_id_1 
_pdbx_validate_rmsd_angle.auth_comp_id_1 
_pdbx_validate_rmsd_angle.auth_seq_id_1 
_pdbx_validate_rmsd_angle.PDB_ins_code_1 
_pdbx_validate_rmsd_angle.label_alt_id_1 
_pdbx_validate_rmsd_angle.auth_atom_id_2 
_pdbx_validate_rmsd_angle.auth_asym_id_2 
_pdbx_validate_rmsd_angle.auth_comp_id_2 
_pdbx_validate_rmsd_angle.auth_seq_id_2 
_pdbx_validate_rmsd_angle.PDB_ins_code_2 
_pdbx_validate_rmsd_angle.label_alt_id_2 
_pdbx_validate_rmsd_angle.auth_atom_id_3 
_pdbx_validate_rmsd_angle.auth_asym_id_3 
_pdbx_validate_rmsd_angle.auth_comp_id_3 
_pdbx_validate_rmsd_angle.auth_seq_id_3 
_pdbx_validate_rmsd_angle.PDB_ins_code_3 
_pdbx_validate_rmsd_angle.label_alt_id_3 
_pdbx_validate_rmsd_angle.angle_value 
_pdbx_validate_rmsd_angle.angle_target_value 
_pdbx_validate_rmsd_angle.angle_deviation 
_pdbx_validate_rmsd_angle.angle_standard_deviation 
_pdbx_validate_rmsd_angle.linker_flag 
1 1 NE S ARG 10 ? ? CZ S ARG 10 ? ? NH1 S ARG 10 ? ? 123.57 120.30 3.27   0.50 N 
2 1 NE S ARG 10 ? ? CZ S ARG 10 ? ? NH2 S ARG 10 ? ? 116.45 120.30 -3.85  0.50 N 
3 1 N  A SER 21 ? ? CA A SER 21 ? ? C   A SER 21 ? ? 94.09  111.00 -16.91 2.70 N 
4 1 CA A ASN 24 ? ? CB A ASN 24 ? ? CG  A ASN 24 ? ? 128.15 113.40 14.75  2.20 N 
5 1 NE A ARG 39 ? A CZ A ARG 39 ? A NH1 A ARG 39 ? A 124.76 120.30 4.46   0.50 N 
6 1 CB A TYR 76 ? ? CG A TYR 76 ? ? CD2 A TYR 76 ? ? 117.24 121.00 -3.76  0.60 N 
# 
loop_
_pdbx_validate_torsion.id 
_pdbx_validate_torsion.PDB_model_num 
_pdbx_validate_torsion.auth_comp_id 
_pdbx_validate_torsion.auth_asym_id 
_pdbx_validate_torsion.auth_seq_id 
_pdbx_validate_torsion.PDB_ins_code 
_pdbx_validate_torsion.label_alt_id 
_pdbx_validate_torsion.phi 
_pdbx_validate_torsion.psi 
1 1 ASP S 14  ? ? -153.85 67.15   
2 1 SER A 22  ? ? -163.65 -154.27 
3 1 ASN A 24  ? ? 139.53  153.15  
4 1 GLN A 60  ? ? -100.10 -130.98 
5 1 ALA A 122 ? ? -173.53 -175.41 
# 
loop_
_chem_comp_atom.comp_id 
_chem_comp_atom.atom_id 
_chem_comp_atom.type_symbol 
_chem_comp_atom.pdbx_aromatic_flag 
_chem_comp_atom.pdbx_stereo_config 
_chem_comp_atom.pdbx_ordinal 
ALA N    N N N 1   
ALA CA   C N S 2   
ALA C    C N N 3   
ALA O    O N N 4   
ALA CB   C N N 5   
ALA OXT  O N N 6   
ALA H    H N N 7   
ALA H2   H N N 8   
ALA HA   H N N 9   
ALA HB1  H N N 10  
ALA HB2  H N N 11  
ALA HB3  H N N 12  
ALA HXT  H N N 13  
ARG N    N N N 14  
ARG CA   C N S 15  
ARG C    C N N 16  
ARG O    O N N 17  
ARG CB   C N N 18  
ARG CG   C N N 19  
ARG CD   C N N 20  
ARG NE   N N N 21  
ARG CZ   C N N 22  
ARG NH1  N N N 23  
ARG NH2  N N N 24  
ARG OXT  O N N 25  
ARG H    H N N 26  
ARG H2   H N N 27  
ARG HA   H N N 28  
ARG HB2  H N N 29  
ARG HB3  H N N 30  
ARG HG2  H N N 31  
ARG HG3  H N N 32  
ARG HD2  H N N 33  
ARG HD3  H N N 34  
ARG HE   H N N 35  
ARG HH11 H N N 36  
ARG HH12 H N N 37  
ARG HH21 H N N 38  
ARG HH22 H N N 39  
ARG HXT  H N N 40  
ASN N    N N N 41  
ASN CA   C N S 42  
ASN C    C N N 43  
ASN O    O N N 44  
ASN CB   C N N 45  
ASN CG   C N N 46  
ASN OD1  O N N 47  
ASN ND2  N N N 48  
ASN OXT  O N N 49  
ASN H    H N N 50  
ASN H2   H N N 51  
ASN HA   H N N 52  
ASN HB2  H N N 53  
ASN HB3  H N N 54  
ASN HD21 H N N 55  
ASN HD22 H N N 56  
ASN HXT  H N N 57  
ASP N    N N N 58  
ASP CA   C N S 59  
ASP C    C N N 60  
ASP O    O N N 61  
ASP CB   C N N 62  
ASP CG   C N N 63  
ASP OD1  O N N 64  
ASP OD2  O N N 65  
ASP OXT  O N N 66  
ASP H    H N N 67  
ASP H2   H N N 68  
ASP HA   H N N 69  
ASP HB2  H N N 70  
ASP HB3  H N N 71  
ASP HD2  H N N 72  
ASP HXT  H N N 73  
CYS N    N N N 74  
CYS CA   C N R 75  
CYS C    C N N 76  
CYS O    O N N 77  
CYS CB   C N N 78  
CYS SG   S N N 79  
CYS OXT  O N N 80  
CYS H    H N N 81  
CYS H2   H N N 82  
CYS HA   H N N 83  
CYS HB2  H N N 84  
CYS HB3  H N N 85  
CYS HG   H N N 86  
CYS HXT  H N N 87  
GLN N    N N N 88  
GLN CA   C N S 89  
GLN C    C N N 90  
GLN O    O N N 91  
GLN CB   C N N 92  
GLN CG   C N N 93  
GLN CD   C N N 94  
GLN OE1  O N N 95  
GLN NE2  N N N 96  
GLN OXT  O N N 97  
GLN H    H N N 98  
GLN H2   H N N 99  
GLN HA   H N N 100 
GLN HB2  H N N 101 
GLN HB3  H N N 102 
GLN HG2  H N N 103 
GLN HG3  H N N 104 
GLN HE21 H N N 105 
GLN HE22 H N N 106 
GLN HXT  H N N 107 
GLU N    N N N 108 
GLU CA   C N S 109 
GLU C    C N N 110 
GLU O    O N N 111 
GLU CB   C N N 112 
GLU CG   C N N 113 
GLU CD   C N N 114 
GLU OE1  O N N 115 
GLU OE2  O N N 116 
GLU OXT  O N N 117 
GLU H    H N N 118 
GLU H2   H N N 119 
GLU HA   H N N 120 
GLU HB2  H N N 121 
GLU HB3  H N N 122 
GLU HG2  H N N 123 
GLU HG3  H N N 124 
GLU HE2  H N N 125 
GLU HXT  H N N 126 
GLY N    N N N 127 
GLY CA   C N N 128 
GLY C    C N N 129 
GLY O    O N N 130 
GLY OXT  O N N 131 
GLY H    H N N 132 
GLY H2   H N N 133 
GLY HA2  H N N 134 
GLY HA3  H N N 135 
GLY HXT  H N N 136 
HIS N    N N N 137 
HIS CA   C N S 138 
HIS C    C N N 139 
HIS O    O N N 140 
HIS CB   C N N 141 
HIS CG   C Y N 142 
HIS ND1  N Y N 143 
HIS CD2  C Y N 144 
HIS CE1  C Y N 145 
HIS NE2  N Y N 146 
HIS OXT  O N N 147 
HIS H    H N N 148 
HIS H2   H N N 149 
HIS HA   H N N 150 
HIS HB2  H N N 151 
HIS HB3  H N N 152 
HIS HD1  H N N 153 
HIS HD2  H N N 154 
HIS HE1  H N N 155 
HIS HE2  H N N 156 
HIS HXT  H N N 157 
HOH O    O N N 158 
HOH H1   H N N 159 
HOH H2   H N N 160 
ILE N    N N N 161 
ILE CA   C N S 162 
ILE C    C N N 163 
ILE O    O N N 164 
ILE CB   C N S 165 
ILE CG1  C N N 166 
ILE CG2  C N N 167 
ILE CD1  C N N 168 
ILE OXT  O N N 169 
ILE H    H N N 170 
ILE H2   H N N 171 
ILE HA   H N N 172 
ILE HB   H N N 173 
ILE HG12 H N N 174 
ILE HG13 H N N 175 
ILE HG21 H N N 176 
ILE HG22 H N N 177 
ILE HG23 H N N 178 
ILE HD11 H N N 179 
ILE HD12 H N N 180 
ILE HD13 H N N 181 
ILE HXT  H N N 182 
LEU N    N N N 183 
LEU CA   C N S 184 
LEU C    C N N 185 
LEU O    O N N 186 
LEU CB   C N N 187 
LEU CG   C N N 188 
LEU CD1  C N N 189 
LEU CD2  C N N 190 
LEU OXT  O N N 191 
LEU H    H N N 192 
LEU H2   H N N 193 
LEU HA   H N N 194 
LEU HB2  H N N 195 
LEU HB3  H N N 196 
LEU HG   H N N 197 
LEU HD11 H N N 198 
LEU HD12 H N N 199 
LEU HD13 H N N 200 
LEU HD21 H N N 201 
LEU HD22 H N N 202 
LEU HD23 H N N 203 
LEU HXT  H N N 204 
LYS N    N N N 205 
LYS CA   C N S 206 
LYS C    C N N 207 
LYS O    O N N 208 
LYS CB   C N N 209 
LYS CG   C N N 210 
LYS CD   C N N 211 
LYS CE   C N N 212 
LYS NZ   N N N 213 
LYS OXT  O N N 214 
LYS H    H N N 215 
LYS H2   H N N 216 
LYS HA   H N N 217 
LYS HB2  H N N 218 
LYS HB3  H N N 219 
LYS HG2  H N N 220 
LYS HG3  H N N 221 
LYS HD2  H N N 222 
LYS HD3  H N N 223 
LYS HE2  H N N 224 
LYS HE3  H N N 225 
LYS HZ1  H N N 226 
LYS HZ2  H N N 227 
LYS HZ3  H N N 228 
LYS HXT  H N N 229 
MET N    N N N 230 
MET CA   C N S 231 
MET C    C N N 232 
MET O    O N N 233 
MET CB   C N N 234 
MET CG   C N N 235 
MET SD   S N N 236 
MET CE   C N N 237 
MET OXT  O N N 238 
MET H    H N N 239 
MET H2   H N N 240 
MET HA   H N N 241 
MET HB2  H N N 242 
MET HB3  H N N 243 
MET HG2  H N N 244 
MET HG3  H N N 245 
MET HE1  H N N 246 
MET HE2  H N N 247 
MET HE3  H N N 248 
MET HXT  H N N 249 
NH2 N    N N N 250 
NH2 HN1  H N N 251 
NH2 HN2  H N N 252 
PHE N    N N N 253 
PHE CA   C N S 254 
PHE C    C N N 255 
PHE O    O N N 256 
PHE CB   C N N 257 
PHE CG   C Y N 258 
PHE CD1  C Y N 259 
PHE CD2  C Y N 260 
PHE CE1  C Y N 261 
PHE CE2  C Y N 262 
PHE CZ   C Y N 263 
PHE OXT  O N N 264 
PHE H    H N N 265 
PHE H2   H N N 266 
PHE HA   H N N 267 
PHE HB2  H N N 268 
PHE HB3  H N N 269 
PHE HD1  H N N 270 
PHE HD2  H N N 271 
PHE HE1  H N N 272 
PHE HE2  H N N 273 
PHE HZ   H N N 274 
PHE HXT  H N N 275 
PRO N    N N N 276 
PRO CA   C N S 277 
PRO C    C N N 278 
PRO O    O N N 279 
PRO CB   C N N 280 
PRO CG   C N N 281 
PRO CD   C N N 282 
PRO OXT  O N N 283 
PRO H    H N N 284 
PRO HA   H N N 285 
PRO HB2  H N N 286 
PRO HB3  H N N 287 
PRO HG2  H N N 288 
PRO HG3  H N N 289 
PRO HD2  H N N 290 
PRO HD3  H N N 291 
PRO HXT  H N N 292 
SER N    N N N 293 
SER CA   C N S 294 
SER C    C N N 295 
SER O    O N N 296 
SER CB   C N N 297 
SER OG   O N N 298 
SER OXT  O N N 299 
SER H    H N N 300 
SER H2   H N N 301 
SER HA   H N N 302 
SER HB2  H N N 303 
SER HB3  H N N 304 
SER HG   H N N 305 
SER HXT  H N N 306 
SO4 S    S N N 307 
SO4 O1   O N N 308 
SO4 O2   O N N 309 
SO4 O3   O N N 310 
SO4 O4   O N N 311 
THR N    N N N 312 
THR CA   C N S 313 
THR C    C N N 314 
THR O    O N N 315 
THR CB   C N R 316 
THR OG1  O N N 317 
THR CG2  C N N 318 
THR OXT  O N N 319 
THR H    H N N 320 
THR H2   H N N 321 
THR HA   H N N 322 
THR HB   H N N 323 
THR HG1  H N N 324 
THR HG21 H N N 325 
THR HG22 H N N 326 
THR HG23 H N N 327 
THR HXT  H N N 328 
TYR N    N N N 329 
TYR CA   C N S 330 
TYR C    C N N 331 
TYR O    O N N 332 
TYR CB   C N N 333 
TYR CG   C Y N 334 
TYR CD1  C Y N 335 
TYR CD2  C Y N 336 
TYR CE1  C Y N 337 
TYR CE2  C Y N 338 
TYR CZ   C Y N 339 
TYR OH   O N N 340 
TYR OXT  O N N 341 
TYR H    H N N 342 
TYR H2   H N N 343 
TYR HA   H N N 344 
TYR HB2  H N N 345 
TYR HB3  H N N 346 
TYR HD1  H N N 347 
TYR HD2  H N N 348 
TYR HE1  H N N 349 
TYR HE2  H N N 350 
TYR HH   H N N 351 
TYR HXT  H N N 352 
VAL N    N N N 353 
VAL CA   C N S 354 
VAL C    C N N 355 
VAL O    O N N 356 
VAL CB   C N N 357 
VAL CG1  C N N 358 
VAL CG2  C N N 359 
VAL OXT  O N N 360 
VAL H    H N N 361 
VAL H2   H N N 362 
VAL HA   H N N 363 
VAL HB   H N N 364 
VAL HG11 H N N 365 
VAL HG12 H N N 366 
VAL HG13 H N N 367 
VAL HG21 H N N 368 
VAL HG22 H N N 369 
VAL HG23 H N N 370 
VAL HXT  H N N 371 
# 
loop_
_chem_comp_bond.comp_id 
_chem_comp_bond.atom_id_1 
_chem_comp_bond.atom_id_2 
_chem_comp_bond.value_order 
_chem_comp_bond.pdbx_aromatic_flag 
_chem_comp_bond.pdbx_stereo_config 
_chem_comp_bond.pdbx_ordinal 
ALA N   CA   sing N N 1   
ALA N   H    sing N N 2   
ALA N   H2   sing N N 3   
ALA CA  C    sing N N 4   
ALA CA  CB   sing N N 5   
ALA CA  HA   sing N N 6   
ALA C   O    doub N N 7   
ALA C   OXT  sing N N 8   
ALA CB  HB1  sing N N 9   
ALA CB  HB2  sing N N 10  
ALA CB  HB3  sing N N 11  
ALA OXT HXT  sing N N 12  
ARG N   CA   sing N N 13  
ARG N   H    sing N N 14  
ARG N   H2   sing N N 15  
ARG CA  C    sing N N 16  
ARG CA  CB   sing N N 17  
ARG CA  HA   sing N N 18  
ARG C   O    doub N N 19  
ARG C   OXT  sing N N 20  
ARG CB  CG   sing N N 21  
ARG CB  HB2  sing N N 22  
ARG CB  HB3  sing N N 23  
ARG CG  CD   sing N N 24  
ARG CG  HG2  sing N N 25  
ARG CG  HG3  sing N N 26  
ARG CD  NE   sing N N 27  
ARG CD  HD2  sing N N 28  
ARG CD  HD3  sing N N 29  
ARG NE  CZ   sing N N 30  
ARG NE  HE   sing N N 31  
ARG CZ  NH1  sing N N 32  
ARG CZ  NH2  doub N N 33  
ARG NH1 HH11 sing N N 34  
ARG NH1 HH12 sing N N 35  
ARG NH2 HH21 sing N N 36  
ARG NH2 HH22 sing N N 37  
ARG OXT HXT  sing N N 38  
ASN N   CA   sing N N 39  
ASN N   H    sing N N 40  
ASN N   H2   sing N N 41  
ASN CA  C    sing N N 42  
ASN CA  CB   sing N N 43  
ASN CA  HA   sing N N 44  
ASN C   O    doub N N 45  
ASN C   OXT  sing N N 46  
ASN CB  CG   sing N N 47  
ASN CB  HB2  sing N N 48  
ASN CB  HB3  sing N N 49  
ASN CG  OD1  doub N N 50  
ASN CG  ND2  sing N N 51  
ASN ND2 HD21 sing N N 52  
ASN ND2 HD22 sing N N 53  
ASN OXT HXT  sing N N 54  
ASP N   CA   sing N N 55  
ASP N   H    sing N N 56  
ASP N   H2   sing N N 57  
ASP CA  C    sing N N 58  
ASP CA  CB   sing N N 59  
ASP CA  HA   sing N N 60  
ASP C   O    doub N N 61  
ASP C   OXT  sing N N 62  
ASP CB  CG   sing N N 63  
ASP CB  HB2  sing N N 64  
ASP CB  HB3  sing N N 65  
ASP CG  OD1  doub N N 66  
ASP CG  OD2  sing N N 67  
ASP OD2 HD2  sing N N 68  
ASP OXT HXT  sing N N 69  
CYS N   CA   sing N N 70  
CYS N   H    sing N N 71  
CYS N   H2   sing N N 72  
CYS CA  C    sing N N 73  
CYS CA  CB   sing N N 74  
CYS CA  HA   sing N N 75  
CYS C   O    doub N N 76  
CYS C   OXT  sing N N 77  
CYS CB  SG   sing N N 78  
CYS CB  HB2  sing N N 79  
CYS CB  HB3  sing N N 80  
CYS SG  HG   sing N N 81  
CYS OXT HXT  sing N N 82  
GLN N   CA   sing N N 83  
GLN N   H    sing N N 84  
GLN N   H2   sing N N 85  
GLN CA  C    sing N N 86  
GLN CA  CB   sing N N 87  
GLN CA  HA   sing N N 88  
GLN C   O    doub N N 89  
GLN C   OXT  sing N N 90  
GLN CB  CG   sing N N 91  
GLN CB  HB2  sing N N 92  
GLN CB  HB3  sing N N 93  
GLN CG  CD   sing N N 94  
GLN CG  HG2  sing N N 95  
GLN CG  HG3  sing N N 96  
GLN CD  OE1  doub N N 97  
GLN CD  NE2  sing N N 98  
GLN NE2 HE21 sing N N 99  
GLN NE2 HE22 sing N N 100 
GLN OXT HXT  sing N N 101 
GLU N   CA   sing N N 102 
GLU N   H    sing N N 103 
GLU N   H2   sing N N 104 
GLU CA  C    sing N N 105 
GLU CA  CB   sing N N 106 
GLU CA  HA   sing N N 107 
GLU C   O    doub N N 108 
GLU C   OXT  sing N N 109 
GLU CB  CG   sing N N 110 
GLU CB  HB2  sing N N 111 
GLU CB  HB3  sing N N 112 
GLU CG  CD   sing N N 113 
GLU CG  HG2  sing N N 114 
GLU CG  HG3  sing N N 115 
GLU CD  OE1  doub N N 116 
GLU CD  OE2  sing N N 117 
GLU OE2 HE2  sing N N 118 
GLU OXT HXT  sing N N 119 
GLY N   CA   sing N N 120 
GLY N   H    sing N N 121 
GLY N   H2   sing N N 122 
GLY CA  C    sing N N 123 
GLY CA  HA2  sing N N 124 
GLY CA  HA3  sing N N 125 
GLY C   O    doub N N 126 
GLY C   OXT  sing N N 127 
GLY OXT HXT  sing N N 128 
HIS N   CA   sing N N 129 
HIS N   H    sing N N 130 
HIS N   H2   sing N N 131 
HIS CA  C    sing N N 132 
HIS CA  CB   sing N N 133 
HIS CA  HA   sing N N 134 
HIS C   O    doub N N 135 
HIS C   OXT  sing N N 136 
HIS CB  CG   sing N N 137 
HIS CB  HB2  sing N N 138 
HIS CB  HB3  sing N N 139 
HIS CG  ND1  sing Y N 140 
HIS CG  CD2  doub Y N 141 
HIS ND1 CE1  doub Y N 142 
HIS ND1 HD1  sing N N 143 
HIS CD2 NE2  sing Y N 144 
HIS CD2 HD2  sing N N 145 
HIS CE1 NE2  sing Y N 146 
HIS CE1 HE1  sing N N 147 
HIS NE2 HE2  sing N N 148 
HIS OXT HXT  sing N N 149 
HOH O   H1   sing N N 150 
HOH O   H2   sing N N 151 
ILE N   CA   sing N N 152 
ILE N   H    sing N N 153 
ILE N   H2   sing N N 154 
ILE CA  C    sing N N 155 
ILE CA  CB   sing N N 156 
ILE CA  HA   sing N N 157 
ILE C   O    doub N N 158 
ILE C   OXT  sing N N 159 
ILE CB  CG1  sing N N 160 
ILE CB  CG2  sing N N 161 
ILE CB  HB   sing N N 162 
ILE CG1 CD1  sing N N 163 
ILE CG1 HG12 sing N N 164 
ILE CG1 HG13 sing N N 165 
ILE CG2 HG21 sing N N 166 
ILE CG2 HG22 sing N N 167 
ILE CG2 HG23 sing N N 168 
ILE CD1 HD11 sing N N 169 
ILE CD1 HD12 sing N N 170 
ILE CD1 HD13 sing N N 171 
ILE OXT HXT  sing N N 172 
LEU N   CA   sing N N 173 
LEU N   H    sing N N 174 
LEU N   H2   sing N N 175 
LEU CA  C    sing N N 176 
LEU CA  CB   sing N N 177 
LEU CA  HA   sing N N 178 
LEU C   O    doub N N 179 
LEU C   OXT  sing N N 180 
LEU CB  CG   sing N N 181 
LEU CB  HB2  sing N N 182 
LEU CB  HB3  sing N N 183 
LEU CG  CD1  sing N N 184 
LEU CG  CD2  sing N N 185 
LEU CG  HG   sing N N 186 
LEU CD1 HD11 sing N N 187 
LEU CD1 HD12 sing N N 188 
LEU CD1 HD13 sing N N 189 
LEU CD2 HD21 sing N N 190 
LEU CD2 HD22 sing N N 191 
LEU CD2 HD23 sing N N 192 
LEU OXT HXT  sing N N 193 
LYS N   CA   sing N N 194 
LYS N   H    sing N N 195 
LYS N   H2   sing N N 196 
LYS CA  C    sing N N 197 
LYS CA  CB   sing N N 198 
LYS CA  HA   sing N N 199 
LYS C   O    doub N N 200 
LYS C   OXT  sing N N 201 
LYS CB  CG   sing N N 202 
LYS CB  HB2  sing N N 203 
LYS CB  HB3  sing N N 204 
LYS CG  CD   sing N N 205 
LYS CG  HG2  sing N N 206 
LYS CG  HG3  sing N N 207 
LYS CD  CE   sing N N 208 
LYS CD  HD2  sing N N 209 
LYS CD  HD3  sing N N 210 
LYS CE  NZ   sing N N 211 
LYS CE  HE2  sing N N 212 
LYS CE  HE3  sing N N 213 
LYS NZ  HZ1  sing N N 214 
LYS NZ  HZ2  sing N N 215 
LYS NZ  HZ3  sing N N 216 
LYS OXT HXT  sing N N 217 
MET N   CA   sing N N 218 
MET N   H    sing N N 219 
MET N   H2   sing N N 220 
MET CA  C    sing N N 221 
MET CA  CB   sing N N 222 
MET CA  HA   sing N N 223 
MET C   O    doub N N 224 
MET C   OXT  sing N N 225 
MET CB  CG   sing N N 226 
MET CB  HB2  sing N N 227 
MET CB  HB3  sing N N 228 
MET CG  SD   sing N N 229 
MET CG  HG2  sing N N 230 
MET CG  HG3  sing N N 231 
MET SD  CE   sing N N 232 
MET CE  HE1  sing N N 233 
MET CE  HE2  sing N N 234 
MET CE  HE3  sing N N 235 
MET OXT HXT  sing N N 236 
NH2 N   HN1  sing N N 237 
NH2 N   HN2  sing N N 238 
PHE N   CA   sing N N 239 
PHE N   H    sing N N 240 
PHE N   H2   sing N N 241 
PHE CA  C    sing N N 242 
PHE CA  CB   sing N N 243 
PHE CA  HA   sing N N 244 
PHE C   O    doub N N 245 
PHE C   OXT  sing N N 246 
PHE CB  CG   sing N N 247 
PHE CB  HB2  sing N N 248 
PHE CB  HB3  sing N N 249 
PHE CG  CD1  doub Y N 250 
PHE CG  CD2  sing Y N 251 
PHE CD1 CE1  sing Y N 252 
PHE CD1 HD1  sing N N 253 
PHE CD2 CE2  doub Y N 254 
PHE CD2 HD2  sing N N 255 
PHE CE1 CZ   doub Y N 256 
PHE CE1 HE1  sing N N 257 
PHE CE2 CZ   sing Y N 258 
PHE CE2 HE2  sing N N 259 
PHE CZ  HZ   sing N N 260 
PHE OXT HXT  sing N N 261 
PRO N   CA   sing N N 262 
PRO N   CD   sing N N 263 
PRO N   H    sing N N 264 
PRO CA  C    sing N N 265 
PRO CA  CB   sing N N 266 
PRO CA  HA   sing N N 267 
PRO C   O    doub N N 268 
PRO C   OXT  sing N N 269 
PRO CB  CG   sing N N 270 
PRO CB  HB2  sing N N 271 
PRO CB  HB3  sing N N 272 
PRO CG  CD   sing N N 273 
PRO CG  HG2  sing N N 274 
PRO CG  HG3  sing N N 275 
PRO CD  HD2  sing N N 276 
PRO CD  HD3  sing N N 277 
PRO OXT HXT  sing N N 278 
SER N   CA   sing N N 279 
SER N   H    sing N N 280 
SER N   H2   sing N N 281 
SER CA  C    sing N N 282 
SER CA  CB   sing N N 283 
SER CA  HA   sing N N 284 
SER C   O    doub N N 285 
SER C   OXT  sing N N 286 
SER CB  OG   sing N N 287 
SER CB  HB2  sing N N 288 
SER CB  HB3  sing N N 289 
SER OG  HG   sing N N 290 
SER OXT HXT  sing N N 291 
SO4 S   O1   doub N N 292 
SO4 S   O2   doub N N 293 
SO4 S   O3   sing N N 294 
SO4 S   O4   sing N N 295 
THR N   CA   sing N N 296 
THR N   H    sing N N 297 
THR N   H2   sing N N 298 
THR CA  C    sing N N 299 
THR CA  CB   sing N N 300 
THR CA  HA   sing N N 301 
THR C   O    doub N N 302 
THR C   OXT  sing N N 303 
THR CB  OG1  sing N N 304 
THR CB  CG2  sing N N 305 
THR CB  HB   sing N N 306 
THR OG1 HG1  sing N N 307 
THR CG2 HG21 sing N N 308 
THR CG2 HG22 sing N N 309 
THR CG2 HG23 sing N N 310 
THR OXT HXT  sing N N 311 
TYR N   CA   sing N N 312 
TYR N   H    sing N N 313 
TYR N   H2   sing N N 314 
TYR CA  C    sing N N 315 
TYR CA  CB   sing N N 316 
TYR CA  HA   sing N N 317 
TYR C   O    doub N N 318 
TYR C   OXT  sing N N 319 
TYR CB  CG   sing N N 320 
TYR CB  HB2  sing N N 321 
TYR CB  HB3  sing N N 322 
TYR CG  CD1  doub Y N 323 
TYR CG  CD2  sing Y N 324 
TYR CD1 CE1  sing Y N 325 
TYR CD1 HD1  sing N N 326 
TYR CD2 CE2  doub Y N 327 
TYR CD2 HD2  sing N N 328 
TYR CE1 CZ   doub Y N 329 
TYR CE1 HE1  sing N N 330 
TYR CE2 CZ   sing Y N 331 
TYR CE2 HE2  sing N N 332 
TYR CZ  OH   sing N N 333 
TYR OH  HH   sing N N 334 
TYR OXT HXT  sing N N 335 
VAL N   CA   sing N N 336 
VAL N   H    sing N N 337 
VAL N   H2   sing N N 338 
VAL CA  C    sing N N 339 
VAL CA  CB   sing N N 340 
VAL CA  HA   sing N N 341 
VAL C   O    doub N N 342 
VAL C   OXT  sing N N 343 
VAL CB  CG1  sing N N 344 
VAL CB  CG2  sing N N 345 
VAL CB  HB   sing N N 346 
VAL CG1 HG11 sing N N 347 
VAL CG1 HG12 sing N N 348 
VAL CG1 HG13 sing N N 349 
VAL CG2 HG21 sing N N 350 
VAL CG2 HG22 sing N N 351 
VAL CG2 HG23 sing N N 352 
VAL OXT HXT  sing N N 353 
# 
_atom_sites.entry_id                    1RBF 
_atom_sites.fract_transf_matrix[1][1]   0.00441308 
_atom_sites.fract_transf_matrix[1][2]   -0.01394108 
_atom_sites.fract_transf_matrix[1][3]   -0.02147091 
_atom_sites.fract_transf_matrix[2][1]   -0.01504354 
_atom_sites.fract_transf_matrix[2][2]   0.00326276 
_atom_sites.fract_transf_matrix[2][3]   -0.02092613 
_atom_sites.fract_transf_matrix[3][1]   0.00636379 
_atom_sites.fract_transf_matrix[3][2]   0.00730591 
_atom_sites.fract_transf_matrix[3][3]   -0.00343573 
_atom_sites.fract_transf_vector[1]      -0.419668 
_atom_sites.fract_transf_vector[2]      -0.220605 
_atom_sites.fract_transf_vector[3]      0.076385 
# 
loop_
_atom_sites_footnote.id 
_atom_sites_footnote.text 
1 'RESIDUES 1 AND 21 - 23 ARE DISORDERED BUT HAVE BEEN INCLUDED IN THE COORDINATE LIST.' 
2 'CIS PROLINE - PRO      93'                                                            
3 'CIS PROLINE - PRO     114'                                                            
# 
loop_
_atom_type.symbol 
C 
N 
O 
S 
# 
loop_
_atom_site.group_PDB 
_atom_site.id 
_atom_site.type_symbol 
_atom_site.label_atom_id 
_atom_site.label_alt_id 
_atom_site.label_comp_id 
_atom_site.label_asym_id 
_atom_site.label_entity_id 
_atom_site.label_seq_id 
_atom_site.pdbx_PDB_ins_code 
_atom_site.Cartn_x 
_atom_site.Cartn_y 
_atom_site.Cartn_z 
_atom_site.occupancy 
_atom_site.B_iso_or_equiv 
_atom_site.pdbx_formal_charge 
_atom_site.auth_seq_id 
_atom_site.auth_comp_id 
_atom_site.auth_asym_id 
_atom_site.auth_atom_id 
_atom_site.pdbx_PDB_model_num 
ATOM   1    N N   . LYS A 1 1   ? -1.033  12.174  -17.007 1.00 80.14  ? 1   LYS S N   1 
ATOM   2    C CA  . LYS A 1 1   ? -2.089  11.535  -16.250 1.00 78.12  ? 1   LYS S CA  1 
ATOM   3    C C   . LYS A 1 1   ? -1.309  10.830  -15.146 1.00 42.73  ? 1   LYS S C   1 
ATOM   4    O O   . LYS A 1 1   ? -0.102  11.053  -15.002 1.00 81.29  ? 1   LYS S O   1 
ATOM   5    C CB  . LYS A 1 1   ? -2.875  10.483  -17.043 1.00 60.71  ? 1   LYS S CB  1 
ATOM   6    C CG  . LYS A 1 1   ? -4.267  10.356  -16.380 1.00 95.85  ? 1   LYS S CG  1 
ATOM   7    C CD  . LYS A 1 1   ? -5.140  9.161   -16.784 1.00 86.69  ? 1   LYS S CD  1 
ATOM   8    C CE  . LYS A 1 1   ? -6.477  9.150   -16.021 1.00 88.90  ? 1   LYS S CE  1 
ATOM   9    N NZ  . LYS A 1 1   ? -6.284  8.895   -14.601 1.00 83.19  ? 1   LYS S NZ  1 
ATOM   10   N N   . GLU A 1 2   ? -1.871  9.909   -14.384 1.00 46.35  ? 2   GLU S N   1 
ATOM   11   C CA  . GLU A 1 2   ? -1.182  9.356   -13.243 1.00 21.98  ? 2   GLU S CA  1 
ATOM   12   C C   . GLU A 1 2   ? -0.076  8.361   -13.561 1.00 17.76  ? 2   GLU S C   1 
ATOM   13   O O   . GLU A 1 2   ? -0.313  7.345   -14.210 1.00 29.94  ? 2   GLU S O   1 
ATOM   14   C CB  . GLU A 1 2   ? -2.270  8.771   -12.378 1.00 18.22  ? 2   GLU S CB  1 
ATOM   15   C CG  . GLU A 1 2   ? -1.758  8.450   -11.015 1.00 34.70  ? 2   GLU S CG  1 
ATOM   16   C CD  . GLU A 1 2   ? -2.844  8.043   -10.029 1.00 31.53  ? 2   GLU S CD  1 
ATOM   17   O OE1 . GLU A 1 2   ? -3.536  7.057   -10.280 1.00 23.59  ? 2   GLU S OE1 1 
ATOM   18   O OE2 . GLU A 1 2   ? -2.965  8.697   -9.000  1.00 18.89  ? 2   GLU S OE2 1 
ATOM   19   N N   . THR A 1 3   ? 1.152   8.665   -13.151 1.00 15.71  ? 3   THR S N   1 
ATOM   20   C CA  . THR A 1 3   ? 2.226   7.701   -13.309 1.00 24.82  ? 3   THR S CA  1 
ATOM   21   C C   . THR A 1 3   ? 2.050   6.576   -12.300 1.00 30.71  ? 3   THR S C   1 
ATOM   22   O O   . THR A 1 3   ? 1.340   6.737   -11.301 1.00 16.53  ? 3   THR S O   1 
ATOM   23   C CB  . THR A 1 3   ? 3.579   8.345   -13.061 1.00 22.10  ? 3   THR S CB  1 
ATOM   24   O OG1 . THR A 1 3   ? 3.685   8.792   -11.704 1.00 24.29  ? 3   THR S OG1 1 
ATOM   25   C CG2 . THR A 1 3   ? 3.739   9.505   -14.031 1.00 26.68  ? 3   THR S CG2 1 
ATOM   26   N N   . ALA A 1 4   ? 2.754   5.465   -12.476 1.00 19.40  ? 4   ALA S N   1 
ATOM   27   C CA  . ALA A 1 4   ? 2.686   4.337   -11.551 1.00 19.18  ? 4   ALA S CA  1 
ATOM   28   C C   . ALA A 1 4   ? 3.225   4.682   -10.180 1.00 17.09  ? 4   ALA S C   1 
ATOM   29   O O   . ALA A 1 4   ? 2.729   4.243   -9.132  1.00 16.68  ? 4   ALA S O   1 
ATOM   30   C CB  . ALA A 1 4   ? 3.495   3.177   -12.074 1.00 34.86  ? 4   ALA S CB  1 
ATOM   31   N N   . ALA A 1 5   ? 4.255   5.530   -10.188 1.00 14.94  ? 5   ALA S N   1 
ATOM   32   C CA  . ALA A 1 5   ? 4.856   5.970   -8.947  1.00 15.01  ? 5   ALA S CA  1 
ATOM   33   C C   . ALA A 1 5   ? 3.873   6.900   -8.240  1.00 17.92  ? 5   ALA S C   1 
ATOM   34   O O   . ALA A 1 5   ? 3.763   6.818   -7.011  1.00 16.84  ? 5   ALA S O   1 
ATOM   35   C CB  . ALA A 1 5   ? 6.128   6.736   -9.225  1.00 19.56  ? 5   ALA S CB  1 
ATOM   36   N N   . ALA A 1 6   ? 3.102   7.766   -8.950  1.00 12.90  ? 6   ALA S N   1 
ATOM   37   C CA  . ALA A 1 6   ? 2.134   8.681   -8.321  1.00 13.42  ? 6   ALA S CA  1 
ATOM   38   C C   . ALA A 1 6   ? 0.957   7.879   -7.712  1.00 18.18  ? 6   ALA S C   1 
ATOM   39   O O   . ALA A 1 6   ? 0.489   8.178   -6.603  1.00 12.93  ? 6   ALA S O   1 
ATOM   40   C CB  . ALA A 1 6   ? 1.583   9.647   -9.375  1.00 13.39  ? 6   ALA S CB  1 
ATOM   41   N N   . LYS A 1 7   ? 0.508   6.835   -8.445  1.00 14.22  ? 7   LYS S N   1 
ATOM   42   C CA  . LYS A 1 7   ? -0.570  5.938   -8.026  1.00 16.02  ? 7   LYS S CA  1 
ATOM   43   C C   . LYS A 1 7   ? -0.159  5.186   -6.772  1.00 9.01   ? 7   LYS S C   1 
ATOM   44   O O   . LYS A 1 7   ? -0.975  5.065   -5.859  1.00 13.82  ? 7   LYS S O   1 
ATOM   45   C CB  . LYS A 1 7   ? -0.841  4.987   -9.129  1.00 14.73  ? 7   LYS S CB  1 
ATOM   46   C CG  . LYS A 1 7   ? -1.967  4.030   -8.814  1.00 25.21  ? 7   LYS S CG  1 
ATOM   47   C CD  . LYS A 1 7   ? -2.001  3.043   -9.971  1.00 23.19  ? 7   LYS S CD  1 
ATOM   48   C CE  . LYS A 1 7   ? -3.187  2.115   -9.816  1.00 59.23  ? 7   LYS S CE  1 
ATOM   49   N NZ  . LYS A 1 7   ? -4.431  2.856   -9.933  1.00 96.12  ? 7   LYS S NZ  1 
ATOM   50   N N   . PHE A 1 8   ? 1.081   4.688   -6.673  1.00 11.06  ? 8   PHE S N   1 
ATOM   51   C CA  . PHE A 1 8   ? 1.547   4.032   -5.453  1.00 12.01  ? 8   PHE S CA  1 
ATOM   52   C C   . PHE A 1 8   ? 1.390   4.978   -4.269  1.00 11.48  ? 8   PHE S C   1 
ATOM   53   O O   . PHE A 1 8   ? 0.913   4.594   -3.201  1.00 11.20  ? 8   PHE S O   1 
ATOM   54   C CB  . PHE A 1 8   ? 3.031   3.615   -5.611  1.00 8.51   ? 8   PHE S CB  1 
ATOM   55   C CG  . PHE A 1 8   ? 3.605   2.937   -4.367  1.00 10.73  ? 8   PHE S CG  1 
ATOM   56   C CD1 . PHE A 1 8   ? 4.133   3.675   -3.314  1.00 13.78  ? 8   PHE S CD1 1 
ATOM   57   C CD2 . PHE A 1 8   ? 3.550   1.559   -4.278  1.00 19.05  ? 8   PHE S CD2 1 
ATOM   58   C CE1 . PHE A 1 8   ? 4.596   3.043   -2.178  1.00 16.88  ? 8   PHE S CE1 1 
ATOM   59   C CE2 . PHE A 1 8   ? 4.021   0.931   -3.137  1.00 13.99  ? 8   PHE S CE2 1 
ATOM   60   C CZ  . PHE A 1 8   ? 4.537   1.665   -2.095  1.00 11.90  ? 8   PHE S CZ  1 
ATOM   61   N N   . GLU A 1 9   ? 1.770   6.249   -4.398  1.00 10.72  ? 9   GLU S N   1 
ATOM   62   C CA  . GLU A 1 9   ? 1.700   7.200   -3.295  1.00 12.47  ? 9   GLU S CA  1 
ATOM   63   C C   . GLU A 1 9   ? 0.266   7.537   -2.893  1.00 9.53   ? 9   GLU S C   1 
ATOM   64   O O   . GLU A 1 9   ? -0.038  7.679   -1.703  1.00 10.33  ? 9   GLU S O   1 
ATOM   65   C CB  . GLU A 1 9   ? 2.412   8.508   -3.675  1.00 12.81  ? 9   GLU S CB  1 
ATOM   66   C CG  . GLU A 1 9   ? 3.883   8.204   -3.930  1.00 20.79  ? 9   GLU S CG  1 
ATOM   67   C CD  . GLU A 1 9   ? 4.753   9.398   -4.278  1.00 59.85  ? 9   GLU S CD  1 
ATOM   68   O OE1 . GLU A 1 9   ? 4.416   10.145  -5.202  1.00 39.45  ? 9   GLU S OE1 1 
ATOM   69   O OE2 . GLU A 1 9   ? 5.769   9.556   -3.602  1.00 38.98  ? 9   GLU S OE2 1 
ATOM   70   N N   . ARG A 1 10  ? -0.573  7.716   -3.906  1.00 9.83   ? 10  ARG S N   1 
ATOM   71   C CA  . ARG A 1 10  ? -1.977  8.005   -3.671  1.00 9.36   ? 10  ARG S CA  1 
ATOM   72   C C   . ARG A 1 10  ? -2.612  6.819   -2.935  1.00 17.28  ? 10  ARG S C   1 
ATOM   73   O O   . ARG A 1 10  ? -3.352  6.987   -1.971  1.00 9.63   ? 10  ARG S O   1 
ATOM   74   C CB  . ARG A 1 10  ? -2.711  8.220   -4.999  1.00 11.96  ? 10  ARG S CB  1 
ATOM   75   C CG  . ARG A 1 10  ? -4.211  8.469   -4.755  1.00 9.03   ? 10  ARG S CG  1 
ATOM   76   C CD  . ARG A 1 10  ? -4.987  8.800   -6.031  1.00 9.54   ? 10  ARG S CD  1 
ATOM   77   N NE  . ARG A 1 10  ? -4.728  7.810   -7.046  1.00 12.40  ? 10  ARG S NE  1 
ATOM   78   C CZ  . ARG A 1 10  ? -5.476  6.737   -7.252  1.00 21.11  ? 10  ARG S CZ  1 
ATOM   79   N NH1 . ARG A 1 10  ? -6.493  6.375   -6.452  1.00 21.84  ? 10  ARG S NH1 1 
ATOM   80   N NH2 . ARG A 1 10  ? -5.123  5.956   -8.263  1.00 16.12  ? 10  ARG S NH2 1 
ATOM   81   N N   . GLN A 1 11  ? -2.298  5.602   -3.366  1.00 8.51   ? 11  GLN S N   1 
ATOM   82   C CA  . GLN A 1 11  ? -2.921  4.440   -2.747  1.00 11.74  ? 11  GLN S CA  1 
ATOM   83   C C   . GLN A 1 11  ? -2.342  4.072   -1.399  1.00 15.29  ? 11  GLN S C   1 
ATOM   84   O O   . GLN A 1 11  ? -3.059  3.495   -0.572  1.00 14.67  ? 11  GLN S O   1 
ATOM   85   C CB  . GLN A 1 11  ? -2.783  3.190   -3.607  1.00 14.79  ? 11  GLN S CB  1 
ATOM   86   C CG  . GLN A 1 11  ? -3.470  3.271   -4.974  1.00 21.10  ? 11  GLN S CG  1 
ATOM   87   C CD  . GLN A 1 11  ? -3.675  1.925   -5.660  1.00 24.07  ? 11  GLN S CD  1 
ATOM   88   O OE1 . GLN A 1 11  ? -4.785  1.612   -6.090  1.00 37.36  ? 11  GLN S OE1 1 
ATOM   89   N NE2 . GLN A 1 11  ? -2.658  1.089   -5.809  1.00 20.06  ? 11  GLN S NE2 1 
ATOM   90   N N   . HIS A 1 12  ? -1.045  4.303   -1.165  1.00 9.88   ? 12  HIS S N   1 
ATOM   91   C CA  . HIS A 1 12  ? -0.401  3.758   0.028   1.00 9.46   ? 12  HIS S CA  1 
ATOM   92   C C   . HIS A 1 12  ? 0.245   4.760   0.955   1.00 20.74  ? 12  HIS S C   1 
ATOM   93   O O   . HIS A 1 12  ? 0.604   4.392   2.081   1.00 16.51  ? 12  HIS S O   1 
ATOM   94   C CB  . HIS A 1 12  ? 0.684   2.728   -0.355  1.00 7.16   ? 12  HIS S CB  1 
ATOM   95   C CG  . HIS A 1 12  ? 0.166   1.625   -1.260  1.00 8.43   ? 12  HIS S CG  1 
ATOM   96   N ND1 . HIS A 1 12  ? -0.819  0.777   -0.978  1.00 20.08  ? 12  HIS S ND1 1 
ATOM   97   C CD2 . HIS A 1 12  ? 0.555   1.371   -2.559  1.00 11.28  ? 12  HIS S CD2 1 
ATOM   98   C CE1 . HIS A 1 12  ? -1.042  0.043   -2.058  1.00 15.26  ? 12  HIS S CE1 1 
ATOM   99   N NE2 . HIS A 1 12  ? -0.211  0.410   -2.995  1.00 15.54  ? 12  HIS S NE2 1 
ATOM   100  N N   . GLY A 1 13  ? 0.328   6.025   0.572   1.00 9.29   ? 13  GLY S N   1 
ATOM   101  C CA  . GLY A 1 13  ? 1.059   6.966   1.375   1.00 9.35   ? 13  GLY S CA  1 
ATOM   102  C C   . GLY A 1 13  ? 0.199   7.539   2.453   1.00 11.04  ? 13  GLY S C   1 
ATOM   103  O O   . GLY A 1 13  ? -0.980  7.789   2.239   1.00 13.87  ? 13  GLY S O   1 
ATOM   104  N N   . ASP A 1 14  ? 0.735   7.697   3.644   1.00 13.72  ? 14  ASP S N   1 
ATOM   105  C CA  . ASP A 1 14  ? 0.005   8.424   4.636   1.00 12.16  ? 14  ASP S CA  1 
ATOM   106  C C   . ASP A 1 14  ? 0.981   9.029   5.623   1.00 24.05  ? 14  ASP S C   1 
ATOM   107  O O   . ASP A 1 14  ? 1.042   8.736   6.825   1.00 40.46  ? 14  ASP S O   1 
ATOM   108  C CB  . ASP A 1 14  ? -1.034  7.568   5.404   1.00 17.81  ? 14  ASP S CB  1 
ATOM   109  C CG  . ASP A 1 14  ? -2.086  8.402   6.172   1.00 77.86  ? 14  ASP S CG  1 
ATOM   110  O OD1 . ASP A 1 14  ? -2.220  9.606   5.939   1.00 36.56  ? 14  ASP S OD1 1 
ATOM   111  O OD2 . ASP A 1 14  ? -2.797  7.873   7.021   1.00 36.85  ? 14  ASP S OD2 1 
ATOM   112  N N   . SER A 1 15  ? 1.717   9.969   5.036   1.00 26.88  ? 15  SER S N   1 
ATOM   113  C CA  . SER A 1 15  ? 2.591   10.862  5.776   1.00 70.37  ? 15  SER S CA  1 
ATOM   114  C C   . SER A 1 15  ? 1.632   11.907  6.349   1.00 95.51  ? 15  SER S C   1 
ATOM   115  O O   . SER A 1 15  ? 1.407   13.018  5.857   1.00 92.66  ? 15  SER S O   1 
ATOM   116  C CB  . SER A 1 15  ? 3.602   11.516  4.838   1.00 29.84  ? 15  SER S CB  1 
ATOM   117  O OG  . SER A 1 15  ? 4.513   10.559  4.281   1.00 91.95  ? 15  SER S OG  1 
HETATM 118  N N   . NH2 A 1 16  ? 0.915   11.576  7.419   1.00 89.94  ? 16  NH2 S N   1 
ATOM   119  N N   . SER B 2 1   ? -18.792 2.165   3.523   1.00 202.77 ? 21  SER A N   1 
ATOM   120  C CA  . SER B 2 1   ? -18.739 3.559   3.204   1.00 182.39 ? 21  SER A CA  1 
ATOM   121  C C   . SER B 2 1   ? -19.660 3.963   4.336   1.00 177.60 ? 21  SER A C   1 
ATOM   122  O O   . SER B 2 1   ? -20.888 3.855   4.271   1.00 152.44 ? 21  SER A O   1 
ATOM   123  C CB  . SER B 2 1   ? -19.296 3.675   1.796   1.00 171.23 ? 21  SER A CB  1 
ATOM   124  O OG  . SER B 2 1   ? -18.661 2.657   1.011   1.00 54.42  ? 21  SER A OG  1 
ATOM   125  N N   . SER B 2 2   ? -18.937 4.147   5.435   1.00 224.92 ? 22  SER A N   1 
ATOM   126  C CA  . SER B 2 2   ? -19.456 4.439   6.762   1.00 231.89 ? 22  SER A CA  1 
ATOM   127  C C   . SER B 2 2   ? -18.206 4.954   7.495   1.00 199.94 ? 22  SER A C   1 
ATOM   128  O O   . SER B 2 2   ? -17.288 5.442   6.813   1.00 82.61  ? 22  SER A O   1 
ATOM   129  C CB  . SER B 2 2   ? -19.993 3.136   7.389   1.00 146.27 ? 22  SER A CB  1 
ATOM   130  O OG  . SER B 2 2   ? -20.781 2.374   6.473   1.00 135.82 ? 22  SER A OG  1 
ATOM   131  N N   . SER B 2 3   ? -18.088 4.863   8.818   1.00 176.96 ? 23  SER A N   1 
ATOM   132  C CA  . SER B 2 3   ? -16.895 5.338   9.478   1.00 117.66 ? 23  SER A CA  1 
ATOM   133  C C   . SER B 2 3   ? -16.026 4.179   9.948   1.00 118.04 ? 23  SER A C   1 
ATOM   134  O O   . SER B 2 3   ? -16.477 3.046   10.156  1.00 204.65 ? 23  SER A O   1 
ATOM   135  C CB  . SER B 2 3   ? -17.294 6.225   10.654  1.00 118.94 ? 23  SER A CB  1 
ATOM   136  O OG  . SER B 2 3   ? -18.077 7.341   10.231  1.00 156.51 ? 23  SER A OG  1 
ATOM   137  N N   . ASN B 2 4   ? -14.763 4.550   10.029  1.00 35.60  ? 24  ASN A N   1 
ATOM   138  C CA  . ASN B 2 4   ? -13.550 3.861   10.459  1.00 80.22  ? 24  ASN A CA  1 
ATOM   139  C C   . ASN B 2 4   ? -12.515 4.332   9.436   1.00 16.32  ? 24  ASN A C   1 
ATOM   140  O O   . ASN B 2 4   ? -12.823 4.717   8.287   1.00 18.94  ? 24  ASN A O   1 
ATOM   141  C CB  . ASN B 2 4   ? -13.591 2.274   10.467  1.00 24.32  ? 24  ASN A CB  1 
ATOM   142  C CG  . ASN B 2 4   ? -13.510 1.311   9.262   1.00 27.67  ? 24  ASN A CG  1 
ATOM   143  O OD1 . ASN B 2 4   ? -12.883 1.486   8.221   1.00 26.48  ? 24  ASN A OD1 1 
ATOM   144  N ND2 . ASN B 2 4   ? -14.100 0.136   9.361   1.00 38.00  ? 24  ASN A ND2 1 
ATOM   145  N N   . TYR B 2 5   ? -11.271 4.325   9.880   1.00 21.23  ? 25  TYR A N   1 
ATOM   146  C CA  . TYR B 2 5   ? -10.188 4.812   9.061   1.00 15.33  ? 25  TYR A CA  1 
ATOM   147  C C   . TYR B 2 5   ? -10.159 4.189   7.677   1.00 16.31  ? 25  TYR A C   1 
ATOM   148  O O   . TYR B 2 5   ? -10.018 4.940   6.698   1.00 19.45  ? 25  TYR A O   1 
ATOM   149  C CB  . TYR B 2 5   ? -8.867  4.563   9.786   1.00 13.92  ? 25  TYR A CB  1 
ATOM   150  C CG  . TYR B 2 5   ? -7.619  4.966   8.997   1.00 17.13  ? 25  TYR A CG  1 
ATOM   151  C CD1 . TYR B 2 5   ? -7.120  6.267   9.016   1.00 22.39  ? 25  TYR A CD1 1 
ATOM   152  C CD2 . TYR B 2 5   ? -6.975  3.985   8.260   1.00 13.70  ? 25  TYR A CD2 1 
ATOM   153  C CE1 . TYR B 2 5   ? -5.967  6.552   8.293   1.00 17.35  ? 25  TYR A CE1 1 
ATOM   154  C CE2 . TYR B 2 5   ? -5.841  4.265   7.533   1.00 16.50  ? 25  TYR A CE2 1 
ATOM   155  C CZ  . TYR B 2 5   ? -5.350  5.541   7.562   1.00 20.24  ? 25  TYR A CZ  1 
ATOM   156  O OH  . TYR B 2 5   ? -4.231  5.776   6.796   1.00 26.24  ? 25  TYR A OH  1 
ATOM   157  N N   . CYS B 2 6   ? -10.295 2.879   7.544   1.00 13.81  ? 26  CYS A N   1 
ATOM   158  C CA  . CYS B 2 6   ? -10.200 2.290   6.232   1.00 19.21  ? 26  CYS A CA  1 
ATOM   159  C C   . CYS B 2 6   ? -11.324 2.762   5.330   1.00 13.19  ? 26  CYS A C   1 
ATOM   160  O O   . CYS B 2 6   ? -11.094 3.131   4.181   1.00 12.59  ? 26  CYS A O   1 
ATOM   161  C CB  . CYS B 2 6   ? -10.211 0.783   6.364   1.00 14.10  ? 26  CYS A CB  1 
ATOM   162  S SG  . CYS B 2 6   ? -8.633  0.145   6.947   1.00 12.44  ? 26  CYS A SG  1 
ATOM   163  N N   . ASN B 2 7   ? -12.539 2.869   5.844   1.00 15.33  ? 27  ASN A N   1 
ATOM   164  C CA  . ASN B 2 7   ? -13.657 3.314   5.020   1.00 19.65  ? 27  ASN A CA  1 
ATOM   165  C C   . ASN B 2 7   ? -13.469 4.735   4.541   1.00 16.04  ? 27  ASN A C   1 
ATOM   166  O O   . ASN B 2 7   ? -13.661 5.043   3.357   1.00 20.26  ? 27  ASN A O   1 
ATOM   167  C CB  . ASN B 2 7   ? -14.934 3.278   5.782   1.00 18.40  ? 27  ASN A CB  1 
ATOM   168  C CG  . ASN B 2 7   ? -15.558 1.923   5.641   1.00 28.27  ? 27  ASN A CG  1 
ATOM   169  O OD1 . ASN B 2 7   ? -16.611 1.811   5.009   1.00 86.48  ? 27  ASN A OD1 1 
ATOM   170  N ND2 . ASN B 2 7   ? -14.969 0.864   6.177   1.00 17.18  ? 27  ASN A ND2 1 
ATOM   171  N N   . GLN B 2 8   ? -13.021 5.581   5.466   1.00 15.82  ? 28  GLN A N   1 
ATOM   172  C CA  . GLN B 2 8   ? -12.731 6.972   5.141   1.00 15.19  ? 28  GLN A CA  1 
ATOM   173  C C   . GLN B 2 8   ? -11.602 7.104   4.150   1.00 14.68  ? 28  GLN A C   1 
ATOM   174  O O   . GLN B 2 8   ? -11.750 7.791   3.133   1.00 15.18  ? 28  GLN A O   1 
ATOM   175  C CB  . GLN B 2 8   ? -12.319 7.765   6.370   1.00 26.58  ? 28  GLN A CB  1 
ATOM   176  C CG  . GLN B 2 8   ? -13.435 8.561   7.014   1.00 80.93  ? 28  GLN A CG  1 
ATOM   177  C CD  . GLN B 2 8   ? -14.608 7.716   7.501   1.00 104.16 ? 28  GLN A CD  1 
ATOM   178  O OE1 . GLN B 2 8   ? -14.541 7.029   8.524   1.00 113.66 ? 28  GLN A OE1 1 
ATOM   179  N NE2 . GLN B 2 8   ? -15.730 7.729   6.792   1.00 90.05  ? 28  GLN A NE2 1 
ATOM   180  N N   . MET B 2 9   ? -10.453 6.481   4.397   1.00 16.08  ? 29  MET A N   1 
ATOM   181  C CA  . MET B 2 9   ? -9.294  6.689   3.524   1.00 20.12  ? 29  MET A CA  1 
ATOM   182  C C   . MET B 2 9   ? -9.401  6.002   2.186   1.00 21.10  ? 29  MET A C   1 
ATOM   183  O O   . MET B 2 9   ? -8.963  6.553   1.162   1.00 17.92  ? 29  MET A O   1 
ATOM   184  C CB  . MET B 2 9   ? -8.007  6.222   4.180   1.00 12.82  ? 29  MET A CB  1 
ATOM   185  C CG  . MET B 2 9   ? -7.577  7.170   5.274   1.00 40.93  ? 29  MET A CG  1 
ATOM   186  S SD  . MET B 2 9   ? -6.920  8.742   4.660   1.00 24.72  ? 29  MET A SD  1 
ATOM   187  C CE  . MET B 2 9   ? -5.567  8.063   3.748   1.00 27.40  ? 29  MET A CE  1 
ATOM   188  N N   . MET B 2 10  ? -10.053 4.833   2.118   1.00 16.13  ? 30  MET A N   1 
ATOM   189  C CA  . MET B 2 10  ? -10.227 4.173   0.836   1.00 10.95  ? 30  MET A CA  1 
ATOM   190  C C   . MET B 2 10  ? -11.121 5.059   -0.038  1.00 13.42  ? 30  MET A C   1 
ATOM   191  O O   . MET B 2 10  ? -10.914 5.207   -1.257  1.00 17.70  ? 30  MET A O   1 
ATOM   192  C CB  . MET B 2 10  ? -10.872 2.814   1.030   1.00 14.96  ? 30  MET A CB  1 
ATOM   193  C CG  . MET B 2 10  ? -10.088 1.757   1.812   1.00 23.46  ? 30  MET A CG  1 
ATOM   194  S SD  . MET B 2 10  ? -8.708  1.082   0.872   1.00 26.71  ? 30  MET A SD  1 
ATOM   195  C CE  . MET B 2 10  ? -9.529  -0.126  -0.155  1.00 20.16  ? 30  MET A CE  1 
ATOM   196  N N   . LYS B 2 11  ? -12.101 5.718   0.581   1.00 12.36  ? 31  LYS A N   1 
ATOM   197  C CA  . LYS B 2 11  ? -12.958 6.563   -0.210  1.00 14.33  ? 31  LYS A CA  1 
ATOM   198  C C   . LYS B 2 11  ? -12.229 7.850   -0.625  1.00 17.70  ? 31  LYS A C   1 
ATOM   199  O O   . LYS B 2 11  ? -12.123 8.113   -1.832  1.00 19.26  ? 31  LYS A O   1 
ATOM   200  C CB  . LYS B 2 11  ? -14.224 6.863   0.609   1.00 29.91  ? 31  LYS A CB  1 
ATOM   201  C CG  . LYS B 2 11  ? -15.363 7.259   -0.335  1.00 47.53  ? 31  LYS A CG  1 
ATOM   202  C CD  . LYS B 2 11  ? -15.822 6.121   -1.282  1.00 90.24  ? 31  LYS A CD  1 
ATOM   203  C CE  . LYS B 2 11  ? -16.741 5.105   -0.579  1.00 88.58  ? 31  LYS A CE  1 
ATOM   204  N NZ  . LYS B 2 11  ? -17.204 4.021   -1.444  1.00 96.11  ? 31  LYS A NZ  1 
ATOM   205  N N   . SER B 2 12  ? -11.611 8.558   0.327   1.00 15.59  ? 32  SER A N   1 
ATOM   206  C CA  . SER B 2 12  ? -10.896 9.811   0.032   1.00 17.67  ? 32  SER A CA  1 
ATOM   207  C C   . SER B 2 12  ? -9.805  9.631   -1.002  1.00 18.13  ? 32  SER A C   1 
ATOM   208  O O   . SER B 2 12  ? -9.716  10.398  -1.966  1.00 22.26  ? 32  SER A O   1 
ATOM   209  C CB  A SER B 2 12  ? -10.319 10.349  1.345   0.44 21.64  ? 32  SER A CB  1 
ATOM   210  C CB  B SER B 2 12  ? -10.249 10.405  1.278   0.56 24.84  ? 32  SER A CB  1 
ATOM   211  O OG  A SER B 2 12  ? -11.319 10.488  2.361   0.44 40.46  ? 32  SER A OG  1 
ATOM   212  O OG  B SER B 2 12  ? -9.649  9.447   2.126   0.56 41.53  ? 32  SER A OG  1 
ATOM   213  N N   . ARG B 2 13  ? -9.045  8.535   -0.937  1.00 12.71  ? 33  ARG A N   1 
ATOM   214  C CA  . ARG B 2 13  ? -7.984  8.333   -1.914  1.00 8.07   ? 33  ARG A CA  1 
ATOM   215  C C   . ARG B 2 13  ? -8.486  7.746   -3.205  1.00 11.59  ? 33  ARG A C   1 
ATOM   216  O O   . ARG B 2 13  ? -7.681  7.262   -4.004  1.00 18.92  ? 33  ARG A O   1 
ATOM   217  C CB  . ARG B 2 13  ? -6.898  7.426   -1.331  1.00 9.85   ? 33  ARG A CB  1 
ATOM   218  C CG  . ARG B 2 13  ? -6.202  8.087   -0.169  1.00 11.15  ? 33  ARG A CG  1 
ATOM   219  C CD  . ARG B 2 13  ? -5.412  9.314   -0.694  1.00 13.93  ? 33  ARG A CD  1 
ATOM   220  N NE  . ARG B 2 13  ? -4.745  9.946   0.417   1.00 10.41  ? 33  ARG A NE  1 
ATOM   221  C CZ  . ARG B 2 13  ? -3.647  9.411   0.947   1.00 11.70  ? 33  ARG A CZ  1 
ATOM   222  N NH1 . ARG B 2 13  ? -2.984  8.442   0.343   1.00 11.07  ? 33  ARG A NH1 1 
ATOM   223  N NH2 . ARG B 2 13  ? -3.147  9.937   2.051   1.00 12.13  ? 33  ARG A NH2 1 
ATOM   224  N N   . ASN B 2 14  ? -9.821  7.708   -3.429  1.00 19.74  ? 34  ASN A N   1 
ATOM   225  C CA  . ASN B 2 14  ? -10.406 7.210   -4.680  1.00 18.88  ? 34  ASN A CA  1 
ATOM   226  C C   . ASN B 2 14  ? -10.164 5.729   -4.946  1.00 31.08  ? 34  ASN A C   1 
ATOM   227  O O   . ASN B 2 14  ? -9.967  5.265   -6.075  1.00 29.96  ? 34  ASN A O   1 
ATOM   228  C CB  . ASN B 2 14  ? -9.857  8.075   -5.869  1.00 31.38  ? 34  ASN A CB  1 
ATOM   229  C CG  . ASN B 2 14  ? -10.358 7.799   -7.281  1.00 85.29  ? 34  ASN A CG  1 
ATOM   230  O OD1 . ASN B 2 14  ? -9.706  8.111   -8.292  1.00 36.30  ? 34  ASN A OD1 1 
ATOM   231  N ND2 . ASN B 2 14  ? -11.577 7.277   -7.407  1.00 19.05  ? 34  ASN A ND2 1 
ATOM   232  N N   . LEU B 2 15  ? -10.142 4.911   -3.907  1.00 21.02  ? 35  LEU A N   1 
ATOM   233  C CA  . LEU B 2 15  ? -10.008 3.480   -4.146  1.00 28.02  ? 35  LEU A CA  1 
ATOM   234  C C   . LEU B 2 15  ? -11.387 2.820   -4.173  1.00 19.52  ? 35  LEU A C   1 
ATOM   235  O O   . LEU B 2 15  ? -11.630 1.848   -4.877  1.00 23.07  ? 35  LEU A O   1 
ATOM   236  C CB  A LEU B 2 15  ? -9.122  2.900   -3.047  0.55 33.37  ? 35  LEU A CB  1 
ATOM   237  C CB  B LEU B 2 15  ? -9.136  2.863   -3.056  0.45 19.39  ? 35  LEU A CB  1 
ATOM   238  C CG  A LEU B 2 15  ? -7.697  3.464   -2.973  0.55 20.49  ? 35  LEU A CG  1 
ATOM   239  C CG  B LEU B 2 15  ? -7.675  3.325   -3.008  0.45 20.92  ? 35  LEU A CG  1 
ATOM   240  C CD1 A LEU B 2 15  ? -6.967  2.867   -1.804  0.55 20.74  ? 35  LEU A CD1 1 
ATOM   241  C CD1 B LEU B 2 15  ? -7.409  4.127   -1.768  0.45 16.78  ? 35  LEU A CD1 1 
ATOM   242  C CD2 A LEU B 2 15  ? -6.973  3.169   -4.267  0.55 13.81  ? 35  LEU A CD2 1 
ATOM   243  C CD2 B LEU B 2 15  ? -6.770  2.143   -2.884  0.45 27.69  ? 35  LEU A CD2 1 
ATOM   244  N N   . THR B 2 16  ? -12.349 3.367   -3.448  1.00 16.63  ? 36  THR A N   1 
ATOM   245  C CA  . THR B 2 16  ? -13.653 2.761   -3.441  1.00 25.68  ? 36  THR A CA  1 
ATOM   246  C C   . THR B 2 16  ? -14.747 3.622   -3.993  1.00 27.96  ? 36  THR A C   1 
ATOM   247  O O   . THR B 2 16  ? -15.920 3.340   -3.785  1.00 23.60  ? 36  THR A O   1 
ATOM   248  C CB  . THR B 2 16  ? -13.978 2.353   -2.026  1.00 38.41  ? 36  THR A CB  1 
ATOM   249  O OG1 . THR B 2 16  ? -13.793 3.477   -1.179  1.00 20.64  ? 36  THR A OG1 1 
ATOM   250  C CG2 . THR B 2 16  ? -13.096 1.199   -1.617  1.00 31.53  ? 36  THR A CG2 1 
ATOM   251  N N   . LYS B 2 17  ? -14.424 4.658   -4.750  1.00 19.40  ? 37  LYS A N   1 
ATOM   252  C CA  . LYS B 2 17  ? -15.509 5.468   -5.271  1.00 27.39  ? 37  LYS A CA  1 
ATOM   253  C C   . LYS B 2 17  ? -16.188 4.692   -6.400  1.00 17.35  ? 37  LYS A C   1 
ATOM   254  O O   . LYS B 2 17  ? -17.386 4.846   -6.598  1.00 29.14  ? 37  LYS A O   1 
ATOM   255  C CB  . LYS B 2 17  ? -14.982 6.806   -5.792  1.00 33.61  ? 37  LYS A CB  1 
ATOM   256  C CG  . LYS B 2 17  ? -14.679 7.749   -4.637  1.00 51.33  ? 37  LYS A CG  1 
ATOM   257  C CD  . LYS B 2 17  ? -14.288 9.120   -5.170  1.00 54.40  ? 37  LYS A CD  1 
ATOM   258  C CE  . LYS B 2 17  ? -14.265 10.117  -4.021  1.00 25.66  ? 37  LYS A CE  1 
ATOM   259  N NZ  . LYS B 2 17  ? -13.879 11.403  -4.536  1.00 85.89  ? 37  LYS A NZ  1 
ATOM   260  N N   . ASP B 2 18  ? -15.514 3.855   -7.183  1.00 16.99  ? 38  ASP A N   1 
ATOM   261  C CA  . ASP B 2 18  ? -16.203 3.159   -8.271  1.00 20.23  ? 38  ASP A CA  1 
ATOM   262  C C   . ASP B 2 18  ? -16.112 1.634   -8.257  1.00 17.22  ? 38  ASP A C   1 
ATOM   263  O O   . ASP B 2 18  ? -16.371 1.005   -9.278  1.00 16.34  ? 38  ASP A O   1 
ATOM   264  C CB  . ASP B 2 18  ? -15.660 3.681   -9.606  1.00 32.75  ? 38  ASP A CB  1 
ATOM   265  C CG  . ASP B 2 18  ? -14.144 3.659   -9.739  1.00 43.52  ? 38  ASP A CG  1 
ATOM   266  O OD1 . ASP B 2 18  ? -13.484 3.012   -8.925  1.00 33.00  ? 38  ASP A OD1 1 
ATOM   267  O OD2 . ASP B 2 18  ? -13.618 4.311   -10.647 1.00 64.98  ? 38  ASP A OD2 1 
ATOM   268  N N   . ARG B 2 19  ? -15.666 1.026   -7.161  1.00 21.11  ? 39  ARG A N   1 
ATOM   269  C CA  . ARG B 2 19  ? -15.577 -0.421  -6.960  1.00 17.63  ? 39  ARG A CA  1 
ATOM   270  C C   . ARG B 2 19  ? -15.236 -0.545  -5.478  1.00 27.00  ? 39  ARG A C   1 
ATOM   271  O O   . ARG B 2 19  ? -14.920 0.482   -4.875  1.00 24.03  ? 39  ARG A O   1 
ATOM   272  C CB  A ARG B 2 19  ? -14.424 -1.053  -7.763  0.62 33.01  ? 39  ARG A CB  1 
ATOM   273  C CB  B ARG B 2 19  ? -14.442 -1.094  -7.775  0.38 25.87  ? 39  ARG A CB  1 
ATOM   274  C CG  A ARG B 2 19  ? -13.020 -0.770  -7.209  0.62 25.91  ? 39  ARG A CG  1 
ATOM   275  C CG  B ARG B 2 19  ? -12.999 -0.995  -7.276  0.38 23.71  ? 39  ARG A CG  1 
ATOM   276  C CD  A ARG B 2 19  ? -11.928 -1.476  -7.987  0.62 32.89  ? 39  ARG A CD  1 
ATOM   277  C CD  B ARG B 2 19  ? -12.274 0.174   -7.892  0.38 42.00  ? 39  ARG A CD  1 
ATOM   278  N NE  A ARG B 2 19  ? -10.576 -1.240  -7.475  0.62 41.23  ? 39  ARG A NE  1 
ATOM   279  N NE  B ARG B 2 19  ? -11.919 -0.119  -9.273  0.38 24.95  ? 39  ARG A NE  1 
ATOM   280  C CZ  A ARG B 2 19  ? -10.016 -0.029  -7.254  0.62 46.89  ? 39  ARG A CZ  1 
ATOM   281  C CZ  B ARG B 2 19  ? -11.294 0.759   -10.061 0.38 24.92  ? 39  ARG A CZ  1 
ATOM   282  N NH1 A ARG B 2 19  ? -10.654 1.147   -7.392  0.62 37.54  ? 39  ARG A NH1 1 
ATOM   283  N NH1 B ARG B 2 19  ? -10.993 2.000   -9.664  0.38 40.79  ? 39  ARG A NH1 1 
ATOM   284  N NH2 A ARG B 2 19  ? -8.750  0.015   -6.839  0.62 44.91  ? 39  ARG A NH2 1 
ATOM   285  N NH2 B ARG B 2 19  ? -10.961 0.389   -11.288 0.38 44.95  ? 39  ARG A NH2 1 
ATOM   286  N N   . CYS B 2 20  ? -15.285 -1.726  -4.863  1.00 14.97  ? 40  CYS A N   1 
ATOM   287  C CA  . CYS B 2 20  ? -14.773 -1.928  -3.515  1.00 14.86  ? 40  CYS A CA  1 
ATOM   288  C C   . CYS B 2 20  ? -13.494 -2.721  -3.750  1.00 26.30  ? 40  CYS A C   1 
ATOM   289  O O   . CYS B 2 20  ? -13.554 -3.858  -4.252  1.00 28.52  ? 40  CYS A O   1 
ATOM   290  C CB  . CYS B 2 20  ? -15.702 -2.765  -2.650  1.00 24.91  ? 40  CYS A CB  1 
ATOM   291  S SG  . CYS B 2 20  ? -17.352 -2.096  -2.356  1.00 20.15  ? 40  CYS A SG  1 
ATOM   292  N N   . LYS B 2 21  ? -12.326 -2.115  -3.497  1.00 25.70  ? 41  LYS A N   1 
ATOM   293  C CA  . LYS B 2 21  ? -11.049 -2.772  -3.708  1.00 15.30  ? 41  LYS A CA  1 
ATOM   294  C C   . LYS B 2 21  ? -10.898 -3.791  -2.561  1.00 13.88  ? 41  LYS A C   1 
ATOM   295  O O   . LYS B 2 21  ? -11.131 -3.396  -1.420  1.00 22.08  ? 41  LYS A O   1 
ATOM   296  C CB  . LYS B 2 21  ? -9.997  -1.686  -3.672  1.00 16.23  ? 41  LYS A CB  1 
ATOM   297  C CG  . LYS B 2 21  ? -8.597  -2.174  -3.978  1.00 26.38  ? 41  LYS A CG  1 
ATOM   298  C CD  . LYS B 2 21  ? -7.635  -1.000  -3.910  1.00 31.26  ? 41  LYS A CD  1 
ATOM   299  C CE  . LYS B 2 21  ? -6.232  -1.288  -4.445  1.00 47.08  ? 41  LYS A CE  1 
ATOM   300  N NZ  . LYS B 2 21  ? -5.389  -2.000  -3.507  1.00 47.25  ? 41  LYS A NZ  1 
ATOM   301  N N   . PRO B 2 22  ? -10.577 -5.086  -2.717  1.00 18.25  ? 42  PRO A N   1 
ATOM   302  C CA  . PRO B 2 22  ? -10.540 -6.059  -1.627  1.00 14.28  ? 42  PRO A CA  1 
ATOM   303  C C   . PRO B 2 22  ? -9.581  -5.733  -0.508  1.00 15.70  ? 42  PRO A C   1 
ATOM   304  O O   . PRO B 2 22  ? -9.928  -5.903  0.666   1.00 18.69  ? 42  PRO A O   1 
ATOM   305  C CB  . PRO B 2 22  ? -10.193 -7.377  -2.279  1.00 13.38  ? 42  PRO A CB  1 
ATOM   306  C CG  . PRO B 2 22  ? -10.886 -7.224  -3.598  1.00 24.59  ? 42  PRO A CG  1 
ATOM   307  C CD  . PRO B 2 22  ? -10.538 -5.794  -3.980  1.00 14.31  ? 42  PRO A CD  1 
ATOM   308  N N   . VAL B 2 23  ? -8.345  -5.324  -0.828  1.00 10.94  ? 43  VAL A N   1 
ATOM   309  C CA  . VAL B 2 23  ? -7.347  -5.149  0.216   1.00 8.44   ? 43  VAL A CA  1 
ATOM   310  C C   . VAL B 2 23  ? -6.567  -3.888  -0.133  1.00 17.20  ? 43  VAL A C   1 
ATOM   311  O O   . VAL B 2 23  ? -6.440  -3.583  -1.321  1.00 12.54  ? 43  VAL A O   1 
ATOM   312  C CB  A VAL B 2 23  ? -6.432  -6.427  0.318   0.52 22.40  ? 43  VAL A CB  1 
ATOM   313  C CB  B VAL B 2 23  ? -6.339  -6.376  0.294   0.48 21.49  ? 43  VAL A CB  1 
ATOM   314  C CG1 A VAL B 2 23  ? -5.662  -6.694  -0.961  0.52 28.84  ? 43  VAL A CG1 1 
ATOM   315  C CG1 B VAL B 2 23  ? -7.094  -7.684  0.347   0.48 14.02  ? 43  VAL A CG1 1 
ATOM   316  C CG2 A VAL B 2 23  ? -5.472  -6.230  1.484   0.52 17.62  ? 43  VAL A CG2 1 
ATOM   317  C CG2 B VAL B 2 23  ? -5.473  -6.490  -0.953  0.48 22.82  ? 43  VAL A CG2 1 
ATOM   318  N N   . ASN B 2 24  ? -6.095  -3.133  0.849   1.00 13.66  ? 44  ASN A N   1 
ATOM   319  C CA  . ASN B 2 24  ? -5.165  -2.025  0.611   1.00 17.05  ? 44  ASN A CA  1 
ATOM   320  C C   . ASN B 2 24  ? -4.376  -1.740  1.903   1.00 13.80  ? 44  ASN A C   1 
ATOM   321  O O   . ASN B 2 24  ? -4.913  -1.906  3.001   1.00 20.61  ? 44  ASN A O   1 
ATOM   322  C CB  . ASN B 2 24  ? -5.918  -0.755  0.201   1.00 10.66  ? 44  ASN A CB  1 
ATOM   323  C CG  . ASN B 2 24  ? -4.915  0.302   -0.278  1.00 15.42  ? 44  ASN A CG  1 
ATOM   324  O OD1 . ASN B 2 24  ? -4.169  0.105   -1.235  1.00 15.39  ? 44  ASN A OD1 1 
ATOM   325  N ND2 . ASN B 2 24  ? -4.812  1.411   0.426   1.00 11.52  ? 44  ASN A ND2 1 
ATOM   326  N N   . THR B 2 25  ? -3.100  -1.390  1.825   1.00 7.73   ? 45  THR A N   1 
ATOM   327  C CA  . THR B 2 25  ? -2.261  -1.068  2.966   1.00 7.00   ? 45  THR A CA  1 
ATOM   328  C C   . THR B 2 25  ? -1.881  0.416   2.885   1.00 9.99   ? 45  THR A C   1 
ATOM   329  O O   . THR B 2 25  ? -1.481  0.859   1.801   1.00 12.18  ? 45  THR A O   1 
ATOM   330  C CB  . THR B 2 25  ? -0.975  -1.876  2.906   1.00 15.35  ? 45  THR A CB  1 
ATOM   331  O OG1 . THR B 2 25  ? -1.353  -3.239  2.771   1.00 20.55  ? 45  THR A OG1 1 
ATOM   332  C CG2 . THR B 2 25  ? -0.106  -1.648  4.116   1.00 15.44  ? 45  THR A CG2 1 
ATOM   333  N N   . PHE B 2 26  ? -1.976  1.126   3.989   1.00 7.86   ? 46  PHE A N   1 
ATOM   334  C CA  . PHE B 2 26  ? -1.516  2.501   4.129   1.00 13.39  ? 46  PHE A CA  1 
ATOM   335  C C   . PHE B 2 26  ? -0.286  2.441   5.027   1.00 16.01  ? 46  PHE A C   1 
ATOM   336  O O   . PHE B 2 26  ? -0.342  1.800   6.095   1.00 12.16  ? 46  PHE A O   1 
ATOM   337  C CB  . PHE B 2 26  ? -2.569  3.372   4.810   1.00 8.56   ? 46  PHE A CB  1 
ATOM   338  C CG  . PHE B 2 26  ? -3.731  3.603   3.873   1.00 14.48  ? 46  PHE A CG  1 
ATOM   339  C CD1 . PHE B 2 26  ? -3.615  4.514   2.839   1.00 15.73  ? 46  PHE A CD1 1 
ATOM   340  C CD2 . PHE B 2 26  ? -4.908  2.908   4.061   1.00 14.75  ? 46  PHE A CD2 1 
ATOM   341  C CE1 . PHE B 2 26  ? -4.689  4.733   1.988   1.00 15.82  ? 46  PHE A CE1 1 
ATOM   342  C CE2 . PHE B 2 26  ? -5.966  3.133   3.207   1.00 8.48   ? 46  PHE A CE2 1 
ATOM   343  C CZ  . PHE B 2 26  ? -5.871  4.040   2.168   1.00 9.41   ? 46  PHE A CZ  1 
ATOM   344  N N   . VAL B 2 27  ? 0.795   3.147   4.669   1.00 9.14   ? 47  VAL A N   1 
ATOM   345  C CA  . VAL B 2 27  ? 2.051   3.162   5.422   1.00 8.99   ? 47  VAL A CA  1 
ATOM   346  C C   . VAL B 2 27  ? 2.139   4.495   6.120   1.00 12.86  ? 47  VAL A C   1 
ATOM   347  O O   . VAL B 2 27  ? 2.048   5.566   5.505   1.00 13.04  ? 47  VAL A O   1 
ATOM   348  C CB  . VAL B 2 27  ? 3.286   3.008   4.501   1.00 9.65   ? 47  VAL A CB  1 
ATOM   349  C CG1 . VAL B 2 27  ? 4.488   2.843   5.395   1.00 13.09  ? 47  VAL A CG1 1 
ATOM   350  C CG2 . VAL B 2 27  ? 3.196   1.807   3.609   1.00 15.12  ? 47  VAL A CG2 1 
ATOM   351  N N   . HIS B 2 28  ? 2.325   4.460   7.421   1.00 7.75   ? 48  HIS A N   1 
ATOM   352  C CA  . HIS B 2 28  ? 2.355   5.675   8.227   1.00 12.16  ? 48  HIS A CA  1 
ATOM   353  C C   . HIS B 2 28  ? 3.803   6.060   8.466   1.00 27.28  ? 48  HIS A C   1 
ATOM   354  O O   . HIS B 2 28  ? 4.326   5.951   9.575   1.00 18.49  ? 48  HIS A O   1 
ATOM   355  C CB  . HIS B 2 28  ? 1.682   5.461   9.593   1.00 14.71  ? 48  HIS A CB  1 
ATOM   356  C CG  . HIS B 2 28  ? 0.226   5.079   9.442   1.00 23.20  ? 48  HIS A CG  1 
ATOM   357  N ND1 . HIS B 2 28  ? -0.763  5.862   9.025   1.00 22.19  ? 48  HIS A ND1 1 
ATOM   358  C CD2 . HIS B 2 28  ? -0.281  3.828   9.678   1.00 18.49  ? 48  HIS A CD2 1 
ATOM   359  C CE1 . HIS B 2 28  ? -1.850  5.145   8.990   1.00 19.02  ? 48  HIS A CE1 1 
ATOM   360  N NE2 . HIS B 2 28  ? -1.547  3.934   9.380   1.00 18.11  ? 48  HIS A NE2 1 
ATOM   361  N N   . GLU B 2 29  ? 4.485   6.438   7.391   1.00 16.87  ? 49  GLU A N   1 
ATOM   362  C CA  . GLU B 2 29  ? 5.879   6.840   7.417   1.00 16.55  ? 49  GLU A CA  1 
ATOM   363  C C   . GLU B 2 29  ? 6.027   7.949   6.393   1.00 23.33  ? 49  GLU A C   1 
ATOM   364  O O   . GLU B 2 29  ? 5.204   8.057   5.472   1.00 17.71  ? 49  GLU A O   1 
ATOM   365  C CB  . GLU B 2 29  ? 6.805   5.710   6.996   1.00 13.03  ? 49  GLU A CB  1 
ATOM   366  C CG  . GLU B 2 29  ? 6.778   4.470   7.900   1.00 22.45  ? 49  GLU A CG  1 
ATOM   367  C CD  . GLU B 2 29  ? 7.188   4.658   9.359   1.00 52.95  ? 49  GLU A CD  1 
ATOM   368  O OE1 . GLU B 2 29  ? 7.795   5.636   9.793   1.00 28.31  ? 49  GLU A OE1 1 
ATOM   369  O OE2 . GLU B 2 29  ? 6.882   3.781   10.176  1.00 18.15  ? 49  GLU A OE2 1 
ATOM   370  N N   . SER B 2 30  ? 7.046   8.806   6.491   1.00 23.17  ? 50  SER A N   1 
ATOM   371  C CA  . SER B 2 30  ? 7.271   9.812   5.469   1.00 14.88  ? 50  SER A CA  1 
ATOM   372  C C   . SER B 2 30  ? 7.492   9.102   4.141   1.00 13.98  ? 50  SER A C   1 
ATOM   373  O O   . SER B 2 30  ? 8.096   8.016   4.075   1.00 13.88  ? 50  SER A O   1 
ATOM   374  C CB  . SER B 2 30  ? 8.506   10.688  5.843   1.00 16.29  ? 50  SER A CB  1 
ATOM   375  O OG  . SER B 2 30  ? 9.697   10.156  5.300   1.00 32.29  ? 50  SER A OG  1 
ATOM   376  N N   . LEU B 2 31  ? 6.971   9.685   3.067   1.00 16.38  ? 51  LEU A N   1 
ATOM   377  C CA  . LEU B 2 31  ? 7.161   9.133   1.748   1.00 16.01  ? 51  LEU A CA  1 
ATOM   378  C C   . LEU B 2 31  ? 8.611   8.925   1.346   1.00 10.11  ? 51  LEU A C   1 
ATOM   379  O O   . LEU B 2 31  ? 8.912   7.955   0.644   1.00 15.34  ? 51  LEU A O   1 
ATOM   380  C CB  A LEU B 2 31  ? 6.519   10.043  0.701   0.61 28.03  ? 51  LEU A CB  1 
ATOM   381  C CB  B LEU B 2 31  ? 6.484   9.990   0.663   0.39 33.10  ? 51  LEU A CB  1 
ATOM   382  C CG  A LEU B 2 31  ? 5.112   9.864   0.140   0.61 41.05  ? 51  LEU A CG  1 
ATOM   383  C CG  B LEU B 2 31  ? 5.044   9.677   0.186   0.39 32.30  ? 51  LEU A CG  1 
ATOM   384  C CD1 A LEU B 2 31  ? 4.042   9.800   1.212   0.61 32.67  ? 51  LEU A CD1 1 
ATOM   385  C CD1 B LEU B 2 31  ? 4.925   8.201   -0.184  0.39 33.40  ? 51  LEU A CD1 1 
ATOM   386  C CD2 A LEU B 2 31  ? 4.884   11.046  -0.781  0.61 31.95  ? 51  LEU A CD2 1 
ATOM   387  C CD2 B LEU B 2 31  ? 4.043   9.976   1.280   0.39 36.28  ? 51  LEU A CD2 1 
ATOM   388  N N   . ALA B 2 32  ? 9.521   9.800   1.758   1.00 16.18  ? 52  ALA A N   1 
ATOM   389  C CA  . ALA B 2 32  ? 10.908  9.625   1.330   1.00 20.60  ? 52  ALA A CA  1 
ATOM   390  C C   . ALA B 2 32  ? 11.529  8.429   2.040   1.00 9.37   ? 52  ALA A C   1 
ATOM   391  O O   . ALA B 2 32  ? 12.340  7.721   1.448   1.00 12.04  ? 52  ALA A O   1 
ATOM   392  C CB  . ALA B 2 32  ? 11.672  10.891  1.634   1.00 22.12  ? 52  ALA A CB  1 
ATOM   393  N N   . ASP B 2 33  ? 11.105  8.147   3.271   1.00 8.76   ? 53  ASP A N   1 
ATOM   394  C CA  . ASP B 2 33  ? 11.586  6.936   3.926   1.00 12.46  ? 53  ASP A CA  1 
ATOM   395  C C   . ASP B 2 33  ? 10.991  5.689   3.279   1.00 12.72  ? 53  ASP A C   1 
ATOM   396  O O   . ASP B 2 33  ? 11.639  4.652   3.255   1.00 11.33  ? 53  ASP A O   1 
ATOM   397  C CB  . ASP B 2 33  ? 11.234  6.933   5.387   1.00 15.42  ? 53  ASP A CB  1 
ATOM   398  C CG  . ASP B 2 33  ? 11.936  7.991   6.217   1.00 16.26  ? 53  ASP A CG  1 
ATOM   399  O OD1 . ASP B 2 33  ? 12.803  8.732   5.721   1.00 22.82  ? 53  ASP A OD1 1 
ATOM   400  O OD2 . ASP B 2 33  ? 11.572  8.060   7.389   1.00 22.89  ? 53  ASP A OD2 1 
ATOM   401  N N   . VAL B 2 34  ? 9.786   5.715   2.699   1.00 11.53  ? 54  VAL A N   1 
ATOM   402  C CA  . VAL B 2 34  ? 9.324   4.569   1.932   1.00 10.09  ? 54  VAL A CA  1 
ATOM   403  C C   . VAL B 2 34  ? 10.087  4.476   0.606   1.00 11.21  ? 54  VAL A C   1 
ATOM   404  O O   . VAL B 2 34  ? 10.489  3.391   0.159   1.00 9.80   ? 54  VAL A O   1 
ATOM   405  C CB  . VAL B 2 34  ? 7.799   4.689   1.697   1.00 16.67  ? 54  VAL A CB  1 
ATOM   406  C CG1 . VAL B 2 34  ? 7.254   3.517   0.899   1.00 22.08  ? 54  VAL A CG1 1 
ATOM   407  C CG2 . VAL B 2 34  ? 7.112   4.638   3.049   1.00 10.24  ? 54  VAL A CG2 1 
ATOM   408  N N   . GLN B 2 35  ? 10.404  5.597   -0.056  1.00 12.36  ? 55  GLN A N   1 
ATOM   409  C CA  . GLN B 2 35  ? 11.171  5.530   -1.299  1.00 10.64  ? 55  GLN A CA  1 
ATOM   410  C C   . GLN B 2 35  ? 12.606  5.032   -1.064  1.00 8.22   ? 55  GLN A C   1 
ATOM   411  O O   . GLN B 2 35  ? 13.188  4.420   -1.972  1.00 11.94  ? 55  GLN A O   1 
ATOM   412  C CB  . GLN B 2 35  ? 11.232  6.907   -1.965  1.00 15.14  ? 55  GLN A CB  1 
ATOM   413  C CG  . GLN B 2 35  ? 9.809   7.394   -2.313  1.00 31.87  ? 55  GLN A CG  1 
ATOM   414  C CD  . GLN B 2 35  ? 9.699   8.839   -2.772  1.00 70.94  ? 55  GLN A CD  1 
ATOM   415  O OE1 . GLN B 2 35  ? 8.717   9.269   -3.375  1.00 50.19  ? 55  GLN A OE1 1 
ATOM   416  N NE2 . GLN B 2 35  ? 10.683  9.679   -2.482  1.00 32.98  ? 55  GLN A NE2 1 
ATOM   417  N N   . ALA B 2 36  ? 13.130  5.256   0.159   1.00 11.66  ? 56  ALA A N   1 
ATOM   418  C CA  . ALA B 2 36  ? 14.454  4.803   0.559   1.00 8.86   ? 56  ALA A CA  1 
ATOM   419  C C   . ALA B 2 36  ? 14.526  3.275   0.531   1.00 17.42  ? 56  ALA A C   1 
ATOM   420  O O   . ALA B 2 36  ? 15.605  2.713   0.368   1.00 10.64  ? 56  ALA A O   1 
ATOM   421  C CB  . ALA B 2 36  ? 14.769  5.259   1.967   1.00 8.54   ? 56  ALA A CB  1 
ATOM   422  N N   . VAL B 2 37  ? 13.410  2.521   0.602   1.00 11.87  ? 57  VAL A N   1 
ATOM   423  C CA  . VAL B 2 37  ? 13.454  1.063   0.567   1.00 7.83   ? 57  VAL A CA  1 
ATOM   424  C C   . VAL B 2 37  ? 14.004  0.519   -0.747  1.00 10.99  ? 57  VAL A C   1 
ATOM   425  O O   . VAL B 2 37  ? 14.660  -0.527  -0.769  1.00 12.55  ? 57  VAL A O   1 
ATOM   426  C CB  . VAL B 2 37  ? 12.026  0.498   0.846   1.00 7.44   ? 57  VAL A CB  1 
ATOM   427  C CG1 . VAL B 2 37  ? 11.977  -0.995  0.873   1.00 10.42  ? 57  VAL A CG1 1 
ATOM   428  C CG2 . VAL B 2 37  ? 11.645  0.896   2.235   1.00 8.27   ? 57  VAL A CG2 1 
ATOM   429  N N   . CYS B 2 38  ? 13.895  1.240   -1.862  1.00 11.93  ? 58  CYS A N   1 
ATOM   430  C CA  . CYS B 2 38  ? 14.392  0.747   -3.124  1.00 9.19   ? 58  CYS A CA  1 
ATOM   431  C C   . CYS B 2 38  ? 15.905  0.623   -3.180  1.00 6.64   ? 58  CYS A C   1 
ATOM   432  O O   . CYS B 2 38  ? 16.406  0.128   -4.189  1.00 11.42  ? 58  CYS A O   1 
ATOM   433  C CB  . CYS B 2 38  ? 13.910  1.672   -4.244  1.00 11.67  ? 58  CYS A CB  1 
ATOM   434  S SG  . CYS B 2 38  ? 12.120  1.661   -4.537  1.00 14.60  ? 58  CYS A SG  1 
ATOM   435  N N   . SER B 2 39  ? 16.649  1.049   -2.160  1.00 7.07   ? 59  SER A N   1 
ATOM   436  C CA  . SER B 2 39  ? 18.068  0.835   -2.158  1.00 10.87  ? 59  SER A CA  1 
ATOM   437  C C   . SER B 2 39  ? 18.424  0.039   -0.906  1.00 14.92  ? 59  SER A C   1 
ATOM   438  O O   . SER B 2 39  ? 19.579  0.013   -0.483  1.00 11.53  ? 59  SER A O   1 
ATOM   439  C CB  . SER B 2 39  ? 18.797  2.203   -2.192  1.00 11.50  ? 59  SER A CB  1 
ATOM   440  O OG  . SER B 2 39  ? 18.497  3.045   -1.088  1.00 13.58  ? 59  SER A OG  1 
ATOM   441  N N   . GLN B 2 40  ? 17.435  -0.646  -0.290  1.00 13.69  ? 60  GLN A N   1 
ATOM   442  C CA  . GLN B 2 40  ? 17.697  -1.450  0.896   1.00 8.61   ? 60  GLN A CA  1 
ATOM   443  C C   . GLN B 2 40  ? 17.824  -2.954  0.563   1.00 25.70  ? 60  GLN A C   1 
ATOM   444  O O   . GLN B 2 40  ? 18.500  -3.266  -0.413  1.00 15.07  ? 60  GLN A O   1 
ATOM   445  C CB  . GLN B 2 40  ? 16.603  -1.180  1.941   1.00 7.64   ? 60  GLN A CB  1 
ATOM   446  C CG  . GLN B 2 40  ? 16.812  0.222   2.491   1.00 6.77   ? 60  GLN A CG  1 
ATOM   447  C CD  . GLN B 2 40  ? 15.817  0.722   3.505   1.00 14.11  ? 60  GLN A CD  1 
ATOM   448  O OE1 . GLN B 2 40  ? 15.225  -0.042  4.258   1.00 15.03  ? 60  GLN A OE1 1 
ATOM   449  N NE2 . GLN B 2 40  ? 15.614  2.024   3.618   1.00 13.20  ? 60  GLN A NE2 1 
ATOM   450  N N   . LYS B 2 41  ? 17.201  -3.966  1.189   1.00 15.42  ? 61  LYS A N   1 
ATOM   451  C CA  . LYS B 2 41  ? 17.569  -5.358  0.928   1.00 9.91   ? 61  LYS A CA  1 
ATOM   452  C C   . LYS B 2 41  ? 16.900  -5.871  -0.327  1.00 15.20  ? 61  LYS A C   1 
ATOM   453  O O   . LYS B 2 41  ? 15.680  -5.968  -0.399  1.00 18.08  ? 61  LYS A O   1 
ATOM   454  C CB  . LYS B 2 41  ? 17.163  -6.204  2.128   1.00 15.76  ? 61  LYS A CB  1 
ATOM   455  C CG  . LYS B 2 41  ? 17.491  -7.700  2.051   1.00 24.75  ? 61  LYS A CG  1 
ATOM   456  C CD  . LYS B 2 41  ? 18.995  -7.961  1.927   1.00 34.57  ? 61  LYS A CD  1 
ATOM   457  C CE  . LYS B 2 41  ? 19.240  -9.452  1.719   1.00 80.98  ? 61  LYS A CE  1 
ATOM   458  N NZ  . LYS B 2 41  ? 20.653  -9.744  1.551   1.00 77.91  ? 61  LYS A NZ  1 
ATOM   459  N N   . ASN B 2 42  ? 17.669  -6.188  -1.352  1.00 16.11  ? 62  ASN A N   1 
ATOM   460  C CA  . ASN B 2 42  ? 17.109  -6.749  -2.563  1.00 18.81  ? 62  ASN A CA  1 
ATOM   461  C C   . ASN B 2 42  ? 16.668  -8.198  -2.367  1.00 30.09  ? 62  ASN A C   1 
ATOM   462  O O   . ASN B 2 42  ? 17.397  -9.055  -1.847  1.00 18.79  ? 62  ASN A O   1 
ATOM   463  C CB  . ASN B 2 42  ? 18.143  -6.674  -3.669  1.00 14.50  ? 62  ASN A CB  1 
ATOM   464  C CG  . ASN B 2 42  ? 17.591  -7.129  -5.022  1.00 22.65  ? 62  ASN A CG  1 
ATOM   465  O OD1 . ASN B 2 42  ? 16.490  -6.796  -5.465  1.00 25.28  ? 62  ASN A OD1 1 
ATOM   466  N ND2 . ASN B 2 42  ? 18.348  -7.896  -5.780  1.00 21.13  ? 62  ASN A ND2 1 
ATOM   467  N N   . VAL B 2 43  ? 15.469  -8.519  -2.784  1.00 19.88  ? 63  VAL A N   1 
ATOM   468  C CA  . VAL B 2 43  ? 14.915  -9.846  -2.617  1.00 19.63  ? 63  VAL A CA  1 
ATOM   469  C C   . VAL B 2 43  ? 14.147  -10.184 -3.886  1.00 28.79  ? 63  VAL A C   1 
ATOM   470  O O   . VAL B 2 43  ? 13.869  -9.331  -4.745  1.00 17.55  ? 63  VAL A O   1 
ATOM   471  C CB  . VAL B 2 43  ? 13.941  -9.939  -1.387  1.00 13.66  ? 63  VAL A CB  1 
ATOM   472  C CG1 . VAL B 2 43  ? 14.716  -9.823  -0.070  1.00 15.45  ? 63  VAL A CG1 1 
ATOM   473  C CG2 . VAL B 2 43  ? 12.887  -8.847  -1.444  1.00 19.66  ? 63  VAL A CG2 1 
ATOM   474  N N   . ALA B 2 44  ? 13.808  -11.462 -4.048  1.00 22.72  ? 64  ALA A N   1 
ATOM   475  C CA  . ALA B 2 44  ? 13.035  -11.874 -5.207  1.00 21.94  ? 64  ALA A CA  1 
ATOM   476  C C   . ALA B 2 44  ? 11.592  -11.446 -4.970  1.00 27.15  ? 64  ALA A C   1 
ATOM   477  O O   . ALA B 2 44  ? 11.135  -11.428 -3.819  1.00 24.63  ? 64  ALA A O   1 
ATOM   478  C CB  . ALA B 2 44  ? 13.037  -13.377 -5.366  1.00 27.68  ? 64  ALA A CB  1 
ATOM   479  N N   . CYS B 2 45  ? 10.847  -11.092 -6.017  1.00 17.96  ? 65  CYS A N   1 
ATOM   480  C CA  . CYS B 2 45  ? 9.432   -10.738 -5.893  1.00 25.35  ? 65  CYS A CA  1 
ATOM   481  C C   . CYS B 2 45  ? 8.679   -12.077 -5.981  1.00 33.52  ? 65  CYS A C   1 
ATOM   482  O O   . CYS B 2 45  ? 9.235   -13.028 -6.554  1.00 29.64  ? 65  CYS A O   1 
ATOM   483  C CB  . CYS B 2 45  ? 8.977   -9.864  -7.057  1.00 37.40  ? 65  CYS A CB  1 
ATOM   484  S SG  . CYS B 2 45  ? 9.866   -8.320  -7.387  1.00 25.85  ? 65  CYS A SG  1 
ATOM   485  N N   . LYS B 2 46  ? 7.446   -12.243 -5.481  1.00 22.46  ? 66  LYS A N   1 
ATOM   486  C CA  . LYS B 2 46  ? 6.664   -13.485 -5.618  1.00 24.59  ? 66  LYS A CA  1 
ATOM   487  C C   . LYS B 2 46  ? 6.687   -14.129 -6.996  1.00 33.64  ? 66  LYS A C   1 
ATOM   488  O O   . LYS B 2 46  ? 6.728   -15.341 -7.170  1.00 51.75  ? 66  LYS A O   1 
ATOM   489  C CB  . LYS B 2 46  ? 5.249   -13.226 -5.311  1.00 21.01  ? 66  LYS A CB  1 
ATOM   490  C CG  . LYS B 2 46  ? 5.004   -12.764 -3.919  1.00 26.71  ? 66  LYS A CG  1 
ATOM   491  C CD  . LYS B 2 46  ? 3.672   -12.053 -4.019  1.00 33.83  ? 66  LYS A CD  1 
ATOM   492  C CE  . LYS B 2 46  ? 3.258   -11.567 -2.646  1.00 99.17  ? 66  LYS A CE  1 
ATOM   493  N NZ  . LYS B 2 46  ? 1.974   -10.881 -2.686  1.00 96.92  ? 66  LYS A NZ  1 
ATOM   494  N N   . ASN B 2 47  ? 6.681   -13.262 -7.995  1.00 31.79  ? 67  ASN A N   1 
ATOM   495  C CA  . ASN B 2 47  ? 6.739   -13.685 -9.378  1.00 45.16  ? 67  ASN A CA  1 
ATOM   496  C C   . ASN B 2 47  ? 8.149   -14.067 -9.854  1.00 40.83  ? 67  ASN A C   1 
ATOM   497  O O   . ASN B 2 47  ? 8.348   -14.237 -11.063 1.00 86.82  ? 67  ASN A O   1 
ATOM   498  C CB  . ASN B 2 47  ? 6.169   -12.545 -10.252 1.00 43.00  ? 67  ASN A CB  1 
ATOM   499  C CG  . ASN B 2 47  ? 7.047   -11.287 -10.382 1.00 72.70  ? 67  ASN A CG  1 
ATOM   500  O OD1 . ASN B 2 47  ? 8.090   -11.127 -9.755  1.00 62.24  ? 67  ASN A OD1 1 
ATOM   501  N ND2 . ASN B 2 47  ? 6.715   -10.329 -11.223 1.00 37.68  ? 67  ASN A ND2 1 
ATOM   502  N N   . GLY B 2 48  ? 9.166   -14.199 -9.003  1.00 36.85  ? 68  GLY A N   1 
ATOM   503  C CA  . GLY B 2 48  ? 10.513  -14.534 -9.434  1.00 73.80  ? 68  GLY A CA  1 
ATOM   504  C C   . GLY B 2 48  ? 11.295  -13.383 -10.068 1.00 30.73  ? 68  GLY A C   1 
ATOM   505  O O   . GLY B 2 48  ? 12.448  -13.598 -10.452 1.00 86.80  ? 68  GLY A O   1 
ATOM   506  N N   . GLN B 2 49  ? 10.758  -12.161 -10.264 1.00 81.76  ? 69  GLN A N   1 
ATOM   507  C CA  . GLN B 2 49  ? 11.566  -11.049 -10.778 1.00 39.22  ? 69  GLN A CA  1 
ATOM   508  C C   . GLN B 2 49  ? 12.330  -10.516 -9.575  1.00 38.97  ? 69  GLN A C   1 
ATOM   509  O O   . GLN B 2 49  ? 11.938  -10.728 -8.426  1.00 28.11  ? 69  GLN A O   1 
ATOM   510  C CB  . GLN B 2 49  ? 10.698  -9.948  -11.381 1.00 60.45  ? 69  GLN A CB  1 
ATOM   511  C CG  . GLN B 2 49  ? 10.857  -9.931  -12.903 1.00 73.61  ? 69  GLN A CG  1 
ATOM   512  C CD  . GLN B 2 49  ? 9.883   -9.013  -13.635 1.00 75.05  ? 69  GLN A CD  1 
ATOM   513  O OE1 . GLN B 2 49  ? 9.832   -7.805  -13.414 1.00 88.06  ? 69  GLN A OE1 1 
ATOM   514  N NE2 . GLN B 2 49  ? 9.050   -9.491  -14.553 1.00 85.71  ? 69  GLN A NE2 1 
ATOM   515  N N   . THR B 2 50  ? 13.447  -9.838  -9.740  1.00 35.22  ? 70  THR A N   1 
ATOM   516  C CA  . THR B 2 50  ? 14.243  -9.488  -8.581  1.00 73.74  ? 70  THR A CA  1 
ATOM   517  C C   . THR B 2 50  ? 14.325  -8.003  -8.366  1.00 20.82  ? 70  THR A C   1 
ATOM   518  O O   . THR B 2 50  ? 15.354  -7.479  -7.953  1.00 31.57  ? 70  THR A O   1 
ATOM   519  C CB  . THR B 2 50  ? 15.628  -10.141 -8.788  1.00 70.40  ? 70  THR A CB  1 
ATOM   520  O OG1 . THR B 2 50  ? 15.985  -9.925  -10.164 1.00 69.61  ? 70  THR A OG1 1 
ATOM   521  C CG2 . THR B 2 50  ? 15.640  -11.612 -8.375  1.00 61.13  ? 70  THR A CG2 1 
ATOM   522  N N   . ASN B 2 51  ? 13.276  -7.273  -8.724  1.00 20.13  ? 71  ASN A N   1 
ATOM   523  C CA  . ASN B 2 51  ? 13.306  -5.846  -8.493  1.00 17.09  ? 71  ASN A CA  1 
ATOM   524  C C   . ASN B 2 51  ? 12.519  -5.492  -7.241  1.00 14.12  ? 71  ASN A C   1 
ATOM   525  O O   . ASN B 2 51  ? 11.911  -4.415  -7.139  1.00 17.65  ? 71  ASN A O   1 
ATOM   526  C CB  . ASN B 2 51  ? 12.740  -5.098  -9.709  1.00 17.98  ? 71  ASN A CB  1 
ATOM   527  C CG  . ASN B 2 51  ? 11.268  -5.339  -10.007 1.00 34.01  ? 71  ASN A CG  1 
ATOM   528  O OD1 . ASN B 2 51  ? 10.765  -6.473  -9.960  1.00 35.62  ? 71  ASN A OD1 1 
ATOM   529  N ND2 . ASN B 2 51  ? 10.545  -4.271  -10.329 1.00 28.41  ? 71  ASN A ND2 1 
ATOM   530  N N   . CYS B 2 52  ? 12.577  -6.360  -6.233  1.00 15.03  ? 72  CYS A N   1 
ATOM   531  C CA  . CYS B 2 52  ? 11.843  -6.093  -5.033  1.00 11.82  ? 72  CYS A CA  1 
ATOM   532  C C   . CYS B 2 52  ? 12.852  -5.887  -3.943  1.00 10.62  ? 72  CYS A C   1 
ATOM   533  O O   . CYS B 2 52  ? 13.986  -6.360  -4.020  1.00 18.08  ? 72  CYS A O   1 
ATOM   534  C CB  . CYS B 2 52  ? 10.914  -7.246  -4.683  1.00 17.66  ? 72  CYS A CB  1 
ATOM   535  S SG  . CYS B 2 52  ? 9.407   -7.275  -5.729  1.00 21.02  ? 72  CYS A SG  1 
ATOM   536  N N   . TYR B 2 53  ? 12.441  -5.062  -2.981  1.00 13.37  ? 73  TYR A N   1 
ATOM   537  C CA  . TYR B 2 53  ? 13.268  -4.630  -1.867  1.00 14.58  ? 73  TYR A CA  1 
ATOM   538  C C   . TYR B 2 53  ? 12.493  -4.680  -0.556  1.00 15.06  ? 73  TYR A C   1 
ATOM   539  O O   . TYR B 2 53  ? 11.335  -4.270  -0.445  1.00 16.52  ? 73  TYR A O   1 
ATOM   540  C CB  . TYR B 2 53  ? 13.788  -3.179  -2.123  1.00 17.40  ? 73  TYR A CB  1 
ATOM   541  C CG  . TYR B 2 53  ? 14.730  -3.120  -3.318  1.00 15.39  ? 73  TYR A CG  1 
ATOM   542  C CD1 . TYR B 2 53  ? 14.197  -3.063  -4.599  1.00 16.30  ? 73  TYR A CD1 1 
ATOM   543  C CD2 . TYR B 2 53  ? 16.095  -3.237  -3.116  1.00 25.73  ? 73  TYR A CD2 1 
ATOM   544  C CE1 . TYR B 2 53  ? 15.023  -3.161  -5.683  1.00 16.03  ? 73  TYR A CE1 1 
ATOM   545  C CE2 . TYR B 2 53  ? 16.930  -3.315  -4.213  1.00 19.35  ? 73  TYR A CE2 1 
ATOM   546  C CZ  . TYR B 2 53  ? 16.376  -3.284  -5.474  1.00 17.73  ? 73  TYR A CZ  1 
ATOM   547  O OH  . TYR B 2 53  ? 17.197  -3.415  -6.574  1.00 33.82  ? 73  TYR A OH  1 
ATOM   548  N N   . GLN B 2 54  ? 13.135  -5.190  0.474   1.00 15.09  ? 74  GLN A N   1 
ATOM   549  C CA  . GLN B 2 54  ? 12.567  -5.321  1.790   1.00 12.70  ? 74  GLN A CA  1 
ATOM   550  C C   . GLN B 2 54  ? 13.199  -4.280  2.691   1.00 9.45   ? 74  GLN A C   1 
ATOM   551  O O   . GLN B 2 54  ? 14.426  -4.100  2.690   1.00 14.89  ? 74  GLN A O   1 
ATOM   552  C CB  . GLN B 2 54  ? 12.859  -6.756  2.252   1.00 15.30  ? 74  GLN A CB  1 
ATOM   553  C CG  . GLN B 2 54  ? 12.316  -7.011  3.630   1.00 13.19  ? 74  GLN A CG  1 
ATOM   554  C CD  . GLN B 2 54  ? 12.423  -8.464  4.065   1.00 19.46  ? 74  GLN A CD  1 
ATOM   555  O OE1 . GLN B 2 54  ? 13.127  -8.794  5.015   1.00 39.75  ? 74  GLN A OE1 1 
ATOM   556  N NE2 . GLN B 2 54  ? 11.740  -9.363  3.371   1.00 30.48  ? 74  GLN A NE2 1 
ATOM   557  N N   . SER B 2 55  ? 12.367  -3.588  3.462   1.00 11.98  ? 75  SER A N   1 
ATOM   558  C CA  . SER B 2 55  ? 12.811  -2.574  4.380   1.00 8.94   ? 75  SER A CA  1 
ATOM   559  C C   . SER B 2 55  ? 13.658  -3.146  5.483   1.00 19.12  ? 75  SER A C   1 
ATOM   560  O O   . SER B 2 55  ? 13.378  -4.219  6.040   1.00 17.49  ? 75  SER A O   1 
ATOM   561  C CB  . SER B 2 55  ? 11.658  -1.858  5.020   1.00 12.54  ? 75  SER A CB  1 
ATOM   562  O OG  . SER B 2 55  ? 10.754  -2.648  5.787   1.00 14.00  ? 75  SER A OG  1 
ATOM   563  N N   . TYR B 2 56  ? 14.727  -2.454  5.838   1.00 12.92  ? 76  TYR A N   1 
ATOM   564  C CA  . TYR B 2 56  ? 15.586  -2.909  6.929   1.00 12.22  ? 76  TYR A CA  1 
ATOM   565  C C   . TYR B 2 56  ? 14.843  -2.929  8.264   1.00 16.53  ? 76  TYR A C   1 
ATOM   566  O O   . TYR B 2 56  ? 15.036  -3.839  9.079   1.00 11.94  ? 76  TYR A O   1 
ATOM   567  C CB  . TYR B 2 56  ? 16.829  -1.997  7.083   1.00 13.16  ? 76  TYR A CB  1 
ATOM   568  C CG  . TYR B 2 56  ? 17.847  -2.045  5.941   1.00 9.91   ? 76  TYR A CG  1 
ATOM   569  C CD1 . TYR B 2 56  ? 18.188  -3.209  5.268   1.00 14.11  ? 76  TYR A CD1 1 
ATOM   570  C CD2 . TYR B 2 56  ? 18.495  -0.871  5.624   1.00 18.65  ? 76  TYR A CD2 1 
ATOM   571  C CE1 . TYR B 2 56  ? 19.176  -3.216  4.302   1.00 16.66  ? 76  TYR A CE1 1 
ATOM   572  C CE2 . TYR B 2 56  ? 19.475  -0.867  4.661   1.00 9.60   ? 76  TYR A CE2 1 
ATOM   573  C CZ  . TYR B 2 56  ? 19.818  -2.022  4.014   1.00 15.17  ? 76  TYR A CZ  1 
ATOM   574  O OH  . TYR B 2 56  ? 20.823  -1.959  3.070   1.00 18.81  ? 76  TYR A OH  1 
ATOM   575  N N   . SER B 2 57  ? 13.973  -1.956  8.501   1.00 12.42  ? 77  SER A N   1 
ATOM   576  C CA  . SER B 2 57  ? 13.249  -1.924  9.754   1.00 19.13  ? 77  SER A CA  1 
ATOM   577  C C   . SER B 2 57  ? 11.736  -2.124  9.493   1.00 18.05  ? 77  SER A C   1 
ATOM   578  O O   . SER B 2 57  ? 11.281  -2.141  8.337   1.00 10.94  ? 77  SER A O   1 
ATOM   579  C CB  A SER B 2 57  ? 13.520  -0.583  10.436  0.51 21.28  ? 77  SER A CB  1 
ATOM   580  C CB  B SER B 2 57  ? 13.553  -0.581  10.431  0.49 19.00  ? 77  SER A CB  1 
ATOM   581  O OG  A SER B 2 57  ? 13.229  0.567   9.646   0.51 36.77  ? 77  SER A OG  1 
ATOM   582  O OG  B SER B 2 57  ? 13.273  -0.540  11.829  0.49 41.69  ? 77  SER A OG  1 
ATOM   583  N N   . THR B 2 58  ? 10.948  -2.343  10.544  1.00 20.04  ? 78  THR A N   1 
ATOM   584  C CA  . THR B 2 58  ? 9.504   -2.416  10.416  1.00 14.12  ? 78  THR A CA  1 
ATOM   585  C C   . THR B 2 58  ? 8.991   -0.978  10.333  1.00 12.95  ? 78  THR A C   1 
ATOM   586  O O   . THR B 2 58  ? 9.637   0.008   10.744  1.00 17.30  ? 78  THR A O   1 
ATOM   587  C CB  . THR B 2 58  ? 8.919   -3.134  11.638  1.00 15.78  ? 78  THR A CB  1 
ATOM   588  O OG1 . THR B 2 58  ? 9.351   -2.432  12.785  1.00 18.59  ? 78  THR A OG1 1 
ATOM   589  C CG2 . THR B 2 58  ? 9.380   -4.541  11.741  1.00 12.51  ? 78  THR A CG2 1 
ATOM   590  N N   . MET B 2 59  ? 7.810   -0.862  9.757   1.00 14.92  ? 79  MET A N   1 
ATOM   591  C CA  . MET B 2 59  ? 7.125   0.398   9.584   1.00 14.14  ? 79  MET A CA  1 
ATOM   592  C C   . MET B 2 59  ? 5.696   0.221   10.085  1.00 12.33  ? 79  MET A C   1 
ATOM   593  O O   . MET B 2 59  ? 5.179   -0.903  10.086  1.00 15.91  ? 79  MET A O   1 
ATOM   594  C CB  . MET B 2 59  ? 7.114   0.767   8.110   1.00 13.96  ? 79  MET A CB  1 
ATOM   595  C CG  . MET B 2 59  ? 8.529   1.101   7.568   1.00 16.28  ? 79  MET A CG  1 
ATOM   596  S SD  . MET B 2 59  ? 8.444   1.673   5.861   1.00 20.68  ? 79  MET A SD  1 
ATOM   597  C CE  . MET B 2 59  ? 10.132  2.212   5.710   1.00 20.16  ? 79  MET A CE  1 
ATOM   598  N N   . SER B 2 60  ? 5.089   1.309   10.517  1.00 11.36  ? 80  SER A N   1 
ATOM   599  C CA  . SER B 2 60  ? 3.720   1.345   10.993  1.00 16.03  ? 80  SER A CA  1 
ATOM   600  C C   . SER B 2 60  ? 2.775   1.234   9.794   1.00 13.87  ? 80  SER A C   1 
ATOM   601  O O   . SER B 2 60  ? 2.781   2.092   8.890   1.00 18.14  ? 80  SER A O   1 
ATOM   602  C CB  . SER B 2 60  ? 3.546   2.662   11.756  1.00 13.11  ? 80  SER A CB  1 
ATOM   603  O OG  . SER B 2 60  ? 2.204   3.110   12.002  1.00 24.79  ? 80  SER A OG  1 
ATOM   604  N N   . ILE B 2 61  ? 1.922   0.231   9.729   1.00 10.89  ? 81  ILE A N   1 
ATOM   605  C CA  . ILE B 2 61  ? 1.037   0.125   8.592   1.00 7.98   ? 81  ILE A CA  1 
ATOM   606  C C   . ILE B 2 61  ? -0.383  -0.125  9.105   1.00 11.30  ? 81  ILE A C   1 
ATOM   607  O O   . ILE B 2 61  ? -0.577  -0.611  10.219  1.00 11.94  ? 81  ILE A O   1 
ATOM   608  C CB  . ILE B 2 61  ? 1.406   -1.053  7.587   1.00 16.43  ? 81  ILE A CB  1 
ATOM   609  C CG1 . ILE B 2 61  ? 1.245   -2.419  8.217   1.00 27.79  ? 81  ILE A CG1 1 
ATOM   610  C CG2 . ILE B 2 61  ? 2.860   -0.848  7.105   1.00 13.90  ? 81  ILE A CG2 1 
ATOM   611  C CD1 . ILE B 2 61  ? 1.147   -3.535  7.176   1.00 46.85  ? 81  ILE A CD1 1 
ATOM   612  N N   . THR B 2 62  ? -1.389  0.239   8.302   1.00 10.70  ? 82  THR A N   1 
ATOM   613  C CA  . THR B 2 62  ? -2.792  -0.125  8.506   1.00 9.32   ? 82  THR A CA  1 
ATOM   614  C C   . THR B 2 62  ? -3.223  -1.008  7.340   1.00 13.66  ? 82  THR A C   1 
ATOM   615  O O   . THR B 2 62  ? -3.069  -0.616  6.184   1.00 13.68  ? 82  THR A O   1 
ATOM   616  C CB  . THR B 2 62  ? -3.728  1.082   8.539   1.00 9.06   ? 82  THR A CB  1 
ATOM   617  O OG1 . THR B 2 62  ? -3.307  1.848   9.658   1.00 15.43  ? 82  THR A OG1 1 
ATOM   618  C CG2 . THR B 2 62  ? -5.218  0.690   8.725   1.00 10.75  ? 82  THR A CG2 1 
ATOM   619  N N   . ASP B 2 63  ? -3.680  -2.229  7.599   1.00 11.44  ? 83  ASP A N   1 
ATOM   620  C CA  . ASP B 2 63  ? -4.201  -3.105  6.577   1.00 12.68  ? 83  ASP A CA  1 
ATOM   621  C C   . ASP B 2 63  ? -5.697  -2.889  6.536   1.00 14.08  ? 83  ASP A C   1 
ATOM   622  O O   . ASP B 2 63  ? -6.340  -2.852  7.597   1.00 17.08  ? 83  ASP A O   1 
ATOM   623  C CB  A ASP B 2 63  ? -3.871  -4.554  6.931   0.45 12.51  ? 83  ASP A CB  1 
ATOM   624  C CB  B ASP B 2 63  ? -3.884  -4.563  6.933   0.55 11.24  ? 83  ASP A CB  1 
ATOM   625  C CG  A ASP B 2 63  ? -4.455  -5.542  5.948   0.45 31.00  ? 83  ASP A CG  1 
ATOM   626  C CG  B ASP B 2 63  ? -2.408  -4.880  6.763   0.55 21.54  ? 83  ASP A CG  1 
ATOM   627  O OD1 A ASP B 2 63  ? -3.946  -5.672  4.831   0.45 31.50  ? 83  ASP A OD1 1 
ATOM   628  O OD1 B ASP B 2 63  ? -1.891  -4.696  5.671   0.55 13.30  ? 83  ASP A OD1 1 
ATOM   629  O OD2 A ASP B 2 63  ? -5.439  -6.180  6.313   0.45 20.31  ? 83  ASP A OD2 1 
ATOM   630  O OD2 B ASP B 2 63  ? -1.766  -5.300  7.714   0.55 29.61  ? 83  ASP A OD2 1 
ATOM   631  N N   . CYS B 2 64  ? -6.235  -2.761  5.336   1.00 7.10   ? 84  CYS A N   1 
ATOM   632  C CA  . CYS B 2 64  ? -7.669  -2.569  5.165   1.00 12.45  ? 84  CYS A CA  1 
ATOM   633  C C   . CYS B 2 64  ? -8.168  -3.781  4.397   1.00 22.30  ? 84  CYS A C   1 
ATOM   634  O O   . CYS B 2 64  ? -7.715  -3.979  3.260   1.00 16.17  ? 84  CYS A O   1 
ATOM   635  C CB  . CYS B 2 64  ? -7.977  -1.294  4.348   1.00 16.35  ? 84  CYS A CB  1 
ATOM   636  S SG  . CYS B 2 64  ? -7.528  0.195   5.257   1.00 11.88  ? 84  CYS A SG  1 
ATOM   637  N N   . ARG B 2 65  ? -9.065  -4.624  4.936   1.00 12.86  ? 85  ARG A N   1 
ATOM   638  C CA  . ARG B 2 65  ? -9.498  -5.800  4.198   1.00 11.15  ? 85  ARG A CA  1 
ATOM   639  C C   . ARG B 2 65  ? -11.022 -5.746  4.118   1.00 14.85  ? 85  ARG A C   1 
ATOM   640  O O   . ARG B 2 65  ? -11.677 -5.480  5.127   1.00 13.34  ? 85  ARG A O   1 
ATOM   641  C CB  A ARG B 2 65  ? -9.053  -7.066  4.906   0.39 25.81  ? 85  ARG A CB  1 
ATOM   642  C CB  B ARG B 2 65  ? -8.965  -6.981  4.997   0.61 17.28  ? 85  ARG A CB  1 
ATOM   643  C CG  A ARG B 2 65  ? -9.380  -8.319  4.099   0.39 21.68  ? 85  ARG A CG  1 
ATOM   644  C CG  B ARG B 2 65  ? -9.518  -8.360  4.662   0.61 26.34  ? 85  ARG A CG  1 
ATOM   645  C CD  A ARG B 2 65  ? -8.474  -9.425  4.594   0.39 32.32  ? 85  ARG A CD  1 
ATOM   646  C CD  B ARG B 2 65  ? -9.040  -8.922  3.346   0.61 27.46  ? 85  ARG A CD  1 
ATOM   647  N NE  A ARG B 2 65  ? -7.419  -9.755  3.649   0.39 25.33  ? 85  ARG A NE  1 
ATOM   648  N NE  B ARG B 2 65  ? -7.618  -9.246  3.357   0.61 24.74  ? 85  ARG A NE  1 
ATOM   649  C CZ  A ARG B 2 65  ? -6.213  -9.192  3.688   0.39 36.27  ? 85  ARG A CZ  1 
ATOM   650  C CZ  B ARG B 2 65  ? -7.110  -10.232 2.598   0.61 17.84  ? 85  ARG A CZ  1 
ATOM   651  N NH1 A ARG B 2 65  ? -5.896  -8.225  4.551   0.39 22.67  ? 85  ARG A NH1 1 
ATOM   652  N NH1 B ARG B 2 65  ? -7.869  -10.938 1.789   0.61 15.02  ? 85  ARG A NH1 1 
ATOM   653  N NH2 A ARG B 2 65  ? -5.317  -9.595  2.801   0.39 32.24  ? 85  ARG A NH2 1 
ATOM   654  N NH2 B ARG B 2 65  ? -5.816  -10.492 2.595   0.61 15.50  ? 85  ARG A NH2 1 
ATOM   655  N N   . GLU B 2 66  ? -11.611 -5.919  2.947   1.00 13.00  ? 86  GLU A N   1 
ATOM   656  C CA  . GLU B 2 66  ? -13.042 -5.897  2.797   1.00 9.31   ? 86  GLU A CA  1 
ATOM   657  C C   . GLU B 2 66  ? -13.667 -6.991  3.661   1.00 16.36  ? 86  GLU A C   1 
ATOM   658  O O   . GLU B 2 66  ? -13.129 -8.094  3.726   1.00 17.49  ? 86  GLU A O   1 
ATOM   659  C CB  . GLU B 2 66  ? -13.343 -6.144  1.362   1.00 14.11  ? 86  GLU A CB  1 
ATOM   660  C CG  . GLU B 2 66  ? -14.530 -5.404  0.847   1.00 20.14  ? 86  GLU A CG  1 
ATOM   661  C CD  . GLU B 2 66  ? -14.928 -5.766  -0.573  1.00 26.00  ? 86  GLU A CD  1 
ATOM   662  O OE1 . GLU B 2 66  ? -14.169 -6.399  -1.320  1.00 18.06  ? 86  GLU A OE1 1 
ATOM   663  O OE2 . GLU B 2 66  ? -16.042 -5.419  -0.923  1.00 17.02  ? 86  GLU A OE2 1 
ATOM   664  N N   . THR B 2 67  ? -14.780 -6.736  4.340   1.00 11.89  ? 87  THR A N   1 
ATOM   665  C CA  . THR B 2 67  ? -15.462 -7.793  5.108   1.00 14.75  ? 87  THR A CA  1 
ATOM   666  C C   . THR B 2 67  ? -16.219 -8.706  4.141   1.00 18.51  ? 87  THR A C   1 
ATOM   667  O O   . THR B 2 67  ? -16.517 -8.320  3.003   1.00 20.64  ? 87  THR A O   1 
ATOM   668  C CB  . THR B 2 67  ? -16.467 -7.189  6.090   1.00 22.94  ? 87  THR A CB  1 
ATOM   669  O OG1 . THR B 2 67  ? -17.381 -6.441  5.305   1.00 25.26  ? 87  THR A OG1 1 
ATOM   670  C CG2 . THR B 2 67  ? -15.854 -6.277  7.109   1.00 25.49  ? 87  THR A CG2 1 
ATOM   671  N N   . GLY B 2 68  ? -16.587 -9.932  4.532   1.00 23.62  ? 88  GLY A N   1 
ATOM   672  C CA  . GLY B 2 68  ? -17.367 -10.817 3.675   1.00 17.12  ? 88  GLY A CA  1 
ATOM   673  C C   . GLY B 2 68  ? -18.749 -10.247 3.323   1.00 16.67  ? 88  GLY A C   1 
ATOM   674  O O   . GLY B 2 68  ? -19.332 -10.628 2.314   1.00 30.61  ? 88  GLY A O   1 
ATOM   675  N N   . SER B 2 69  ? -19.286 -9.312  4.100   1.00 22.66  ? 89  SER A N   1 
ATOM   676  C CA  . SER B 2 69  ? -20.573 -8.658  3.871   1.00 28.89  ? 89  SER A CA  1 
ATOM   677  C C   . SER B 2 69  ? -20.536 -7.308  3.129   1.00 70.47  ? 89  SER A C   1 
ATOM   678  O O   . SER B 2 69  ? -21.470 -6.500  3.192   1.00 60.80  ? 89  SER A O   1 
ATOM   679  C CB  . SER B 2 69  ? -21.208 -8.497  5.245   1.00 29.78  ? 89  SER A CB  1 
ATOM   680  O OG  . SER B 2 69  ? -20.216 -8.218  6.249   1.00 86.14  ? 89  SER A OG  1 
ATOM   681  N N   . SER B 2 70  ? -19.448 -6.996  2.444   1.00 40.07  ? 90  SER A N   1 
ATOM   682  C CA  . SER B 2 70  ? -19.338 -5.732  1.755   1.00 22.62  ? 90  SER A CA  1 
ATOM   683  C C   . SER B 2 70  ? -19.753 -5.965  0.311   1.00 21.55  ? 90  SER A C   1 
ATOM   684  O O   . SER B 2 70  ? -19.296 -6.910  -0.366  1.00 18.58  ? 90  SER A O   1 
ATOM   685  C CB  . SER B 2 70  ? -17.902 -5.307  1.864   1.00 16.40  ? 90  SER A CB  1 
ATOM   686  O OG  . SER B 2 70  ? -17.548 -4.165  1.120   1.00 21.27  ? 90  SER A OG  1 
ATOM   687  N N   . LYS B 2 71  ? -20.589 -5.048  -0.173  1.00 27.20  ? 91  LYS A N   1 
ATOM   688  C CA  . LYS B 2 71  ? -21.039 -5.083  -1.546  1.00 28.55  ? 91  LYS A CA  1 
ATOM   689  C C   . LYS B 2 71  ? -21.143 -3.657  -2.020  1.00 10.62  ? 91  LYS A C   1 
ATOM   690  O O   . LYS B 2 71  ? -21.681 -2.811  -1.311  1.00 20.87  ? 91  LYS A O   1 
ATOM   691  C CB  . LYS B 2 71  ? -22.412 -5.764  -1.679  1.00 22.64  ? 91  LYS A CB  1 
ATOM   692  C CG  . LYS B 2 71  ? -22.239 -7.172  -2.276  1.00 95.48  ? 91  LYS A CG  1 
ATOM   693  C CD  . LYS B 2 71  ? -22.763 -8.377  -1.450  1.00 94.83  ? 91  LYS A CD  1 
ATOM   694  C CE  . LYS B 2 71  ? -21.936 -8.830  -0.222  1.00 99.50  ? 91  LYS A CE  1 
ATOM   695  N NZ  . LYS B 2 71  ? -20.648 -9.412  -0.580  1.00 72.72  ? 91  LYS A NZ  1 
ATOM   696  N N   . TYR B 2 72  ? -20.582 -3.350  -3.182  1.00 18.60  ? 92  TYR A N   1 
ATOM   697  C CA  . TYR B 2 72  ? -20.690 -2.023  -3.787  1.00 24.04  ? 92  TYR A CA  1 
ATOM   698  C C   . TYR B 2 72  ? -22.176 -1.694  -4.001  1.00 21.09  ? 92  TYR A C   1 
ATOM   699  O O   . TYR B 2 72  ? -22.925 -2.521  -4.533  1.00 33.07  ? 92  TYR A O   1 
ATOM   700  C CB  . TYR B 2 72  ? -19.942 -1.977  -5.163  1.00 31.09  ? 92  TYR A CB  1 
ATOM   701  C CG  . TYR B 2 72  ? -19.894 -0.589  -5.794  1.00 15.23  ? 92  TYR A CG  1 
ATOM   702  C CD1 . TYR B 2 72  ? -18.871 0.278   -5.454  1.00 18.67  ? 92  TYR A CD1 1 
ATOM   703  C CD2 . TYR B 2 72  ? -20.900 -0.157  -6.640  1.00 26.75  ? 92  TYR A CD2 1 
ATOM   704  C CE1 . TYR B 2 72  ? -18.846 1.569   -5.936  1.00 19.21  ? 92  TYR A CE1 1 
ATOM   705  C CE2 . TYR B 2 72  ? -20.878 1.140   -7.140  1.00 23.12  ? 92  TYR A CE2 1 
ATOM   706  C CZ  . TYR B 2 72  ? -19.851 1.983   -6.780  1.00 59.29  ? 92  TYR A CZ  1 
ATOM   707  O OH  . TYR B 2 72  ? -19.836 3.261   -7.285  1.00 42.98  ? 92  TYR A OH  1 
ATOM   708  N N   . PRO B 2 73  ? -22.631 -0.487  -3.672  1.00 21.32  ? 93  PRO A N   1 
ATOM   709  C CA  . PRO B 2 73  ? -21.769 0.618   -3.254  1.00 20.27  ? 93  PRO A CA  1 
ATOM   710  C C   . PRO B 2 73  ? -21.373 0.760   -1.785  1.00 26.97  ? 93  PRO A C   1 
ATOM   711  O O   . PRO B 2 73  ? -20.558 1.619   -1.409  1.00 27.26  ? 93  PRO A O   1 
ATOM   712  C CB  . PRO B 2 73  ? -22.523 1.798   -3.819  1.00 23.82  ? 93  PRO A CB  1 
ATOM   713  C CG  . PRO B 2 73  ? -23.947 1.418   -3.518  1.00 20.35  ? 93  PRO A CG  1 
ATOM   714  C CD  . PRO B 2 73  ? -23.991 -0.029  -3.943  1.00 16.84  ? 93  PRO A CD  1 
ATOM   715  N N   . ASN B 2 74  ? -21.891 -0.069  -0.886  1.00 16.30  ? 94  ASN A N   1 
ATOM   716  C CA  . ASN B 2 74  ? -21.576 0.110   0.524   1.00 27.71  ? 94  ASN A CA  1 
ATOM   717  C C   . ASN B 2 74  ? -20.371 -0.727  0.903   1.00 27.20  ? 94  ASN A C   1 
ATOM   718  O O   . ASN B 2 74  ? -20.507 -1.752  1.562   1.00 27.90  ? 94  ASN A O   1 
ATOM   719  C CB  . ASN B 2 74  ? -22.770 -0.284  1.395   1.00 67.25  ? 94  ASN A CB  1 
ATOM   720  C CG  . ASN B 2 74  ? -23.846 0.782   1.435   1.00 86.39  ? 94  ASN A CG  1 
ATOM   721  O OD1 . ASN B 2 74  ? -24.754 0.788   0.601   1.00 87.00  ? 94  ASN A OD1 1 
ATOM   722  N ND2 . ASN B 2 74  ? -23.821 1.715   2.390   1.00 89.65  ? 94  ASN A ND2 1 
ATOM   723  N N   . CYS B 2 75  ? -19.164 -0.360  0.475   1.00 21.15  ? 95  CYS A N   1 
ATOM   724  C CA  . CYS B 2 75  ? -17.978 -1.138  0.813   1.00 16.45  ? 95  CYS A CA  1 
ATOM   725  C C   . CYS B 2 75  ? -17.721 -1.078  2.332   1.00 17.99  ? 95  CYS A C   1 
ATOM   726  O O   . CYS B 2 75  ? -17.928 -0.045  2.977   1.00 20.97  ? 95  CYS A O   1 
ATOM   727  C CB  . CYS B 2 75  ? -16.762 -0.589  0.064   1.00 18.28  ? 95  CYS A CB  1 
ATOM   728  S SG  . CYS B 2 75  ? -17.027 -0.280  -1.683  1.00 17.71  ? 95  CYS A SG  1 
ATOM   729  N N   . ALA B 2 76  ? -17.313 -2.152  2.982   1.00 17.52  ? 96  ALA A N   1 
ATOM   730  C CA  . ALA B 2 76  ? -17.043 -2.187  4.408   1.00 20.84  ? 96  ALA A CA  1 
ATOM   731  C C   . ALA B 2 76  ? -15.675 -2.853  4.591   1.00 20.90  ? 96  ALA A C   1 
ATOM   732  O O   . ALA B 2 76  ? -15.355 -3.814  3.882   1.00 14.02  ? 96  ALA A O   1 
ATOM   733  C CB  . ALA B 2 76  ? -18.073 -3.029  5.133   1.00 20.02  ? 96  ALA A CB  1 
ATOM   734  N N   . TYR B 2 77  ? -14.891 -2.377  5.553   1.00 15.05  ? 97  TYR A N   1 
ATOM   735  C CA  . TYR B 2 77  ? -13.528 -2.801  5.730   1.00 12.09  ? 97  TYR A CA  1 
ATOM   736  C C   . TYR B 2 77  ? -13.229 -3.094  7.167   1.00 14.95  ? 97  TYR A C   1 
ATOM   737  O O   . TYR B 2 77  ? -13.747 -2.404  8.046   1.00 15.74  ? 97  TYR A O   1 
ATOM   738  C CB  . TYR B 2 77  ? -12.504 -1.719  5.288   1.00 11.36  ? 97  TYR A CB  1 
ATOM   739  C CG  . TYR B 2 77  ? -12.478 -1.571  3.783   1.00 9.55   ? 97  TYR A CG  1 
ATOM   740  C CD1 . TYR B 2 77  ? -13.371 -0.713  3.164   1.00 15.78  ? 97  TYR A CD1 1 
ATOM   741  C CD2 . TYR B 2 77  ? -11.663 -2.380  3.022   1.00 11.48  ? 97  TYR A CD2 1 
ATOM   742  C CE1 . TYR B 2 77  ? -13.480 -0.672  1.787   1.00 13.06  ? 97  TYR A CE1 1 
ATOM   743  C CE2 . TYR B 2 77  ? -11.764 -2.344  1.637   1.00 20.25  ? 97  TYR A CE2 1 
ATOM   744  C CZ  . TYR B 2 77  ? -12.679 -1.491  1.044   1.00 15.28  ? 97  TYR A CZ  1 
ATOM   745  O OH  . TYR B 2 77  ? -12.872 -1.492  -0.314  1.00 13.52  ? 97  TYR A OH  1 
ATOM   746  N N   . LYS B 2 78  ? -12.379 -4.087  7.359   1.00 11.89  ? 98  LYS A N   1 
ATOM   747  C CA  . LYS B 2 78  ? -11.814 -4.389  8.650   1.00 21.79  ? 98  LYS A CA  1 
ATOM   748  C C   . LYS B 2 78  ? -10.460 -3.690  8.665   1.00 15.27  ? 98  LYS A C   1 
ATOM   749  O O   . LYS B 2 78  ? -9.694  -3.827  7.691   1.00 15.85  ? 98  LYS A O   1 
ATOM   750  C CB  . LYS B 2 78  ? -11.687 -5.903  8.765   1.00 15.23  ? 98  LYS A CB  1 
ATOM   751  C CG  . LYS B 2 78  ? -10.908 -6.397  9.987   1.00 19.90  ? 98  LYS A CG  1 
ATOM   752  C CD  . LYS B 2 78  ? -11.427 -5.922  11.325  1.00 77.74  ? 98  LYS A CD  1 
ATOM   753  C CE  . LYS B 2 78  ? -10.398 -6.288  12.380  1.00 81.98  ? 98  LYS A CE  1 
ATOM   754  N NZ  . LYS B 2 78  ? -10.679 -5.556  13.601  1.00 99.28  ? 98  LYS A NZ  1 
ATOM   755  N N   . THR B 2 79  ? -10.208 -2.968  9.763   1.00 13.21  ? 99  THR A N   1 
ATOM   756  C CA  . THR B 2 79  ? -8.984  -2.191  9.954   1.00 11.59  ? 99  THR A CA  1 
ATOM   757  C C   . THR B 2 79  ? -8.000  -2.932  10.844  1.00 13.25  ? 99  THR A C   1 
ATOM   758  O O   . THR B 2 79  ? -8.394  -3.283  11.951  1.00 16.57  ? 99  THR A O   1 
ATOM   759  C CB  . THR B 2 79  ? -9.365  -0.823  10.577  1.00 11.18  ? 99  THR A CB  1 
ATOM   760  O OG1 . THR B 2 79  ? -10.245 -0.142  9.674   1.00 14.17  ? 99  THR A OG1 1 
ATOM   761  C CG2 . THR B 2 79  ? -8.125  0.041   10.839  1.00 12.79  ? 99  THR A CG2 1 
ATOM   762  N N   . THR B 2 80  ? -6.764  -3.263  10.473  1.00 9.67   ? 100 THR A N   1 
ATOM   763  C CA  . THR B 2 80  ? -5.811  -3.922  11.363  1.00 13.13  ? 100 THR A CA  1 
ATOM   764  C C   . THR B 2 80  ? -4.533  -3.087  11.343  1.00 19.47  ? 100 THR A C   1 
ATOM   765  O O   . THR B 2 80  ? -4.051  -2.718  10.277  1.00 15.41  ? 100 THR A O   1 
ATOM   766  C CB  . THR B 2 80  ? -5.468  -5.354  10.874  1.00 11.82  ? 100 THR A CB  1 
ATOM   767  O OG1 . THR B 2 80  ? -6.680  -6.070  10.647  1.00 30.46  ? 100 THR A OG1 1 
ATOM   768  C CG2 . THR B 2 80  ? -4.641  -6.062  11.927  1.00 23.77  ? 100 THR A CG2 1 
ATOM   769  N N   . GLN B 2 81  ? -4.003  -2.694  12.480  1.00 16.33  ? 101 GLN A N   1 
ATOM   770  C CA  . GLN B 2 81  ? -2.807  -1.887  12.544  1.00 15.77  ? 101 GLN A CA  1 
ATOM   771  C C   . GLN B 2 81  ? -1.705  -2.852  12.949  1.00 25.46  ? 101 GLN A C   1 
ATOM   772  O O   . GLN B 2 81  ? -1.895  -3.702  13.818  1.00 27.70  ? 101 GLN A O   1 
ATOM   773  C CB  . GLN B 2 81  ? -3.095  -0.786  13.560  1.00 24.00  ? 101 GLN A CB  1 
ATOM   774  C CG  . GLN B 2 81  ? -1.923  0.109   13.983  1.00 43.15  ? 101 GLN A CG  1 
ATOM   775  C CD  . GLN B 2 81  ? -1.348  1.011   12.891  1.00 91.98  ? 101 GLN A CD  1 
ATOM   776  O OE1 . GLN B 2 81  ? -0.127  1.190   12.756  1.00 31.70  ? 101 GLN A OE1 1 
ATOM   777  N NE2 . GLN B 2 81  ? -2.216  1.677   12.128  1.00 40.41  ? 101 GLN A NE2 1 
ATOM   778  N N   . ALA B 2 82  ? -0.540  -2.700  12.343  1.00 21.70  ? 102 ALA A N   1 
ATOM   779  C CA  . ALA B 2 82  ? 0.606   -3.585  12.512  1.00 17.14  ? 102 ALA A CA  1 
ATOM   780  C C   . ALA B 2 82  ? 1.899   -2.807  12.250  1.00 25.21  ? 102 ALA A C   1 
ATOM   781  O O   . ALA B 2 82  ? 1.874   -1.688  11.744  1.00 17.63  ? 102 ALA A O   1 
ATOM   782  C CB  . ALA B 2 82  ? 0.563   -4.745  11.510  1.00 20.13  ? 102 ALA A CB  1 
ATOM   783  N N   . ASN B 2 83  ? 3.038   -3.342  12.676  1.00 34.69  ? 103 ASN A N   1 
ATOM   784  C CA  . ASN B 2 83  ? 4.358   -2.788  12.401  1.00 29.84  ? 103 ASN A CA  1 
ATOM   785  C C   . ASN B 2 83  ? 5.042   -3.943  11.708  1.00 27.67  ? 103 ASN A C   1 
ATOM   786  O O   . ASN B 2 83  ? 5.207   -5.003  12.290  1.00 42.26  ? 103 ASN A O   1 
ATOM   787  C CB  . ASN B 2 83  ? 5.099   -2.418  13.677  1.00 22.15  ? 103 ASN A CB  1 
ATOM   788  C CG  . ASN B 2 83  ? 4.840   -0.963  14.005  1.00 52.11  ? 103 ASN A CG  1 
ATOM   789  O OD1 . ASN B 2 83  ? 5.633   -0.088  13.648  1.00 83.48  ? 103 ASN A OD1 1 
ATOM   790  N ND2 . ASN B 2 83  ? 3.729   -0.631  14.645  1.00 69.45  ? 103 ASN A ND2 1 
ATOM   791  N N   . LYS B 2 84  ? 5.332   -3.825  10.423  1.00 12.82  ? 104 LYS A N   1 
ATOM   792  C CA  . LYS B 2 84  ? 5.869   -4.878  9.598   1.00 12.31  ? 104 LYS A CA  1 
ATOM   793  C C   . LYS B 2 84  ? 6.982   -4.360  8.648   1.00 18.50  ? 104 LYS A C   1 
ATOM   794  O O   . LYS B 2 84  ? 7.078   -3.155  8.378   1.00 23.66  ? 104 LYS A O   1 
ATOM   795  C CB  . LYS B 2 84  ? 4.743   -5.473  8.742   1.00 23.18  ? 104 LYS A CB  1 
ATOM   796  C CG  . LYS B 2 84  ? 3.638   -6.192  9.480   1.00 93.07  ? 104 LYS A CG  1 
ATOM   797  C CD  . LYS B 2 84  ? 2.954   -6.995  8.415   1.00 85.15  ? 104 LYS A CD  1 
ATOM   798  C CE  . LYS B 2 84  ? 1.467   -6.813  8.445   1.00 80.28  ? 104 LYS A CE  1 
ATOM   799  N NZ  . LYS B 2 84  ? 0.924   -7.227  7.167   1.00 69.12  ? 104 LYS A NZ  1 
ATOM   800  N N   . HIS B 2 85  ? 7.839   -5.239  8.137   1.00 17.50  ? 105 HIS A N   1 
ATOM   801  C CA  . HIS B 2 85  ? 8.827   -4.908  7.122   1.00 16.23  ? 105 HIS A CA  1 
ATOM   802  C C   . HIS B 2 85  ? 8.012   -4.842  5.845   1.00 26.77  ? 105 HIS A C   1 
ATOM   803  O O   . HIS B 2 85  ? 7.135   -5.685  5.657   1.00 21.87  ? 105 HIS A O   1 
ATOM   804  C CB  . HIS B 2 85  ? 9.879   -5.999  6.940   1.00 9.90   ? 105 HIS A CB  1 
ATOM   805  C CG  . HIS B 2 85  ? 10.845  -6.122  8.100   1.00 22.89  ? 105 HIS A CG  1 
ATOM   806  N ND1 . HIS B 2 85  ? 12.042  -5.554  8.260   1.00 24.04  ? 105 HIS A ND1 1 
ATOM   807  C CD2 . HIS B 2 85  ? 10.554  -6.811  9.247   1.00 19.84  ? 105 HIS A CD2 1 
ATOM   808  C CE1 . HIS B 2 85  ? 12.463  -5.866  9.461   1.00 17.75  ? 105 HIS A CE1 1 
ATOM   809  N NE2 . HIS B 2 85  ? 11.568  -6.619  10.041  1.00 22.55  ? 105 HIS A NE2 1 
ATOM   810  N N   . ILE B 2 86  ? 8.223   -3.900  4.934   1.00 12.41  ? 106 ILE A N   1 
ATOM   811  C CA  . ILE B 2 86  ? 7.427   -3.827  3.725   1.00 10.83  ? 106 ILE A CA  1 
ATOM   812  C C   . ILE B 2 86  ? 8.288   -4.321  2.573   1.00 13.56  ? 106 ILE A C   1 
ATOM   813  O O   . ILE B 2 86  ? 9.522   -4.241  2.684   1.00 17.72  ? 106 ILE A O   1 
ATOM   814  C CB  . ILE B 2 86  ? 6.937   -2.362  3.456   1.00 17.84  ? 106 ILE A CB  1 
ATOM   815  C CG1 . ILE B 2 86  ? 8.107   -1.396  3.301   1.00 15.97  ? 106 ILE A CG1 1 
ATOM   816  C CG2 . ILE B 2 86  ? 6.001   -1.954  4.612   1.00 17.80  ? 106 ILE A CG2 1 
ATOM   817  C CD1 . ILE B 2 86  ? 7.753   -0.060  2.584   1.00 12.34  ? 106 ILE A CD1 1 
ATOM   818  N N   . ILE B 2 87  ? 7.720   -4.896  1.514   1.00 6.98   ? 107 ILE A N   1 
ATOM   819  C CA  . ILE B 2 87  ? 8.496   -5.377  0.408   1.00 11.30  ? 107 ILE A CA  1 
ATOM   820  C C   . ILE B 2 87  ? 7.867   -4.584  -0.721  1.00 22.79  ? 107 ILE A C   1 
ATOM   821  O O   . ILE B 2 87  ? 6.641   -4.670  -0.899  1.00 15.39  ? 107 ILE A O   1 
ATOM   822  C CB  . ILE B 2 87  ? 8.321   -6.915  0.173   1.00 15.12  ? 107 ILE A CB  1 
ATOM   823  C CG1 . ILE B 2 87  ? 8.994   -7.785  1.225   1.00 14.87  ? 107 ILE A CG1 1 
ATOM   824  C CG2 . ILE B 2 87  ? 9.025   -7.266  -1.126  1.00 20.52  ? 107 ILE A CG2 1 
ATOM   825  C CD1 . ILE B 2 87  ? 8.354   -7.819  2.585   1.00 29.46  ? 107 ILE A CD1 1 
ATOM   826  N N   . VAL B 2 88  ? 8.653   -3.800  -1.468  1.00 11.64  ? 108 VAL A N   1 
ATOM   827  C CA  . VAL B 2 88  ? 8.152   -3.028  -2.607  1.00 14.30  ? 108 VAL A CA  1 
ATOM   828  C C   . VAL B 2 88  ? 8.915   -3.385  -3.897  1.00 19.60  ? 108 VAL A C   1 
ATOM   829  O O   . VAL B 2 88  ? 10.065  -3.831  -3.795  1.00 18.45  ? 108 VAL A O   1 
ATOM   830  C CB  . VAL B 2 88  ? 8.267   -1.481  -2.335  1.00 13.68  ? 108 VAL A CB  1 
ATOM   831  C CG1 . VAL B 2 88  ? 7.332   -1.109  -1.180  1.00 12.76  ? 108 VAL A CG1 1 
ATOM   832  C CG2 . VAL B 2 88  ? 9.732   -1.078  -2.068  1.00 12.25  ? 108 VAL A CG2 1 
ATOM   833  N N   . ALA B 2 89  ? 8.255   -3.315  -5.079  1.00 13.11  ? 109 ALA A N   1 
ATOM   834  C CA  . ALA B 2 89  ? 8.854   -3.524  -6.391  1.00 14.72  ? 109 ALA A CA  1 
ATOM   835  C C   . ALA B 2 89  ? 9.212   -2.112  -6.854  1.00 14.12  ? 109 ALA A C   1 
ATOM   836  O O   . ALA B 2 89  ? 8.372   -1.208  -6.737  1.00 15.70  ? 109 ALA A O   1 
ATOM   837  C CB  . ALA B 2 89  ? 7.876   -4.084  -7.409  1.00 14.74  ? 109 ALA A CB  1 
ATOM   838  N N   . CYS B 2 90  ? 10.402  -1.880  -7.396  1.00 16.86  ? 110 CYS A N   1 
ATOM   839  C CA  . CYS B 2 90  ? 10.864  -0.548  -7.766  1.00 17.68  ? 110 CYS A CA  1 
ATOM   840  C C   . CYS B 2 90  ? 11.181  -0.450  -9.250  1.00 19.62  ? 110 CYS A C   1 
ATOM   841  O O   . CYS B 2 90  ? 11.650  -1.411  -9.872  1.00 26.75  ? 110 CYS A O   1 
ATOM   842  C CB  . CYS B 2 90  ? 12.116  -0.203  -6.986  1.00 14.40  ? 110 CYS A CB  1 
ATOM   843  S SG  . CYS B 2 90  ? 11.840  -0.225  -5.209  1.00 14.24  ? 110 CYS A SG  1 
ATOM   844  N N   . GLU B 2 91  ? 10.958  0.709   -9.850  1.00 19.06  ? 111 GLU A N   1 
ATOM   845  C CA  . GLU B 2 91  ? 11.193  0.917   -11.275 1.00 22.39  ? 111 GLU A CA  1 
ATOM   846  C C   . GLU B 2 91  ? 11.446  2.385   -11.508 1.00 23.42  ? 111 GLU A C   1 
ATOM   847  O O   . GLU B 2 91  ? 11.098  3.240   -10.686 1.00 29.47  ? 111 GLU A O   1 
ATOM   848  C CB  . GLU B 2 91  ? 10.008  0.602   -12.170 1.00 23.28  ? 111 GLU A CB  1 
ATOM   849  C CG  . GLU B 2 91  ? 9.786   -0.862  -12.486 1.00 91.26  ? 111 GLU A CG  1 
ATOM   850  C CD  . GLU B 2 91  ? 8.622   -1.087  -13.435 1.00 61.10  ? 111 GLU A CD  1 
ATOM   851  O OE1 . GLU B 2 91  ? 7.487   -1.175  -12.960 1.00 88.82  ? 111 GLU A OE1 1 
ATOM   852  O OE2 . GLU B 2 91  ? 8.859   -1.176  -14.646 1.00 106.92 ? 111 GLU A OE2 1 
ATOM   853  N N   . GLY B 2 92  ? 12.017  2.631   -12.682 1.00 28.05  ? 112 GLY A N   1 
ATOM   854  C CA  . GLY B 2 92  ? 12.260  3.975   -13.168 1.00 38.23  ? 112 GLY A CA  1 
ATOM   855  C C   . GLY B 2 92  ? 13.582  4.564   -12.702 1.00 33.68  ? 112 GLY A C   1 
ATOM   856  O O   . GLY B 2 92  ? 14.477  3.898   -12.163 1.00 24.16  ? 112 GLY A O   1 
ATOM   857  N N   . ASN B 2 93  ? 13.681  5.841   -13.058 1.00 29.64  ? 113 ASN A N   1 
ATOM   858  C CA  . ASN B 2 93  ? 14.771  6.681   -12.643 1.00 55.52  ? 113 ASN A CA  1 
ATOM   859  C C   . ASN B 2 93  ? 14.024  7.972   -12.361 1.00 28.46  ? 113 ASN A C   1 
ATOM   860  O O   . ASN B 2 93  ? 13.419  8.499   -13.295 1.00 64.23  ? 113 ASN A O   1 
ATOM   861  C CB  . ASN B 2 93  ? 15.785  6.917   -13.732 1.00 46.96  ? 113 ASN A CB  1 
ATOM   862  C CG  . ASN B 2 93  ? 17.110  7.190   -13.034 1.00 89.02  ? 113 ASN A CG  1 
ATOM   863  O OD1 . ASN B 2 93  ? 17.322  8.221   -12.394 1.00 72.60  ? 113 ASN A OD1 1 
ATOM   864  N ND2 . ASN B 2 93  ? 18.035  6.238   -13.068 1.00 89.04  ? 113 ASN A ND2 1 
ATOM   865  N N   . PRO B 2 94  ? 13.894  8.475   -11.123 1.00 45.34  ? 114 PRO A N   1 
ATOM   866  C CA  . PRO B 2 94  ? 14.394  7.830   -9.904  1.00 47.99  ? 114 PRO A CA  1 
ATOM   867  C C   . PRO B 2 94  ? 13.738  6.449   -9.696  1.00 20.55  ? 114 PRO A C   1 
ATOM   868  O O   . PRO B 2 94  ? 12.627  6.192   -10.182 1.00 23.70  ? 114 PRO A O   1 
ATOM   869  C CB  . PRO B 2 94  ? 14.090  8.870   -8.832  1.00 37.65  ? 114 PRO A CB  1 
ATOM   870  C CG  . PRO B 2 94  ? 12.797  9.517   -9.315  1.00 37.68  ? 114 PRO A CG  1 
ATOM   871  C CD  . PRO B 2 94  ? 13.074  9.648   -10.809 1.00 74.16  ? 114 PRO A CD  1 
ATOM   872  N N   . TYR B 2 95  ? 14.541  5.511   -9.193  1.00 28.85  ? 115 TYR A N   1 
ATOM   873  C CA  . TYR B 2 95  ? 14.125  4.142   -8.916  1.00 40.03  ? 115 TYR A CA  1 
ATOM   874  C C   . TYR B 2 95  ? 13.187  4.269   -7.725  1.00 20.47  ? 115 TYR A C   1 
ATOM   875  O O   . TYR B 2 95  ? 13.624  4.565   -6.616  1.00 15.93  ? 115 TYR A O   1 
ATOM   876  C CB  . TYR B 2 95  ? 15.370  3.347   -8.586  1.00 26.14  ? 115 TYR A CB  1 
ATOM   877  C CG  . TYR B 2 95  ? 15.263  1.838   -8.721  1.00 22.02  ? 115 TYR A CG  1 
ATOM   878  C CD1 . TYR B 2 95  ? 14.828  1.259   -9.893  1.00 27.57  ? 115 TYR A CD1 1 
ATOM   879  C CD2 . TYR B 2 95  ? 15.667  1.040   -7.672  1.00 17.36  ? 115 TYR A CD2 1 
ATOM   880  C CE1 . TYR B 2 95  ? 14.792  -0.121  -10.023 1.00 26.90  ? 115 TYR A CE1 1 
ATOM   881  C CE2 . TYR B 2 95  ? 15.635  -0.327  -7.801  1.00 16.67  ? 115 TYR A CE2 1 
ATOM   882  C CZ  . TYR B 2 95  ? 15.201  -0.910  -8.973  1.00 20.33  ? 115 TYR A CZ  1 
ATOM   883  O OH  . TYR B 2 95  ? 15.188  -2.291  -9.092  1.00 24.87  ? 115 TYR A OH  1 
ATOM   884  N N   . VAL B 2 96  ? 11.890  4.105   -7.922  1.00 21.18  ? 116 VAL A N   1 
ATOM   885  C CA  . VAL B 2 96  ? 10.947  4.406   -6.859  1.00 14.26  ? 116 VAL A CA  1 
ATOM   886  C C   . VAL B 2 96  ? 9.951   3.268   -6.745  1.00 13.67  ? 116 VAL A C   1 
ATOM   887  O O   . VAL B 2 96  ? 9.798   2.541   -7.738  1.00 11.29  ? 116 VAL A O   1 
ATOM   888  C CB  . VAL B 2 96  ? 10.156  5.737   -7.128  1.00 14.66  ? 116 VAL A CB  1 
ATOM   889  C CG1 . VAL B 2 96  ? 11.095  6.917   -6.954  1.00 27.29  ? 116 VAL A CG1 1 
ATOM   890  C CG2 . VAL B 2 96  ? 9.479   5.681   -8.496  1.00 13.04  ? 116 VAL A CG2 1 
ATOM   891  N N   . PRO B 2 97  ? 9.269   3.090   -5.584  1.00 17.12  ? 117 PRO A N   1 
ATOM   892  C CA  . PRO B 2 97  ? 8.280   2.049   -5.381  1.00 17.06  ? 117 PRO A CA  1 
ATOM   893  C C   . PRO B 2 97  ? 7.116   2.240   -6.372  1.00 21.23  ? 117 PRO A C   1 
ATOM   894  O O   . PRO B 2 97  ? 6.572   3.343   -6.544  1.00 14.63  ? 117 PRO A O   1 
ATOM   895  C CB  . PRO B 2 97  ? 7.852   2.207   -3.929  1.00 12.46  ? 117 PRO A CB  1 
ATOM   896  C CG  . PRO B 2 97  ? 8.888   3.062   -3.284  1.00 17.95  ? 117 PRO A CG  1 
ATOM   897  C CD  . PRO B 2 97  ? 9.254   3.973   -4.425  1.00 9.21   ? 117 PRO A CD  1 
ATOM   898  N N   . VAL B 2 98  ? 6.717   1.176   -7.054  1.00 14.41  ? 118 VAL A N   1 
ATOM   899  C CA  . VAL B 2 98  ? 5.540   1.240   -7.918  1.00 16.52  ? 118 VAL A CA  1 
ATOM   900  C C   . VAL B 2 98  ? 4.524   0.186   -7.490  1.00 15.83  ? 118 VAL A C   1 
ATOM   901  O O   . VAL B 2 98  ? 3.380   0.307   -7.901  1.00 16.35  ? 118 VAL A O   1 
ATOM   902  C CB  . VAL B 2 98  ? 5.873   1.010   -9.423  1.00 13.92  ? 118 VAL A CB  1 
ATOM   903  C CG1 . VAL B 2 98  ? 6.685   2.203   -9.916  1.00 13.34  ? 118 VAL A CG1 1 
ATOM   904  C CG2 . VAL B 2 98  ? 6.596   -0.317  -9.631  1.00 18.24  ? 118 VAL A CG2 1 
ATOM   905  N N   . HIS B 2 99  ? 4.842   -0.861  -6.716  1.00 15.93  ? 119 HIS A N   1 
ATOM   906  C CA  . HIS B 2 99  ? 3.847   -1.838  -6.244  1.00 17.00  ? 119 HIS A CA  1 
ATOM   907  C C   . HIS B 2 99  ? 4.260   -2.334  -4.902  1.00 32.02  ? 119 HIS A C   1 
ATOM   908  O O   . HIS B 2 99  ? 5.462   -2.294  -4.616  1.00 17.94  ? 119 HIS A O   1 
ATOM   909  C CB  . HIS B 2 99  ? 3.718   -3.104  -7.113  1.00 14.23  ? 119 HIS A CB  1 
ATOM   910  C CG  . HIS B 2 99  ? 3.004   -2.726  -8.381  1.00 50.14  ? 119 HIS A CG  1 
ATOM   911  N ND1 . HIS B 2 99  ? 1.770   -2.255  -8.447  1.00 48.04  ? 119 HIS A ND1 1 
ATOM   912  C CD2 . HIS B 2 99  ? 3.548   -2.721  -9.640  1.00 39.22  ? 119 HIS A CD2 1 
ATOM   913  C CE1 . HIS B 2 99  ? 1.526   -1.949  -9.698  1.00 35.34  ? 119 HIS A CE1 1 
ATOM   914  N NE2 . HIS B 2 99  ? 2.603   -2.233  -10.407 1.00 76.13  ? 119 HIS A NE2 1 
ATOM   915  N N   . PHE B 2 100 ? 3.306   -2.736  -4.089  1.00 17.31  ? 120 PHE A N   1 
ATOM   916  C CA  . PHE B 2 100 ? 3.588   -3.443  -2.853  1.00 17.90  ? 120 PHE A CA  1 
ATOM   917  C C   . PHE B 2 100 ? 3.785   -4.893  -3.250  1.00 29.27  ? 120 PHE A C   1 
ATOM   918  O O   . PHE B 2 100 ? 3.204   -5.334  -4.242  1.00 40.76  ? 120 PHE A O   1 
ATOM   919  C CB  A PHE B 2 100 ? 2.439   -3.425  -1.932  0.57 29.22  ? 120 PHE A CB  1 
ATOM   920  C CB  B PHE B 2 100 ? 2.385   -3.273  -1.965  0.43 31.52  ? 120 PHE A CB  1 
ATOM   921  C CG  A PHE B 2 100 ? 2.721   -2.530  -0.781  0.57 22.80  ? 120 PHE A CG  1 
ATOM   922  C CG  B PHE B 2 100 ? 2.618   -2.872  -0.528  0.43 26.89  ? 120 PHE A CG  1 
ATOM   923  C CD1 A PHE B 2 100 ? 3.849   -2.739  -0.018  0.57 19.31  ? 120 PHE A CD1 1 
ATOM   924  C CD1 B PHE B 2 100 ? 3.094   -1.613  -0.243  0.43 33.33  ? 120 PHE A CD1 1 
ATOM   925  C CD2 A PHE B 2 100 ? 1.831   -1.526  -0.504  0.57 17.53  ? 120 PHE A CD2 1 
ATOM   926  C CD2 B PHE B 2 100 ? 2.318   -3.765  0.487   0.43 28.39  ? 120 PHE A CD2 1 
ATOM   927  C CE1 A PHE B 2 100 ? 4.078   -1.901  1.046   0.57 32.91  ? 120 PHE A CE1 1 
ATOM   928  C CE1 B PHE B 2 100 ? 3.271   -1.241  1.070   0.43 21.15  ? 120 PHE A CE1 1 
ATOM   929  C CE2 A PHE B 2 100 ? 2.075   -0.699  0.563   0.57 34.37  ? 120 PHE A CE2 1 
ATOM   930  C CE2 B PHE B 2 100 ? 2.498   -3.385  1.798   0.43 11.67  ? 120 PHE A CE2 1 
ATOM   931  C CZ  A PHE B 2 100 ? 3.192   -0.891  1.334   0.57 28.22  ? 120 PHE A CZ  1 
ATOM   932  C CZ  B PHE B 2 100 ? 2.975   -2.123  2.091   0.43 28.41  ? 120 PHE A CZ  1 
ATOM   933  N N   . ASP B 2 101 ? 4.653   -5.668  -2.616  1.00 27.59  ? 121 ASP A N   1 
ATOM   934  C CA  . ASP B 2 101 ? 4.694   -7.099  -2.907  1.00 25.51  ? 121 ASP A CA  1 
ATOM   935  C C   . ASP B 2 101 ? 4.242   -7.754  -1.618  1.00 56.99  ? 121 ASP A C   1 
ATOM   936  O O   . ASP B 2 101 ? 3.515   -8.725  -1.710  1.00 44.55  ? 121 ASP A O   1 
ATOM   937  C CB  . ASP B 2 101 ? 6.083   -7.643  -3.246  1.00 24.40  ? 121 ASP A CB  1 
ATOM   938  C CG  . ASP B 2 101 ? 6.090   -8.872  -4.167  1.00 38.59  ? 121 ASP A CG  1 
ATOM   939  O OD1 . ASP B 2 101 ? 5.533   -8.821  -5.270  1.00 30.72  ? 121 ASP A OD1 1 
ATOM   940  O OD2 . ASP B 2 101 ? 6.679   -9.887  -3.801  1.00 36.00  ? 121 ASP A OD2 1 
ATOM   941  N N   . ALA B 2 102 ? 4.564   -7.231  -0.419  1.00 63.74  ? 122 ALA A N   1 
ATOM   942  C CA  . ALA B 2 102 ? 4.168   -7.842  0.854   1.00 42.68  ? 122 ALA A CA  1 
ATOM   943  C C   . ALA B 2 102 ? 4.517   -6.979  2.068   1.00 82.64  ? 122 ALA A C   1 
ATOM   944  O O   . ALA B 2 102 ? 4.990   -5.844  1.904   1.00 28.11  ? 122 ALA A O   1 
ATOM   945  C CB  . ALA B 2 102 ? 4.876   -9.174  1.056   1.00 73.71  ? 122 ALA A CB  1 
ATOM   946  N N   . SER B 2 103 ? 4.270   -7.517  3.270   1.00 82.82  ? 123 SER A N   1 
ATOM   947  C CA  . SER B 2 103 ? 4.604   -6.953  4.574   1.00 74.28  ? 123 SER A CA  1 
ATOM   948  C C   . SER B 2 103 ? 4.964   -8.182  5.421   1.00 65.79  ? 123 SER A C   1 
ATOM   949  O O   . SER B 2 103 ? 4.200   -9.156  5.350   1.00 57.07  ? 123 SER A O   1 
ATOM   950  C CB  . SER B 2 103 ? 3.384   -6.223  5.102   1.00 38.22  ? 123 SER A CB  1 
ATOM   951  O OG  . SER B 2 103 ? 2.973   -5.240  4.155   1.00 90.70  ? 123 SER A OG  1 
ATOM   952  N N   . VAL B 2 104 ? 6.118   -8.193  6.129   1.00 77.52  ? 124 VAL A N   1 
ATOM   953  C CA  . VAL B 2 104 ? 6.661   -9.358  6.843   1.00 82.26  ? 124 VAL A CA  1 
ATOM   954  C C   . VAL B 2 104 ? 7.265   -9.132  8.257   1.00 43.88  ? 124 VAL A C   1 
ATOM   955  O O   . VAL B 2 104 ? 7.785   -10.075 8.852   1.00 90.20  ? 124 VAL A O   1 
ATOM   956  C CB  . VAL B 2 104 ? 7.750   -10.087 5.934   1.00 53.67  ? 124 VAL A CB  1 
ATOM   957  C CG1 . VAL B 2 104 ? 7.149   -10.418 4.575   1.00 84.18  ? 124 VAL A CG1 1 
ATOM   958  C CG2 . VAL B 2 104 ? 8.994   -9.248  5.759   1.00 71.50  ? 124 VAL A CG2 1 
ATOM   959  O OXT . VAL B 2 104 ? 7.234   -8.025  8.797   1.00 31.92  ? 124 VAL A OXT 1 
HETATM 960  S S   . SO4 C 3 .   ? 0.023   -2.034  -5.281  1.00 48.48  ? 125 SO4 A S   1 
HETATM 961  O O1  . SO4 C 3 .   ? -0.371  -2.184  -6.619  1.00 33.54  ? 125 SO4 A O1  1 
HETATM 962  O O2  . SO4 C 3 .   ? -1.120  -1.714  -4.501  1.00 85.64  ? 125 SO4 A O2  1 
HETATM 963  O O3  . SO4 C 3 .   ? 1.007   -1.014  -5.135  1.00 78.12  ? 125 SO4 A O3  1 
HETATM 964  O O4  . SO4 C 3 .   ? 0.584   -3.261  -4.877  1.00 69.45  ? 125 SO4 A O4  1 
HETATM 965  O O   . HOH D 4 .   ? -2.590  11.185  -8.195  1.00 26.89  ? 202 HOH S O   1 
HETATM 966  O O   . HOH D 4 .   ? -0.059  1.541   -6.461  1.00 39.23  ? 216 HOH S O   1 
HETATM 967  O O   . HOH D 4 .   ? 6.563   11.973  -4.682  1.00 32.07  ? 219 HOH S O   1 
HETATM 968  O O   . HOH D 4 .   ? 8.030   10.733  -7.277  1.00 68.43  ? 224 HOH S O   1 
HETATM 969  O O   . HOH D 4 .   ? 6.138   5.890   -12.296 1.00 32.58  ? 225 HOH S O   1 
HETATM 970  O O   . HOH D 4 .   ? 0.921   11.318  -12.261 1.00 36.85  ? 230 HOH S O   1 
HETATM 971  O O   . HOH D 4 .   ? -6.629  10.303  9.298   1.00 73.15  ? 233 HOH S O   1 
HETATM 972  O O   . HOH D 4 .   ? 5.918   10.413  -10.947 1.00 49.83  ? 237 HOH S O   1 
HETATM 973  O O   . HOH D 4 .   ? 4.504   5.486   -15.173 1.00 41.08  ? 265 HOH S O   1 
HETATM 974  O O   . HOH D 4 .   ? -1.401  4.260   -13.434 1.00 61.28  ? 275 HOH S O   1 
HETATM 975  O O   . HOH D 4 .   ? 8.734   15.895  -6.283  1.00 58.07  ? 302 HOH S O   1 
HETATM 976  O O   . HOH D 4 .   ? -6.440  7.529   -11.416 1.00 50.68  ? 316 HOH S O   1 
HETATM 977  O O   . HOH D 4 .   ? 3.393   11.810  -11.392 1.00 51.34  ? 605 HOH S O   1 
HETATM 978  O O   . HOH E 4 .   ? 8.819   4.754   -11.674 1.00 30.56  ? 201 HOH A O   1 
HETATM 979  O O   . HOH E 4 .   ? 6.184   5.920   -5.422  1.00 18.24  ? 203 HOH A O   1 
HETATM 980  O O   . HOH E 4 .   ? 8.110   7.788   -5.616  1.00 78.71  ? 204 HOH A O   1 
HETATM 981  O O   . HOH E 4 .   ? -7.632  -5.915  8.223   1.00 17.85  ? 205 HOH A O   1 
HETATM 982  O O   . HOH E 4 .   ? -16.780 -3.783  -6.274  1.00 38.61  ? 207 HOH A O   1 
HETATM 983  O O   . HOH E 4 .   ? -11.144 11.032  -4.438  1.00 22.47  ? 208 HOH A O   1 
HETATM 984  O O   . HOH E 4 .   ? -9.874  13.270  0.155   1.00 40.84  ? 209 HOH A O   1 
HETATM 985  O O   . HOH E 4 .   ? 8.570   12.863  2.317   1.00 25.67  ? 210 HOH A O   1 
HETATM 986  O O   . HOH E 4 .   ? 13.746  0.389   6.793   1.00 18.80  ? 211 HOH A O   1 
HETATM 987  O O   . HOH E 4 .   ? -13.877 13.178  -2.021  1.00 41.48  ? 212 HOH A O   1 
HETATM 988  O O   . HOH E 4 .   ? 1.361   1.793   -9.048  1.00 20.29  ? 213 HOH A O   1 
HETATM 989  O O   . HOH E 4 .   ? 6.814   13.794  4.067   1.00 33.99  ? 214 HOH A O   1 
HETATM 990  O O   . HOH E 4 .   ? 8.717   8.188   8.817   1.00 27.49  ? 215 HOH A O   1 
HETATM 991  O O   . HOH E 4 .   ? 13.592  3.578   5.094   1.00 14.39  ? 217 HOH A O   1 
HETATM 992  O O   . HOH E 4 .   ? -2.128  -2.991  -0.609  1.00 30.06  ? 218 HOH A O   1 
HETATM 993  O O   . HOH E 4 .   ? -12.504 4.794   -6.888  1.00 35.38  ? 221 HOH A O   1 
HETATM 994  O O   . HOH E 4 .   ? 15.169  1.894   8.281   1.00 36.07  ? 222 HOH A O   1 
HETATM 995  O O   . HOH E 4 .   ? 11.614  12.362  6.013   1.00 41.04  ? 223 HOH A O   1 
HETATM 996  O O   . HOH E 4 .   ? 10.155  5.045   8.356   1.00 67.39  ? 226 HOH A O   1 
HETATM 997  O O   . HOH E 4 .   ? -12.434 -2.011  11.123  1.00 55.72  ? 227 HOH A O   1 
HETATM 998  O O   . HOH E 4 .   ? 10.252  7.496   -11.513 1.00 61.88  ? 228 HOH A O   1 
HETATM 999  O O   . HOH E 4 .   ? -18.770 -5.146  -4.664  1.00 26.75  ? 231 HOH A O   1 
HETATM 1000 O O   . HOH E 4 .   ? -17.279 -8.979  0.008   1.00 36.34  ? 235 HOH A O   1 
HETATM 1001 O O   . HOH E 4 .   ? -17.821 -6.949  -2.900  1.00 37.17  ? 236 HOH A O   1 
HETATM 1002 O O   . HOH E 4 .   ? -15.158 2.938   1.344   1.00 37.17  ? 249 HOH A O   1 
HETATM 1003 O O   . HOH E 4 .   ? -6.100  -0.976  -8.331  1.00 74.55  ? 250 HOH A O   1 
HETATM 1004 O O   . HOH E 4 .   ? 18.764  0.157   -5.567  1.00 34.07  ? 251 HOH A O   1 
HETATM 1005 O O   . HOH E 4 .   ? 10.760  2.742   9.894   1.00 39.75  ? 255 HOH A O   1 
HETATM 1006 O O   . HOH E 4 .   ? 0.284   -5.714  3.994   1.00 77.71  ? 256 HOH A O   1 
HETATM 1007 O O   . HOH E 4 .   ? -7.042  -5.483  -3.683  1.00 29.75  ? 257 HOH A O   1 
HETATM 1008 O O   . HOH E 4 .   ? -5.120  -3.977  14.825  1.00 33.62  ? 259 HOH A O   1 
HETATM 1009 O O   . HOH E 4 .   ? 8.486   9.283   -9.929  1.00 53.60  ? 263 HOH A O   1 
HETATM 1010 O O   . HOH E 4 .   ? 19.781  -10.314 -1.682  1.00 40.71  ? 264 HOH A O   1 
HETATM 1011 O O   . HOH E 4 .   ? -8.315  -9.776  13.846  1.00 54.86  ? 266 HOH A O   1 
HETATM 1012 O O   . HOH E 4 .   ? -19.468 -5.441  7.000   1.00 75.81  ? 267 HOH A O   1 
HETATM 1013 O O   . HOH E 4 .   ? -15.577 -9.558  -2.109  1.00 66.03  ? 269 HOH A O   1 
HETATM 1014 O O   . HOH E 4 .   ? -1.465  -7.453  13.645  1.00 43.86  ? 270 HOH A O   1 
HETATM 1015 O O   . HOH E 4 .   ? 9.811   12.149  -1.433  1.00 62.43  ? 272 HOH A O   1 
HETATM 1016 O O   . HOH E 4 .   ? -27.054 -11.053 -3.190  1.00 29.83  ? 276 HOH A O   1 
HETATM 1017 O O   . HOH E 4 .   ? 3.796   5.808   13.348  1.00 78.68  ? 301 HOH A O   1 
HETATM 1018 O O   . HOH E 4 .   ? -13.384 7.434   -9.544  1.00 30.16  ? 308 HOH A O   1 
HETATM 1019 O O   . HOH E 4 .   ? -14.548 -6.798  -4.056  1.00 37.31  ? 334 HOH A O   1 
HETATM 1020 O O   . HOH E 4 .   ? 5.618   -10.466 -7.647  1.00 67.68  ? 337 HOH A O   1 
HETATM 1021 O O   . HOH E 4 .   ? -26.115 -3.638  -4.296  1.00 70.69  ? 340 HOH A O   1 
HETATM 1022 O O   . HOH E 4 .   ? 12.646  -3.626  13.347  1.00 63.22  ? 404 HOH A O   1 
HETATM 1023 O O   . HOH E 4 .   ? 3.824   7.094   3.429   1.00 30.40  ? 504 HOH A O   1 
HETATM 1024 O O   . HOH E 4 .   ? 7.950   -7.466  -10.260 1.00 39.96  ? 506 HOH A O   1 
HETATM 1025 O O   . HOH E 4 .   ? 4.522   -12.156 0.423   1.00 52.54  ? 512 HOH A O   1 
HETATM 1026 O O   . HOH E 4 .   ? 7.289   3.648   12.720  1.00 51.48  ? 603 HOH A O   1 
# 
